data_4Q32
#
_entry.id   4Q32
#
_cell.length_a   77.611
_cell.length_b   77.611
_cell.length_c   222.726
_cell.angle_alpha   90.00
_cell.angle_beta   90.00
_cell.angle_gamma   90.00
#
_symmetry.space_group_name_H-M   'P 43'
#
loop_
_entity.id
_entity.type
_entity.pdbx_description
1 polymer "Inosine-5'-monophosphate dehydrogenase"
2 non-polymer 'INOSINIC ACID'
3 non-polymer N-(naphthalen-2-yl)-2-[2-(pyridin-2-yl)-1H-benzimidazol-1-yl]acetamide
4 water water
#
_entity_poly.entity_id   1
_entity_poly.type   'polypeptide(L)'
_entity_poly.pdbx_seq_one_letter_code
;SNAMARILKTAYTFDDVLLVPNKSEVLPNEVSLKTQLTKKIQLNIPLMSASMDTVTESKMAIAMAREGGIGIIHKNMTIE
DQAREVDRVKRSGGLLCGASIGVTNDMMERVDAVVKAKVDVIVLDTAHGHSKGVIEGVKRIKAKYPELQVIAGNIATPEA
VRDLAEAGADCVKVGIGPGSICTTRIVAGVGVPQLTAVMDCAEEGKKLGIPVIADGGLKYSGDIVKALAAGACAAMMGSI
FAGCEEAPGAIEIYQGRSYKVYRGMGSLGAMAKGSSDRYFQNGTKKFVPEGVEGRIAYKGHLADTIYQLIGGIKSGMGYL
GAPTLENLYENANFVVQTSAGFRESHPHDINITKEAPNYSVNQ
;
_entity_poly.pdbx_strand_id   A,B,C,D
#
loop_
_chem_comp.id
_chem_comp.type
_chem_comp.name
_chem_comp.formula
C91 non-polymer N-(naphthalen-2-yl)-2-[2-(pyridin-2-yl)-1H-benzimidazol-1-yl]acetamide 'C24 H18 N4 O'
IMP non-polymer 'INOSINIC ACID' 'C10 H13 N4 O8 P'
#
# COMPACT_ATOMS: atom_id res chain seq x y z
N LYS A 9 -7.31 17.61 -1.95
CA LYS A 9 -5.86 17.64 -2.07
C LYS A 9 -5.23 16.48 -1.29
N THR A 10 -4.26 15.82 -1.91
CA THR A 10 -3.49 14.78 -1.23
C THR A 10 -2.10 15.29 -0.85
N ALA A 11 -1.77 15.22 0.44
CA ALA A 11 -0.48 15.68 0.95
C ALA A 11 0.49 14.53 1.15
N TYR A 12 1.78 14.81 0.99
CA TYR A 12 2.81 13.79 1.02
C TYR A 12 3.75 13.89 2.22
N THR A 13 4.36 12.75 2.59
CA THR A 13 5.43 12.73 3.58
C THR A 13 6.74 12.42 2.89
N PHE A 14 7.83 12.36 3.64
CA PHE A 14 9.16 12.21 3.08
C PHE A 14 9.33 10.91 2.27
N ASP A 15 8.68 9.84 2.70
CA ASP A 15 8.82 8.57 2.01
C ASP A 15 8.01 8.50 0.73
N ASP A 16 7.16 9.50 0.50
CA ASP A 16 6.35 9.57 -0.71
C ASP A 16 7.12 10.11 -1.89
N VAL A 17 8.21 10.82 -1.61
CA VAL A 17 8.92 11.58 -2.63
C VAL A 17 10.41 11.31 -2.70
N LEU A 18 10.99 11.62 -3.85
CA LEU A 18 12.43 11.51 -4.06
C LEU A 18 12.92 12.75 -4.78
N LEU A 19 14.15 13.16 -4.48
CA LEU A 19 14.76 14.30 -5.16
C LEU A 19 15.39 13.84 -6.47
N VAL A 20 15.30 14.69 -7.48
CA VAL A 20 15.76 14.37 -8.82
C VAL A 20 17.14 14.95 -9.08
N PRO A 21 18.10 14.10 -9.46
CA PRO A 21 19.51 14.48 -9.73
C PRO A 21 19.64 15.60 -10.76
N ASN A 22 20.41 16.64 -10.43
CA ASN A 22 20.68 17.73 -11.37
C ASN A 22 22.10 17.70 -11.90
N LYS A 23 22.39 18.58 -12.87
CA LYS A 23 23.76 18.78 -13.34
C LYS A 23 24.61 19.32 -12.19
N SER A 24 25.76 18.69 -11.95
CA SER A 24 26.59 19.05 -10.80
C SER A 24 28.03 19.40 -11.15
N GLU A 25 28.52 20.53 -10.63
CA GLU A 25 29.92 20.91 -10.81
C GLU A 25 30.63 20.88 -9.47
N VAL A 26 29.86 20.57 -8.42
CA VAL A 26 30.36 20.59 -7.05
C VAL A 26 30.51 19.17 -6.50
N LEU A 27 31.45 18.99 -5.59
CA LEU A 27 31.66 17.69 -4.94
C LEU A 27 31.23 17.77 -3.47
N PRO A 28 30.74 16.64 -2.91
CA PRO A 28 30.18 16.57 -1.55
C PRO A 28 31.11 17.14 -0.46
N ASN A 29 32.41 17.14 -0.70
CA ASN A 29 33.36 17.68 0.28
C ASN A 29 33.58 19.17 0.11
N GLU A 30 32.82 19.79 -0.80
CA GLU A 30 33.00 21.21 -1.10
C GLU A 30 31.79 22.05 -0.66
N VAL A 31 30.65 21.40 -0.47
CA VAL A 31 29.41 22.09 -0.15
C VAL A 31 29.47 22.78 1.21
N SER A 32 28.51 23.66 1.46
CA SER A 32 28.44 24.42 2.71
C SER A 32 27.09 24.20 3.40
N LEU A 33 27.13 23.82 4.68
CA LEU A 33 25.91 23.55 5.41
C LEU A 33 25.52 24.71 6.32
N LYS A 34 26.12 25.87 6.09
CA LYS A 34 25.81 27.05 6.90
C LYS A 34 24.38 27.51 6.64
N THR A 35 23.62 27.70 7.71
CA THR A 35 22.23 28.12 7.60
C THR A 35 21.91 29.23 8.60
N GLN A 36 20.87 30.01 8.31
CA GLN A 36 20.48 31.13 9.17
C GLN A 36 19.20 30.82 9.93
N LEU A 37 19.33 30.40 11.19
CA LEU A 37 18.19 29.98 12.00
C LEU A 37 17.20 31.12 12.22
N THR A 38 17.69 32.25 12.69
CA THR A 38 16.93 33.49 12.72
C THR A 38 17.71 34.49 11.89
N LYS A 39 17.42 35.78 12.05
CA LYS A 39 18.15 36.79 11.27
C LYS A 39 19.58 36.93 11.78
N LYS A 40 19.75 36.96 13.10
CA LYS A 40 21.08 37.16 13.67
C LYS A 40 21.56 35.94 14.47
N ILE A 41 21.14 34.75 14.03
CA ILE A 41 21.65 33.50 14.59
C ILE A 41 21.90 32.51 13.47
N GLN A 42 23.13 32.03 13.34
CA GLN A 42 23.44 31.05 12.31
C GLN A 42 24.12 29.81 12.88
N LEU A 43 23.93 28.69 12.19
CA LEU A 43 24.53 27.42 12.59
C LEU A 43 25.51 26.96 11.52
N ASN A 44 26.56 26.25 11.93
CA ASN A 44 27.48 25.67 10.97
C ASN A 44 26.84 24.49 10.23
N ILE A 45 25.97 23.76 10.93
CA ILE A 45 25.21 22.69 10.31
C ILE A 45 23.74 22.79 10.71
N PRO A 46 22.82 22.51 9.78
CA PRO A 46 21.38 22.71 10.01
C PRO A 46 20.72 21.59 10.80
N LEU A 47 21.24 21.31 11.99
CA LEU A 47 20.67 20.27 12.84
C LEU A 47 20.42 20.79 14.25
N MET A 48 19.29 20.39 14.82
CA MET A 48 18.98 20.76 16.20
C MET A 48 18.24 19.63 16.92
N SER A 49 18.52 19.48 18.20
CA SER A 49 17.91 18.43 19.00
C SER A 49 16.59 18.89 19.62
N ALA A 50 15.62 17.98 19.70
CA ALA A 50 14.29 18.30 20.18
C ALA A 50 14.28 18.68 21.65
N SER A 51 13.42 19.62 22.03
CA SER A 51 13.30 20.02 23.42
C SER A 51 12.43 19.04 24.20
N MET A 52 12.96 17.84 24.41
CA MET A 52 12.22 16.79 25.11
C MET A 52 12.99 16.34 26.35
N ASP A 53 12.27 15.89 27.38
CA ASP A 53 12.87 15.55 28.66
C ASP A 53 13.66 14.24 28.61
N THR A 54 13.66 13.60 27.45
CA THR A 54 14.48 12.41 27.23
C THR A 54 15.43 12.61 26.04
N VAL A 55 15.62 13.85 25.63
CA VAL A 55 16.53 14.14 24.51
C VAL A 55 17.57 15.22 24.83
N THR A 56 17.10 16.41 25.20
CA THR A 56 18.00 17.55 25.30
C THR A 56 18.08 18.20 26.69
N GLU A 57 19.27 18.15 27.28
CA GLU A 57 19.61 18.97 28.42
C GLU A 57 21.00 19.53 28.15
N SER A 58 21.67 20.02 29.19
CA SER A 58 22.96 20.69 29.02
C SER A 58 23.98 19.80 28.31
N LYS A 59 24.04 18.53 28.69
CA LYS A 59 25.03 17.61 28.12
C LYS A 59 24.80 17.41 26.62
N MET A 60 23.54 17.26 26.22
CA MET A 60 23.20 17.14 24.80
C MET A 60 23.36 18.48 24.08
N ALA A 61 22.92 19.56 24.72
CA ALA A 61 22.99 20.89 24.11
C ALA A 61 24.42 21.36 23.92
N ILE A 62 25.32 20.95 24.81
CA ILE A 62 26.73 21.27 24.67
C ILE A 62 27.32 20.52 23.49
N ALA A 63 26.97 19.24 23.38
CA ALA A 63 27.44 18.41 22.28
C ALA A 63 26.91 18.92 20.94
N MET A 64 25.66 19.37 20.92
CA MET A 64 25.05 19.85 19.68
C MET A 64 25.72 21.12 19.15
N ALA A 65 26.03 22.05 20.04
CA ALA A 65 26.62 23.31 19.63
C ALA A 65 28.07 23.12 19.17
N ARG A 66 28.78 22.20 19.80
CA ARG A 66 30.15 21.88 19.42
C ARG A 66 30.21 21.25 18.02
N GLU A 67 29.19 20.48 17.66
CA GLU A 67 29.14 19.87 16.34
C GLU A 67 28.75 20.90 15.27
N GLY A 68 28.10 21.98 15.72
CA GLY A 68 27.72 23.06 14.81
C GLY A 68 26.23 23.34 14.78
N GLY A 69 25.47 22.62 15.59
CA GLY A 69 24.05 22.82 15.68
C GLY A 69 23.65 23.55 16.95
N ILE A 70 22.48 23.23 17.47
CA ILE A 70 22.02 23.83 18.71
C ILE A 70 20.94 22.96 19.37
N GLY A 71 21.01 22.85 20.70
CA GLY A 71 20.03 22.08 21.43
C GLY A 71 19.13 23.00 22.24
N ILE A 72 17.86 22.66 22.32
CA ILE A 72 16.91 23.44 23.11
C ILE A 72 16.52 22.71 24.39
N ILE A 73 16.83 23.32 25.54
CA ILE A 73 16.52 22.72 26.84
C ILE A 73 15.02 22.64 27.09
N HIS A 74 14.55 21.47 27.50
CA HIS A 74 13.13 21.26 27.74
C HIS A 74 12.67 22.01 29.01
N LYS A 75 11.37 22.26 29.11
CA LYS A 75 10.83 23.05 30.21
C LYS A 75 10.24 22.19 31.32
N ASN A 76 10.35 20.88 31.18
CA ASN A 76 9.85 19.97 32.20
C ASN A 76 10.74 19.93 33.45
N MET A 77 10.97 21.11 34.01
CA MET A 77 11.77 21.27 35.22
C MET A 77 11.51 22.65 35.82
N THR A 78 12.03 22.89 37.02
CA THR A 78 11.82 24.18 37.68
C THR A 78 12.51 25.30 36.91
N ILE A 79 12.09 26.53 37.16
CA ILE A 79 12.63 27.69 36.48
C ILE A 79 14.11 27.89 36.85
N GLU A 80 14.46 27.57 38.09
CA GLU A 80 15.85 27.65 38.54
C GLU A 80 16.72 26.62 37.83
N ASP A 81 16.19 25.41 37.67
CA ASP A 81 16.94 24.31 37.05
C ASP A 81 17.21 24.54 35.57
N GLN A 82 16.22 25.07 34.85
CA GLN A 82 16.40 25.33 33.42
C GLN A 82 17.35 26.51 33.20
N ALA A 83 17.35 27.45 34.13
CA ALA A 83 18.26 28.58 34.06
C ALA A 83 19.71 28.13 34.26
N ARG A 84 19.90 27.17 35.16
CA ARG A 84 21.23 26.63 35.41
C ARG A 84 21.74 25.84 34.21
N GLU A 85 20.84 25.08 33.60
CA GLU A 85 21.19 24.29 32.41
C GLU A 85 21.69 25.17 31.28
N VAL A 86 21.02 26.29 31.05
CA VAL A 86 21.44 27.24 30.04
C VAL A 86 22.82 27.81 30.36
N ASP A 87 23.03 28.17 31.62
CA ASP A 87 24.31 28.72 32.06
C ASP A 87 25.43 27.71 31.89
N ARG A 88 25.14 26.44 32.20
CA ARG A 88 26.12 25.37 32.06
C ARG A 88 26.60 25.25 30.62
N VAL A 89 25.72 25.53 29.68
CA VAL A 89 26.06 25.52 28.26
C VAL A 89 26.85 26.79 27.91
N LYS A 90 26.34 27.94 28.34
CA LYS A 90 26.98 29.23 28.04
C LYS A 90 28.36 29.36 28.67
N ARG A 91 28.54 28.73 29.83
CA ARG A 91 29.83 28.75 30.51
C ARG A 91 30.87 27.99 29.69
N SER A 92 30.44 26.89 29.08
CA SER A 92 31.32 26.05 28.28
C SER A 92 31.69 26.69 26.94
N GLY A 93 32.40 27.82 27.00
CA GLY A 93 32.76 28.55 25.80
C GLY A 93 31.58 29.34 25.25
N GLY A 94 31.80 30.04 24.15
CA GLY A 94 30.74 30.80 23.51
C GLY A 94 29.83 29.89 22.71
N LEU A 95 29.10 29.03 23.42
CA LEU A 95 28.28 28.02 22.78
C LEU A 95 26.81 28.43 22.71
N LEU A 96 26.19 28.19 21.56
CA LEU A 96 24.77 28.50 21.38
C LEU A 96 23.88 27.62 22.24
N CYS A 97 22.76 28.17 22.70
CA CYS A 97 21.84 27.41 23.53
C CYS A 97 20.42 27.88 23.32
N GLY A 98 19.47 26.94 23.41
CA GLY A 98 18.06 27.28 23.28
C GLY A 98 17.27 26.85 24.50
N ALA A 99 16.13 27.50 24.71
CA ALA A 99 15.25 27.16 25.82
C ALA A 99 13.79 27.20 25.37
N SER A 100 12.99 26.26 25.83
CA SER A 100 11.57 26.26 25.47
C SER A 100 10.71 26.88 26.57
N ILE A 101 9.72 27.65 26.15
CA ILE A 101 8.72 28.20 27.07
C ILE A 101 7.35 27.71 26.60
N GLY A 102 6.37 27.76 27.50
CA GLY A 102 5.00 27.38 27.17
C GLY A 102 4.01 28.45 27.56
N VAL A 103 2.79 28.34 27.03
CA VAL A 103 1.72 29.26 27.38
C VAL A 103 1.22 28.93 28.77
N THR A 104 1.88 29.51 29.78
CA THR A 104 1.55 29.26 31.17
C THR A 104 1.41 30.58 31.92
N ASN A 105 1.04 30.49 33.20
CA ASN A 105 0.94 31.66 34.05
C ASN A 105 2.30 32.27 34.39
N ASP A 106 3.27 31.41 34.70
CA ASP A 106 4.61 31.88 35.06
C ASP A 106 5.55 31.92 33.85
N MET A 107 4.97 32.01 32.65
CA MET A 107 5.78 31.99 31.43
C MET A 107 6.75 33.17 31.38
N MET A 108 6.35 34.31 31.93
CA MET A 108 7.21 35.50 31.93
C MET A 108 8.35 35.36 32.92
N GLU A 109 8.09 34.69 34.03
CA GLU A 109 9.12 34.40 35.03
C GLU A 109 10.18 33.47 34.44
N ARG A 110 9.75 32.51 33.63
CA ARG A 110 10.66 31.54 33.01
C ARG A 110 11.51 32.22 31.93
N VAL A 111 10.86 33.08 31.15
CA VAL A 111 11.55 33.87 30.13
C VAL A 111 12.62 34.78 30.75
N ASP A 112 12.27 35.49 31.82
CA ASP A 112 13.22 36.38 32.50
C ASP A 112 14.46 35.65 33.01
N ALA A 113 14.29 34.41 33.47
CA ALA A 113 15.40 33.64 34.03
C ALA A 113 16.41 33.24 32.97
N VAL A 114 15.93 32.70 31.86
CA VAL A 114 16.82 32.23 30.80
C VAL A 114 17.47 33.38 30.04
N VAL A 115 16.80 34.52 30.00
CA VAL A 115 17.38 35.73 29.41
C VAL A 115 18.52 36.25 30.27
N LYS A 116 18.33 36.18 31.59
CA LYS A 116 19.38 36.56 32.54
C LYS A 116 20.58 35.63 32.42
N ALA A 117 20.33 34.39 32.01
CA ALA A 117 21.39 33.41 31.80
C ALA A 117 22.01 33.55 30.41
N LYS A 118 21.60 34.61 29.71
CA LYS A 118 22.13 34.96 28.39
C LYS A 118 21.89 33.88 27.34
N VAL A 119 20.68 33.32 27.33
CA VAL A 119 20.28 32.35 26.31
C VAL A 119 20.19 33.07 24.97
N ASP A 120 20.35 32.33 23.88
CA ASP A 120 20.36 32.95 22.56
C ASP A 120 18.99 32.98 21.91
N VAL A 121 18.26 31.87 22.00
CA VAL A 121 16.98 31.76 21.31
C VAL A 121 15.94 31.08 22.19
N ILE A 122 14.70 31.58 22.11
CA ILE A 122 13.60 31.02 22.87
C ILE A 122 12.61 30.41 21.90
N VAL A 123 11.89 29.38 22.35
CA VAL A 123 10.86 28.77 21.51
C VAL A 123 9.60 28.48 22.33
N LEU A 124 8.48 29.00 21.85
CA LEU A 124 7.18 28.70 22.45
C LEU A 124 6.61 27.44 21.81
N ASP A 125 6.75 26.32 22.50
CA ASP A 125 6.31 25.04 21.96
C ASP A 125 4.94 24.65 22.50
N THR A 126 3.94 24.68 21.64
CA THR A 126 2.59 24.24 21.99
C THR A 126 2.11 23.20 20.99
N ALA A 127 1.18 22.35 21.41
CA ALA A 127 0.56 21.39 20.51
C ALA A 127 -0.09 22.11 19.32
N HIS A 128 -0.72 23.24 19.62
CA HIS A 128 -1.35 24.06 18.57
C HIS A 128 -0.82 25.48 18.59
N GLY A 129 0.25 25.72 17.82
CA GLY A 129 0.87 27.03 17.75
C GLY A 129 -0.03 28.13 17.19
N HIS A 130 -0.94 27.77 16.30
CA HIS A 130 -1.86 28.72 15.67
C HIS A 130 -3.06 29.02 16.57
N SER A 131 -2.79 29.38 17.82
CA SER A 131 -3.85 29.65 18.79
C SER A 131 -3.72 31.03 19.41
N LYS A 132 -4.76 31.45 20.13
CA LYS A 132 -4.79 32.75 20.78
C LYS A 132 -3.70 32.87 21.84
N GLY A 133 -3.47 31.78 22.57
CA GLY A 133 -2.51 31.79 23.67
C GLY A 133 -1.08 31.98 23.22
N VAL A 134 -0.74 31.42 22.07
CA VAL A 134 0.61 31.48 21.54
C VAL A 134 0.89 32.83 20.89
N ILE A 135 -0.11 33.37 20.20
CA ILE A 135 0.04 34.68 19.57
C ILE A 135 0.19 35.78 20.62
N GLU A 136 -0.59 35.70 21.69
CA GLU A 136 -0.42 36.60 22.83
C GLU A 136 0.97 36.44 23.41
N GLY A 137 1.45 35.20 23.46
CA GLY A 137 2.74 34.89 24.03
C GLY A 137 3.89 35.56 23.32
N VAL A 138 3.94 35.41 22.01
CA VAL A 138 4.98 36.03 21.20
C VAL A 138 4.93 37.56 21.30
N LYS A 139 3.73 38.10 21.21
CA LYS A 139 3.51 39.55 21.21
C LYS A 139 3.86 40.18 22.54
N ARG A 140 3.59 39.46 23.63
CA ARG A 140 3.88 39.95 24.98
C ARG A 140 5.38 39.90 25.27
N ILE A 141 6.07 38.94 24.68
CA ILE A 141 7.51 38.82 24.88
C ILE A 141 8.29 39.82 24.06
N LYS A 142 7.90 39.99 22.80
CA LYS A 142 8.58 40.90 21.90
C LYS A 142 8.41 42.36 22.31
N ALA A 143 7.44 42.61 23.19
CA ALA A 143 7.22 43.95 23.71
C ALA A 143 8.25 44.28 24.78
N LYS A 144 8.57 43.29 25.61
CA LYS A 144 9.53 43.47 26.68
C LYS A 144 10.95 43.24 26.19
N TYR A 145 11.09 42.34 25.23
CA TYR A 145 12.40 41.98 24.68
C TYR A 145 12.38 42.02 23.15
N PRO A 146 12.48 43.22 22.57
CA PRO A 146 12.44 43.37 21.10
C PRO A 146 13.62 42.73 20.39
N GLU A 147 14.68 42.39 21.13
CA GLU A 147 15.90 41.87 20.53
C GLU A 147 16.11 40.39 20.83
N LEU A 148 15.24 39.80 21.64
CA LEU A 148 15.32 38.39 21.95
C LEU A 148 14.74 37.56 20.80
N GLN A 149 15.51 36.61 20.31
CA GLN A 149 15.07 35.77 19.20
C GLN A 149 14.06 34.73 19.66
N VAL A 150 12.93 34.67 18.95
CA VAL A 150 11.85 33.78 19.32
C VAL A 150 11.45 32.86 18.18
N ILE A 151 11.40 31.57 18.47
CA ILE A 151 10.83 30.58 17.57
C ILE A 151 9.43 30.21 18.07
N ALA A 152 8.50 29.97 17.17
CA ALA A 152 7.13 29.67 17.57
C ALA A 152 6.56 28.45 16.85
N GLY A 153 6.06 27.49 17.61
CA GLY A 153 5.45 26.31 17.05
C GLY A 153 4.40 25.71 17.97
N ASN A 154 3.72 24.68 17.48
CA ASN A 154 3.91 24.19 16.12
C ASN A 154 2.73 24.53 15.21
N ILE A 155 3.04 24.71 13.94
CA ILE A 155 2.03 25.08 12.95
C ILE A 155 2.19 24.20 11.71
N ALA A 156 1.19 24.23 10.83
CA ALA A 156 1.20 23.36 9.65
C ALA A 156 0.62 24.04 8.42
N THR A 157 0.15 25.28 8.58
CA THR A 157 -0.47 26.04 7.50
C THR A 157 0.22 27.39 7.26
N PRO A 158 0.21 27.87 6.01
CA PRO A 158 0.75 29.18 5.62
C PRO A 158 0.05 30.33 6.33
N GLU A 159 -1.26 30.19 6.53
CA GLU A 159 -2.04 31.17 7.30
C GLU A 159 -1.45 31.31 8.70
N ALA A 160 -1.08 30.18 9.30
CA ALA A 160 -0.48 30.17 10.62
C ALA A 160 0.90 30.83 10.62
N VAL A 161 1.64 30.68 9.53
CA VAL A 161 2.91 31.37 9.37
C VAL A 161 2.69 32.87 9.40
N ARG A 162 1.72 33.34 8.61
CA ARG A 162 1.41 34.76 8.52
C ARG A 162 1.06 35.33 9.89
N ASP A 163 0.11 34.68 10.56
CA ASP A 163 -0.37 35.13 11.86
C ASP A 163 0.73 35.10 12.92
N LEU A 164 1.70 34.20 12.75
CA LEU A 164 2.79 34.06 13.71
C LEU A 164 3.93 35.04 13.41
N ALA A 165 4.18 35.27 12.12
CA ALA A 165 5.22 36.22 11.71
C ALA A 165 4.82 37.64 12.06
N GLU A 166 3.52 37.93 11.96
CA GLU A 166 3.00 39.26 12.29
C GLU A 166 3.05 39.54 13.78
N ALA A 167 3.16 38.48 14.59
CA ALA A 167 3.23 38.62 16.04
C ALA A 167 4.63 39.05 16.48
N GLY A 168 5.60 38.95 15.58
CA GLY A 168 6.96 39.34 15.87
C GLY A 168 7.90 38.16 16.01
N ALA A 169 7.45 36.99 15.61
CA ALA A 169 8.26 35.78 15.70
C ALA A 169 9.38 35.80 14.66
N ASP A 170 10.56 35.36 15.08
CA ASP A 170 11.74 35.37 14.22
C ASP A 170 11.83 34.09 13.40
N CYS A 171 11.11 33.06 13.84
CA CYS A 171 11.14 31.75 13.19
C CYS A 171 9.95 30.91 13.66
N VAL A 172 9.42 30.06 12.79
CA VAL A 172 8.29 29.21 13.16
C VAL A 172 8.61 27.72 12.98
N LYS A 173 8.21 26.93 13.97
CA LYS A 173 8.46 25.48 13.95
C LYS A 173 7.30 24.73 13.33
N VAL A 174 7.58 23.94 12.30
CA VAL A 174 6.55 23.23 11.56
C VAL A 174 6.49 21.75 11.91
N GLY A 175 5.29 21.23 12.19
CA GLY A 175 5.12 19.83 12.50
C GLY A 175 4.02 19.51 13.49
N ILE A 176 2.90 18.99 12.98
CA ILE A 176 1.79 18.52 13.82
C ILE A 176 1.47 17.07 13.44
N GLY A 177 1.95 16.13 14.26
CA GLY A 177 1.72 14.73 13.97
C GLY A 177 2.84 13.85 13.44
N PRO A 178 3.95 14.43 12.93
CA PRO A 178 4.87 13.46 12.32
C PRO A 178 5.73 12.70 13.33
N GLY A 179 5.76 13.17 14.58
CA GLY A 179 6.65 12.61 15.60
C GLY A 179 6.53 11.10 15.76
N SER A 180 7.66 10.45 15.99
CA SER A 180 7.69 9.00 16.16
C SER A 180 6.95 8.58 17.42
N ILE A 181 6.92 9.44 18.42
CA ILE A 181 6.22 9.17 19.67
C ILE A 181 4.82 9.78 19.70
N CYS A 182 4.45 10.44 18.61
CA CYS A 182 3.20 11.20 18.54
C CYS A 182 1.97 10.36 18.18
N THR A 183 0.84 10.69 18.79
CA THR A 183 -0.43 10.02 18.48
C THR A 183 -1.55 11.02 18.20
N THR A 184 -1.17 12.28 17.97
CA THR A 184 -2.12 13.36 17.74
C THR A 184 -3.07 13.08 16.58
N ARG A 185 -2.52 12.61 15.46
CA ARG A 185 -3.32 12.33 14.28
C ARG A 185 -4.27 11.16 14.52
N ILE A 186 -3.99 10.41 15.59
CA ILE A 186 -4.78 9.23 15.93
C ILE A 186 -5.86 9.52 16.97
N VAL A 187 -5.51 10.32 17.97
CA VAL A 187 -6.44 10.60 19.07
C VAL A 187 -7.26 11.85 18.83
N ALA A 188 -6.81 12.69 17.90
CA ALA A 188 -7.51 13.92 17.56
C ALA A 188 -7.92 13.95 16.09
N GLY A 189 -7.24 13.16 15.26
CA GLY A 189 -7.54 13.09 13.84
C GLY A 189 -7.04 14.32 13.10
N VAL A 190 -6.14 15.05 13.74
CA VAL A 190 -5.66 16.31 13.20
C VAL A 190 -4.19 16.23 12.81
N GLY A 191 -3.86 16.80 11.65
CA GLY A 191 -2.48 16.87 11.23
C GLY A 191 -2.32 17.01 9.73
N VAL A 192 -1.10 17.34 9.32
CA VAL A 192 -0.76 17.42 7.91
C VAL A 192 0.56 16.69 7.66
N PRO A 193 0.58 15.80 6.65
CA PRO A 193 1.80 15.11 6.21
C PRO A 193 2.98 16.07 6.08
N GLN A 194 4.07 15.76 6.77
CA GLN A 194 5.13 16.73 7.06
C GLN A 194 5.78 17.38 5.84
N LEU A 195 6.01 16.62 4.78
CA LEU A 195 6.66 17.17 3.60
C LEU A 195 5.85 18.30 2.96
N THR A 196 4.60 18.01 2.64
CA THR A 196 3.69 19.02 2.13
C THR A 196 3.58 20.18 3.10
N ALA A 197 3.56 19.85 4.40
CA ALA A 197 3.45 20.86 5.45
C ALA A 197 4.63 21.83 5.42
N VAL A 198 5.84 21.30 5.44
CA VAL A 198 7.04 22.15 5.37
C VAL A 198 7.10 22.90 4.05
N MET A 199 6.80 22.21 2.96
CA MET A 199 6.86 22.83 1.64
C MET A 199 5.92 24.04 1.52
N ASP A 200 4.71 23.89 2.05
CA ASP A 200 3.71 24.97 2.02
C ASP A 200 4.10 26.15 2.92
N CYS A 201 4.58 25.84 4.12
CA CYS A 201 4.97 26.88 5.08
C CYS A 201 6.26 27.60 4.69
N ALA A 202 7.17 26.87 4.04
CA ALA A 202 8.45 27.45 3.64
C ALA A 202 8.24 28.51 2.56
N GLU A 203 7.36 28.22 1.61
CA GLU A 203 7.07 29.16 0.53
C GLU A 203 6.47 30.46 1.06
N GLU A 204 5.57 30.34 2.04
CA GLU A 204 4.94 31.49 2.66
C GLU A 204 5.94 32.27 3.51
N GLY A 205 6.86 31.54 4.12
CA GLY A 205 7.89 32.14 4.96
C GLY A 205 8.91 32.92 4.14
N LYS A 206 9.21 32.45 2.94
CA LYS A 206 10.15 33.14 2.06
C LYS A 206 9.60 34.50 1.64
N LYS A 207 8.28 34.57 1.47
CA LYS A 207 7.62 35.82 1.11
C LYS A 207 7.73 36.85 2.22
N LEU A 208 7.84 36.38 3.45
CA LEU A 208 7.87 37.26 4.61
C LEU A 208 9.28 37.38 5.20
N GLY A 209 10.22 36.65 4.61
CA GLY A 209 11.60 36.69 5.08
C GLY A 209 11.76 36.02 6.43
N ILE A 210 10.86 35.09 6.73
CA ILE A 210 10.93 34.33 7.96
C ILE A 210 11.19 32.85 7.67
N PRO A 211 12.21 32.29 8.32
CA PRO A 211 12.59 30.87 8.14
C PRO A 211 11.64 29.91 8.86
N VAL A 212 11.61 28.66 8.42
CA VAL A 212 10.79 27.63 9.06
C VAL A 212 11.63 26.41 9.46
N ILE A 213 11.26 25.79 10.58
CA ILE A 213 11.97 24.60 11.07
C ILE A 213 11.15 23.33 10.83
N ALA A 214 11.73 22.37 10.12
CA ALA A 214 11.09 21.09 9.89
C ALA A 214 11.25 20.20 11.12
N ASP A 215 10.15 19.97 11.84
CA ASP A 215 10.22 19.28 13.12
C ASP A 215 9.41 17.98 13.17
N GLY A 216 10.11 16.85 13.32
CA GLY A 216 9.48 15.57 13.53
C GLY A 216 9.36 14.71 12.28
N GLY A 217 9.47 13.39 12.47
CA GLY A 217 9.29 12.45 11.38
C GLY A 217 10.54 12.14 10.59
N LEU A 218 11.65 12.75 10.97
CA LEU A 218 12.92 12.54 10.28
C LEU A 218 13.62 11.27 10.74
N LYS A 219 13.77 10.31 9.84
CA LYS A 219 14.34 9.01 10.19
C LYS A 219 15.76 8.84 9.65
N TYR A 220 15.95 9.18 8.37
CA TYR A 220 17.24 9.02 7.72
C TYR A 220 17.82 10.35 7.29
N SER A 221 19.09 10.36 6.88
CA SER A 221 19.73 11.60 6.44
C SER A 221 19.11 12.11 5.15
N GLY A 222 18.60 11.19 4.33
CA GLY A 222 17.95 11.56 3.09
C GLY A 222 16.67 12.32 3.34
N ASP A 223 16.00 11.98 4.44
CA ASP A 223 14.78 12.68 4.86
C ASP A 223 15.08 14.13 5.22
N ILE A 224 16.25 14.35 5.80
CA ILE A 224 16.67 15.69 6.20
C ILE A 224 16.91 16.54 4.97
N VAL A 225 17.49 15.92 3.94
CA VAL A 225 17.75 16.60 2.69
C VAL A 225 16.45 17.03 2.04
N LYS A 226 15.44 16.15 2.08
CA LYS A 226 14.14 16.45 1.50
C LYS A 226 13.52 17.69 2.16
N ALA A 227 13.66 17.79 3.48
CA ALA A 227 13.13 18.93 4.22
C ALA A 227 13.85 20.22 3.86
N LEU A 228 15.18 20.15 3.78
CA LEU A 228 15.98 21.31 3.40
C LEU A 228 15.69 21.75 1.97
N ALA A 229 15.45 20.78 1.09
CA ALA A 229 15.13 21.08 -0.30
C ALA A 229 13.74 21.68 -0.41
N ALA A 230 12.90 21.42 0.59
CA ALA A 230 11.54 21.94 0.62
C ALA A 230 11.51 23.40 1.08
N GLY A 231 12.58 23.84 1.71
CA GLY A 231 12.70 25.23 2.14
C GLY A 231 12.91 25.42 3.62
N ALA A 232 13.20 24.32 4.33
CA ALA A 232 13.44 24.39 5.77
C ALA A 232 14.86 24.87 6.06
N CYS A 233 14.98 25.86 6.93
CA CYS A 233 16.28 26.40 7.31
C CYS A 233 17.03 25.43 8.21
N ALA A 234 16.28 24.64 8.97
CA ALA A 234 16.88 23.66 9.87
C ALA A 234 15.95 22.49 10.11
N ALA A 235 16.49 21.44 10.71
CA ALA A 235 15.71 20.25 11.03
C ALA A 235 15.83 19.92 12.51
N MET A 236 14.70 19.67 13.15
CA MET A 236 14.69 19.24 14.54
C MET A 236 14.34 17.77 14.66
N MET A 237 15.09 17.05 15.49
CA MET A 237 14.96 15.61 15.62
C MET A 237 15.04 15.14 17.07
N GLY A 238 14.15 14.22 17.44
CA GLY A 238 14.22 13.62 18.75
C GLY A 238 14.69 12.17 18.71
N SER A 239 14.16 11.41 17.76
CA SER A 239 14.38 9.97 17.71
C SER A 239 15.80 9.59 17.28
N ILE A 240 16.38 10.38 16.39
CA ILE A 240 17.73 10.10 15.90
C ILE A 240 18.78 10.34 16.99
N PHE A 241 18.48 11.25 17.91
CA PHE A 241 19.42 11.57 18.98
C PHE A 241 19.01 10.96 20.33
N ALA A 242 17.90 10.23 20.35
CA ALA A 242 17.31 9.73 21.59
C ALA A 242 18.16 8.66 22.30
N GLY A 243 18.81 7.80 21.55
CA GLY A 243 19.58 6.71 22.12
C GLY A 243 21.03 7.04 22.42
N CYS A 244 21.39 8.31 22.31
CA CYS A 244 22.78 8.71 22.50
C CYS A 244 23.13 8.89 23.98
N GLU A 245 24.42 8.73 24.29
CA GLU A 245 24.93 8.88 25.65
C GLU A 245 24.72 10.29 26.19
N GLU A 246 24.71 11.27 25.29
CA GLU A 246 24.53 12.66 25.67
C GLU A 246 23.08 12.97 26.05
N ALA A 247 22.17 12.09 25.65
CA ALA A 247 20.76 12.25 26.01
C ALA A 247 20.53 11.87 27.47
N PRO A 248 19.53 12.50 28.12
CA PRO A 248 19.21 12.22 29.52
C PRO A 248 18.78 10.77 29.76
N GLY A 249 18.56 10.43 31.02
CA GLY A 249 18.11 9.11 31.38
C GLY A 249 19.25 8.11 31.48
N ALA A 250 19.00 7.00 32.17
CA ALA A 250 20.01 5.97 32.35
C ALA A 250 19.81 4.83 31.35
N ILE A 251 20.86 4.04 31.17
CA ILE A 251 20.79 2.87 30.28
C ILE A 251 20.07 1.71 30.95
N GLU A 252 18.95 1.29 30.38
CA GLU A 252 18.18 0.16 30.90
C GLU A 252 18.38 -1.08 30.04
N ILE A 253 18.72 -2.21 30.66
CA ILE A 253 18.87 -3.47 29.94
C ILE A 253 17.55 -4.24 29.89
N TYR A 254 17.14 -4.62 28.69
CA TYR A 254 15.94 -5.45 28.52
C TYR A 254 16.25 -6.68 27.68
N GLN A 255 16.28 -7.85 28.33
CA GLN A 255 16.56 -9.11 27.65
C GLN A 255 17.85 -9.07 26.83
N GLY A 256 18.88 -8.44 27.38
CA GLY A 256 20.20 -8.46 26.79
C GLY A 256 20.59 -7.22 26.02
N ARG A 257 19.58 -6.47 25.55
CA ARG A 257 19.82 -5.30 24.72
C ARG A 257 19.77 -4.03 25.57
N SER A 258 20.74 -3.12 25.37
CA SER A 258 20.78 -1.86 26.11
C SER A 258 19.91 -0.80 25.45
N TYR A 259 18.95 -0.27 26.19
CA TYR A 259 18.02 0.75 25.68
C TYR A 259 18.07 2.04 26.48
N LYS A 260 17.49 3.09 25.91
CA LYS A 260 17.21 4.32 26.63
C LYS A 260 15.73 4.64 26.49
N VAL A 261 15.11 5.13 27.56
CA VAL A 261 13.69 5.48 27.49
C VAL A 261 13.50 6.75 26.66
N TYR A 262 12.66 6.65 25.64
CA TYR A 262 12.26 7.80 24.84
C TYR A 262 10.74 7.93 24.93
N ARG A 263 10.28 9.14 25.18
CA ARG A 263 8.84 9.37 25.33
C ARG A 263 8.42 10.75 24.87
N GLY A 264 7.21 10.85 24.35
CA GLY A 264 6.67 12.13 23.94
C GLY A 264 6.38 13.00 25.14
N MET A 265 6.41 14.31 24.93
CA MET A 265 6.15 15.25 26.01
C MET A 265 4.69 15.23 26.42
N GLY A 266 3.85 14.64 25.57
CA GLY A 266 2.43 14.53 25.83
C GLY A 266 2.00 13.13 26.25
N SER A 267 2.97 12.32 26.68
CA SER A 267 2.66 11.01 27.22
C SER A 267 2.36 11.11 28.71
N LEU A 268 1.75 10.08 29.27
CA LEU A 268 1.40 10.06 30.69
C LEU A 268 2.59 10.33 31.61
N GLY A 269 3.74 9.75 31.27
CA GLY A 269 4.92 9.88 32.09
C GLY A 269 5.50 11.28 32.14
N ALA A 270 5.47 11.96 30.99
CA ALA A 270 6.00 13.31 30.90
C ALA A 270 5.03 14.32 31.51
N MET A 271 3.74 14.03 31.44
CA MET A 271 2.73 14.94 31.99
C MET A 271 2.79 15.00 33.52
N ALA A 272 3.35 13.98 34.14
CA ALA A 272 3.46 13.92 35.59
C ALA A 272 4.54 14.87 36.11
N VAL A 288 -5.76 13.51 28.86
CA VAL A 288 -5.76 12.58 27.74
C VAL A 288 -4.51 12.78 26.90
N PRO A 289 -3.61 11.77 26.92
CA PRO A 289 -2.28 11.86 26.33
C PRO A 289 -2.29 11.92 24.80
N GLU A 290 -1.27 12.55 24.23
CA GLU A 290 -1.11 12.58 22.78
C GLU A 290 0.27 12.05 22.39
N GLY A 291 0.89 11.31 23.30
CA GLY A 291 2.17 10.68 23.05
C GLY A 291 2.25 9.32 23.71
N VAL A 292 3.32 8.58 23.39
CA VAL A 292 3.55 7.29 24.00
C VAL A 292 4.94 7.25 24.63
N GLU A 293 5.17 6.24 25.47
CA GLU A 293 6.46 6.06 26.13
C GLU A 293 7.03 4.71 25.73
N GLY A 294 8.26 4.73 25.22
CA GLY A 294 8.90 3.50 24.77
C GLY A 294 10.40 3.50 24.98
N ARG A 295 11.04 2.43 24.52
CA ARG A 295 12.49 2.30 24.64
C ARG A 295 13.14 2.34 23.27
N ILE A 296 14.34 2.90 23.21
CA ILE A 296 15.06 3.01 21.95
C ILE A 296 16.48 2.49 22.16
N ALA A 297 17.08 1.94 21.11
CA ALA A 297 18.39 1.31 21.20
C ALA A 297 19.51 2.31 21.49
N TYR A 298 20.43 1.91 22.36
CA TYR A 298 21.59 2.74 22.69
C TYR A 298 22.48 2.94 21.47
N LYS A 299 22.60 4.17 21.03
CA LYS A 299 23.33 4.50 19.80
C LYS A 299 24.81 4.79 20.04
N GLY A 300 25.14 5.21 21.25
CA GLY A 300 26.50 5.61 21.57
C GLY A 300 26.66 7.11 21.53
N HIS A 301 27.84 7.58 21.13
CA HIS A 301 28.15 9.01 21.16
C HIS A 301 27.52 9.77 20.01
N LEU A 302 27.21 11.04 20.25
CA LEU A 302 26.52 11.88 19.29
C LEU A 302 27.39 12.19 18.07
N ALA A 303 28.69 12.29 18.29
CA ALA A 303 29.63 12.66 17.23
C ALA A 303 29.52 11.76 16.01
N ASP A 304 29.37 10.46 16.23
CA ASP A 304 29.37 9.51 15.13
C ASP A 304 28.01 9.43 14.43
N THR A 305 26.97 9.86 15.12
CA THR A 305 25.64 9.96 14.52
C THR A 305 25.61 11.14 13.56
N ILE A 306 26.13 12.28 14.03
CA ILE A 306 26.21 13.51 13.26
C ILE A 306 27.09 13.34 12.01
N TYR A 307 28.18 12.61 12.16
CA TYR A 307 29.11 12.37 11.05
C TYR A 307 28.41 11.66 9.91
N GLN A 308 27.46 10.79 10.26
CA GLN A 308 26.69 10.06 9.25
C GLN A 308 25.60 10.93 8.66
N LEU A 309 25.01 11.79 9.49
CA LEU A 309 23.96 12.69 9.02
C LEU A 309 24.51 13.77 8.10
N ILE A 310 25.61 14.38 8.50
CA ILE A 310 26.24 15.45 7.73
C ILE A 310 26.73 14.93 6.38
N GLY A 311 27.41 13.79 6.41
CA GLY A 311 27.93 13.19 5.20
C GLY A 311 26.84 12.76 4.24
N GLY A 312 25.69 12.38 4.78
CA GLY A 312 24.54 12.02 3.96
C GLY A 312 23.99 13.25 3.27
N ILE A 313 23.82 14.31 4.05
CA ILE A 313 23.30 15.58 3.54
C ILE A 313 24.24 16.18 2.50
N LYS A 314 25.54 16.01 2.70
CA LYS A 314 26.53 16.46 1.74
C LYS A 314 26.40 15.69 0.42
N SER A 315 26.27 14.37 0.53
CA SER A 315 26.07 13.52 -0.66
C SER A 315 24.85 13.95 -1.45
N GLY A 316 23.76 14.22 -0.72
CA GLY A 316 22.52 14.65 -1.34
C GLY A 316 22.72 15.92 -2.14
N MET A 317 23.32 16.92 -1.50
CA MET A 317 23.56 18.21 -2.14
C MET A 317 24.45 18.09 -3.37
N GLY A 318 25.38 17.14 -3.33
CA GLY A 318 26.26 16.89 -4.46
C GLY A 318 25.50 16.37 -5.67
N TYR A 319 24.47 15.57 -5.43
CA TYR A 319 23.62 15.05 -6.50
C TYR A 319 22.83 16.15 -7.19
N LEU A 320 22.60 17.27 -6.50
CA LEU A 320 21.81 18.35 -7.06
C LEU A 320 22.65 19.54 -7.48
N GLY A 321 23.97 19.37 -7.42
CA GLY A 321 24.89 20.43 -7.80
C GLY A 321 24.69 21.69 -6.97
N ALA A 322 24.44 21.51 -5.68
CA ALA A 322 24.13 22.63 -4.80
C ALA A 322 25.24 22.89 -3.80
N PRO A 323 26.02 23.96 -4.01
CA PRO A 323 27.09 24.34 -3.08
C PRO A 323 26.56 24.89 -1.75
N THR A 324 25.40 25.54 -1.79
CA THR A 324 24.79 26.08 -0.57
C THR A 324 23.36 25.59 -0.39
N LEU A 325 22.86 25.66 0.84
CA LEU A 325 21.50 25.22 1.15
C LEU A 325 20.44 26.03 0.42
N GLU A 326 20.71 27.33 0.26
CA GLU A 326 19.76 28.19 -0.42
C GLU A 326 19.78 27.89 -1.92
N ASN A 327 20.86 27.29 -2.40
CA ASN A 327 20.94 26.87 -3.79
C ASN A 327 20.22 25.55 -3.99
N LEU A 328 20.19 24.74 -2.95
CA LEU A 328 19.46 23.48 -2.96
C LEU A 328 17.97 23.73 -3.20
N TYR A 329 17.40 24.64 -2.42
CA TYR A 329 15.97 24.94 -2.50
C TYR A 329 15.58 25.51 -3.86
N GLU A 330 16.45 26.33 -4.44
CA GLU A 330 16.15 26.99 -5.71
C GLU A 330 16.09 26.05 -6.91
N ASN A 331 16.78 24.91 -6.81
CA ASN A 331 16.88 24.02 -7.96
C ASN A 331 16.37 22.61 -7.67
N ALA A 332 15.68 22.44 -6.55
CA ALA A 332 15.19 21.12 -6.16
C ALA A 332 13.93 20.74 -6.92
N ASN A 333 13.96 19.55 -7.54
CA ASN A 333 12.78 19.00 -8.19
C ASN A 333 12.39 17.67 -7.58
N PHE A 334 11.20 17.61 -6.99
CA PHE A 334 10.73 16.39 -6.37
C PHE A 334 10.03 15.49 -7.37
N VAL A 335 9.82 14.24 -6.98
CA VAL A 335 9.02 13.33 -7.77
C VAL A 335 8.36 12.35 -6.80
N VAL A 336 7.15 11.93 -7.10
CA VAL A 336 6.39 11.03 -6.23
C VAL A 336 6.60 9.57 -6.61
N GLN A 337 6.83 8.72 -5.62
CA GLN A 337 6.92 7.27 -5.84
C GLN A 337 5.74 6.56 -5.19
N THR A 338 5.43 5.37 -5.69
CA THR A 338 4.39 4.54 -5.10
C THR A 338 4.97 3.70 -3.97
N SER A 339 4.15 2.84 -3.37
CA SER A 339 4.62 1.95 -2.32
C SER A 339 5.53 0.88 -2.91
N ALA A 340 5.40 0.64 -4.21
CA ALA A 340 6.28 -0.27 -4.94
C ALA A 340 7.64 0.38 -5.18
N GLY A 341 7.63 1.67 -5.49
CA GLY A 341 8.86 2.43 -5.65
C GLY A 341 9.55 2.59 -4.32
N PHE A 342 8.77 2.62 -3.25
CA PHE A 342 9.30 2.67 -1.90
C PHE A 342 10.10 1.41 -1.58
N ARG A 343 9.58 0.26 -1.98
CA ARG A 343 10.25 -1.02 -1.74
C ARG A 343 11.50 -1.17 -2.61
N GLU A 344 11.58 -0.37 -3.67
CA GLU A 344 12.74 -0.39 -4.56
C GLU A 344 13.83 0.57 -4.07
N SER A 345 13.42 1.62 -3.37
CA SER A 345 14.35 2.62 -2.86
C SER A 345 15.18 2.06 -1.71
N HIS A 346 14.54 1.30 -0.82
CA HIS A 346 15.25 0.62 0.24
C HIS A 346 15.96 -0.60 -0.33
N PRO A 347 17.09 -1.01 0.28
CA PRO A 347 17.73 -2.26 -0.15
C PRO A 347 16.78 -3.44 -0.02
N HIS A 348 16.72 -4.28 -1.06
CA HIS A 348 15.74 -5.36 -1.12
C HIS A 348 16.31 -6.66 -1.67
N ASP A 349 15.62 -7.75 -1.42
CA ASP A 349 15.97 -9.08 -1.93
C ASP A 349 17.39 -9.50 -1.58
N ILE A 350 17.83 -9.15 -0.37
CA ILE A 350 19.13 -9.60 0.11
C ILE A 350 19.16 -9.63 1.64
N ASN A 351 19.75 -10.68 2.20
CA ASN A 351 19.89 -10.81 3.64
C ASN A 351 21.12 -10.07 4.13
N ILE A 352 20.91 -8.85 4.64
CA ILE A 352 22.01 -8.02 5.12
C ILE A 352 22.70 -8.68 6.32
N THR A 353 24.02 -8.75 6.27
CA THR A 353 24.80 -9.41 7.32
C THR A 353 25.60 -8.42 8.15
N LYS A 354 25.78 -7.23 7.60
CA LYS A 354 26.54 -6.18 8.29
C LYS A 354 25.72 -4.90 8.35
N GLU A 355 25.52 -4.38 9.56
CA GLU A 355 24.70 -3.19 9.75
C GLU A 355 25.46 -1.94 9.31
N ALA A 356 24.90 -1.24 8.33
CA ALA A 356 25.48 0.01 7.84
C ALA A 356 25.35 1.11 8.89
N PRO A 357 26.39 1.96 9.01
CA PRO A 357 26.43 3.01 10.04
C PRO A 357 25.38 4.12 9.83
N ASN A 358 24.69 4.11 8.70
CA ASN A 358 23.69 5.13 8.40
C ASN A 358 22.39 4.54 7.86
N TYR A 359 22.20 3.23 8.04
CA TYR A 359 20.96 2.57 7.66
C TYR A 359 20.56 1.44 8.61
N SER A 360 19.42 1.60 9.26
CA SER A 360 18.82 0.58 10.13
C SER A 360 19.80 0.06 11.19
N ILE B 7 4.66 16.01 -6.56
CA ILE B 7 4.61 17.45 -6.79
C ILE B 7 4.84 17.76 -8.26
N LEU B 8 5.98 17.35 -8.78
CA LEU B 8 6.29 17.52 -10.20
C LEU B 8 5.50 16.50 -11.03
N LYS B 9 5.68 15.23 -10.68
CA LYS B 9 4.91 14.15 -11.29
C LYS B 9 5.03 12.87 -10.46
N THR B 10 4.37 11.82 -10.91
CA THR B 10 4.47 10.52 -10.27
C THR B 10 5.30 9.57 -11.12
N ALA B 11 6.47 9.19 -10.61
CA ALA B 11 7.33 8.26 -11.34
C ALA B 11 7.03 6.84 -10.91
N TYR B 12 7.13 5.91 -11.85
CA TYR B 12 6.77 4.52 -11.60
C TYR B 12 7.97 3.59 -11.71
N THR B 13 7.92 2.48 -10.97
CA THR B 13 8.93 1.44 -11.07
C THR B 13 8.35 0.24 -11.81
N PHE B 14 9.07 -0.87 -11.80
CA PHE B 14 8.65 -2.06 -12.54
C PHE B 14 7.41 -2.72 -11.94
N ASP B 15 7.38 -2.82 -10.62
CA ASP B 15 6.25 -3.45 -9.92
C ASP B 15 4.94 -2.70 -10.14
N ASP B 16 5.04 -1.44 -10.52
CA ASP B 16 3.86 -0.61 -10.72
C ASP B 16 3.12 -0.95 -12.01
N VAL B 17 3.84 -1.46 -13.01
CA VAL B 17 3.22 -1.65 -14.31
C VAL B 17 3.20 -3.08 -14.84
N LEU B 18 2.33 -3.31 -15.82
CA LEU B 18 2.26 -4.57 -16.54
C LEU B 18 2.11 -4.28 -18.03
N LEU B 19 2.59 -5.18 -18.87
CA LEU B 19 2.46 -5.02 -20.31
C LEU B 19 1.15 -5.62 -20.79
N VAL B 20 0.55 -4.96 -21.78
CA VAL B 20 -0.69 -5.44 -22.38
C VAL B 20 -0.38 -6.32 -23.59
N PRO B 21 -1.01 -7.51 -23.65
CA PRO B 21 -0.81 -8.45 -24.77
C PRO B 21 -1.31 -7.91 -26.10
N ASN B 22 -0.53 -8.13 -27.16
CA ASN B 22 -0.97 -7.78 -28.51
C ASN B 22 -1.33 -9.05 -29.29
N LYS B 23 -1.89 -8.88 -30.49
CA LYS B 23 -2.07 -10.02 -31.39
C LYS B 23 -0.69 -10.59 -31.71
N SER B 24 -0.56 -11.90 -31.74
CA SER B 24 0.73 -12.54 -31.93
C SER B 24 0.72 -13.60 -33.02
N GLU B 25 1.59 -13.43 -34.00
CA GLU B 25 1.73 -14.41 -35.08
C GLU B 25 3.09 -15.09 -34.98
N VAL B 26 3.71 -14.97 -33.81
CA VAL B 26 5.01 -15.57 -33.55
C VAL B 26 4.98 -16.43 -32.29
N LEU B 27 5.90 -17.38 -32.20
CA LEU B 27 6.03 -18.21 -31.02
C LEU B 27 7.34 -17.88 -30.32
N PRO B 28 7.40 -18.06 -28.98
CA PRO B 28 8.58 -17.69 -28.18
C PRO B 28 9.91 -18.25 -28.70
N ASN B 29 9.89 -19.36 -29.42
CA ASN B 29 11.12 -19.95 -29.93
C ASN B 29 11.47 -19.44 -31.33
N GLU B 30 10.78 -18.40 -31.78
CA GLU B 30 10.98 -17.86 -33.12
C GLU B 30 11.56 -16.46 -33.10
N VAL B 31 11.55 -15.83 -31.93
CA VAL B 31 11.94 -14.43 -31.80
C VAL B 31 13.46 -14.23 -31.72
N SER B 32 13.89 -13.03 -32.07
CA SER B 32 15.32 -12.68 -32.03
C SER B 32 15.61 -11.71 -30.89
N LEU B 33 16.65 -12.01 -30.12
CA LEU B 33 17.01 -11.20 -28.98
C LEU B 33 18.22 -10.31 -29.27
N LYS B 34 18.66 -10.27 -30.53
CA LYS B 34 19.81 -9.47 -30.89
C LYS B 34 19.57 -7.98 -30.61
N THR B 35 20.49 -7.39 -29.86
CA THR B 35 20.40 -5.97 -29.52
C THR B 35 21.66 -5.22 -29.94
N GLN B 36 21.59 -3.90 -29.84
CA GLN B 36 22.71 -3.05 -30.26
C GLN B 36 23.20 -2.20 -29.08
N LEU B 37 24.26 -2.66 -28.42
CA LEU B 37 24.85 -1.97 -27.28
C LEU B 37 25.30 -0.55 -27.66
N THR B 38 26.32 -0.48 -28.51
CA THR B 38 26.70 0.79 -29.14
C THR B 38 26.45 0.63 -30.62
N LYS B 39 26.78 1.66 -31.41
CA LYS B 39 26.53 1.61 -32.84
C LYS B 39 27.42 0.58 -33.54
N LYS B 40 28.43 0.09 -32.82
CA LYS B 40 29.39 -0.84 -33.41
C LYS B 40 29.38 -2.22 -32.73
N ILE B 41 28.97 -2.25 -31.46
CA ILE B 41 28.95 -3.49 -30.70
C ILE B 41 27.54 -4.10 -30.63
N GLN B 42 27.39 -5.29 -31.19
CA GLN B 42 26.11 -6.00 -31.17
C GLN B 42 26.14 -7.20 -30.23
N LEU B 43 25.08 -7.36 -29.45
CA LEU B 43 24.95 -8.52 -28.57
C LEU B 43 23.90 -9.47 -29.10
N ASN B 44 23.96 -10.74 -28.67
CA ASN B 44 22.96 -11.72 -29.06
C ASN B 44 21.82 -11.77 -28.06
N ILE B 45 22.10 -11.42 -26.81
CA ILE B 45 21.07 -11.24 -25.80
C ILE B 45 21.34 -9.95 -25.02
N PRO B 46 20.28 -9.21 -24.68
CA PRO B 46 20.45 -7.90 -24.03
C PRO B 46 20.79 -7.97 -22.55
N LEU B 47 21.70 -8.86 -22.18
CA LEU B 47 22.08 -9.03 -20.78
C LEU B 47 23.56 -8.72 -20.56
N MET B 48 23.87 -8.12 -19.42
CA MET B 48 25.26 -7.83 -19.07
C MET B 48 25.42 -7.81 -17.55
N SER B 49 26.50 -8.41 -17.07
CA SER B 49 26.74 -8.52 -15.63
C SER B 49 27.33 -7.23 -15.07
N ALA B 50 26.91 -6.87 -13.86
CA ALA B 50 27.32 -5.62 -13.24
C ALA B 50 28.80 -5.59 -12.91
N SER B 51 29.41 -4.41 -13.03
CA SER B 51 30.83 -4.23 -12.73
C SER B 51 31.04 -4.12 -11.23
N MET B 52 30.90 -5.22 -10.53
CA MET B 52 31.02 -5.22 -9.08
C MET B 52 31.99 -6.30 -8.60
N ASP B 53 32.70 -6.01 -7.52
CA ASP B 53 33.77 -6.88 -7.03
C ASP B 53 33.26 -8.24 -6.58
N THR B 54 31.95 -8.40 -6.49
CA THR B 54 31.36 -9.67 -6.10
C THR B 54 30.52 -10.25 -7.23
N VAL B 55 30.62 -9.64 -8.41
CA VAL B 55 29.81 -10.07 -9.56
C VAL B 55 30.64 -10.45 -10.79
N THR B 56 31.44 -9.53 -11.30
CA THR B 56 32.11 -9.75 -12.58
C THR B 56 33.65 -9.73 -12.53
N GLU B 57 34.24 -10.90 -12.69
CA GLU B 57 35.67 -11.02 -12.95
C GLU B 57 35.86 -11.76 -14.27
N SER B 58 37.10 -12.15 -14.57
CA SER B 58 37.42 -12.80 -15.85
C SER B 58 36.59 -14.07 -16.06
N LYS B 59 36.34 -14.81 -14.99
CA LYS B 59 35.55 -16.02 -15.07
C LYS B 59 34.10 -15.72 -15.46
N MET B 60 33.54 -14.69 -14.85
CA MET B 60 32.16 -14.28 -15.12
C MET B 60 32.04 -13.64 -16.50
N ALA B 61 33.03 -12.83 -16.87
CA ALA B 61 33.01 -12.12 -18.14
C ALA B 61 33.11 -13.08 -19.32
N ILE B 62 33.82 -14.19 -19.11
CA ILE B 62 33.92 -15.23 -20.13
C ILE B 62 32.58 -15.92 -20.34
N ALA B 63 31.93 -16.31 -19.25
CA ALA B 63 30.66 -17.01 -19.32
C ALA B 63 29.56 -16.13 -19.92
N MET B 64 29.56 -14.85 -19.57
CA MET B 64 28.60 -13.90 -20.11
C MET B 64 28.73 -13.74 -21.62
N ALA B 65 29.97 -13.72 -22.10
CA ALA B 65 30.24 -13.54 -23.52
C ALA B 65 29.82 -14.76 -24.31
N ARG B 66 30.16 -15.95 -23.81
CA ARG B 66 29.84 -17.20 -24.50
C ARG B 66 28.34 -17.44 -24.51
N GLU B 67 27.63 -16.78 -23.60
CA GLU B 67 26.19 -16.93 -23.50
C GLU B 67 25.46 -15.95 -24.40
N GLY B 68 26.21 -15.04 -25.01
CA GLY B 68 25.65 -14.06 -25.91
C GLY B 68 25.64 -12.63 -25.40
N GLY B 69 25.93 -12.46 -24.11
CA GLY B 69 25.95 -11.14 -23.51
C GLY B 69 27.36 -10.59 -23.37
N ILE B 70 27.59 -9.83 -22.31
CA ILE B 70 28.91 -9.24 -22.08
C ILE B 70 29.12 -8.94 -20.60
N GLY B 71 30.32 -9.28 -20.11
CA GLY B 71 30.67 -8.99 -18.74
C GLY B 71 31.41 -7.67 -18.65
N ILE B 72 31.28 -6.99 -17.52
CA ILE B 72 32.01 -5.74 -17.33
C ILE B 72 32.93 -5.83 -16.12
N ILE B 73 34.24 -5.95 -16.38
CA ILE B 73 35.23 -6.08 -15.32
C ILE B 73 35.25 -4.86 -14.39
N HIS B 74 35.18 -5.11 -13.09
CA HIS B 74 35.16 -4.02 -12.11
C HIS B 74 36.54 -3.38 -11.95
N LYS B 75 36.56 -2.18 -11.37
CA LYS B 75 37.77 -1.39 -11.22
C LYS B 75 38.32 -1.41 -9.80
N ASN B 76 37.81 -2.31 -8.96
CA ASN B 76 38.28 -2.41 -7.58
C ASN B 76 39.54 -3.25 -7.47
N MET B 77 40.53 -2.94 -8.30
CA MET B 77 41.79 -3.67 -8.32
C MET B 77 42.87 -2.81 -8.99
N THR B 78 44.12 -3.27 -8.92
CA THR B 78 45.21 -2.51 -9.52
C THR B 78 45.07 -2.46 -11.04
N ILE B 79 45.55 -1.37 -11.64
CA ILE B 79 45.46 -1.16 -13.09
C ILE B 79 46.09 -2.32 -13.85
N GLU B 80 47.17 -2.87 -13.31
CA GLU B 80 47.84 -4.01 -13.93
C GLU B 80 46.93 -5.23 -13.91
N ASP B 81 46.26 -5.45 -12.78
CA ASP B 81 45.39 -6.60 -12.61
C ASP B 81 44.15 -6.54 -13.49
N GLN B 82 43.59 -5.34 -13.61
CA GLN B 82 42.40 -5.15 -14.44
C GLN B 82 42.73 -5.41 -15.91
N ALA B 83 43.93 -5.01 -16.33
CA ALA B 83 44.37 -5.27 -17.70
C ALA B 83 44.54 -6.77 -17.93
N ARG B 84 45.01 -7.48 -16.91
CA ARG B 84 45.18 -8.93 -17.00
C ARG B 84 43.84 -9.66 -17.05
N GLU B 85 42.85 -9.15 -16.32
CA GLU B 85 41.51 -9.72 -16.33
C GLU B 85 40.90 -9.62 -17.73
N VAL B 86 41.09 -8.49 -18.38
CA VAL B 86 40.59 -8.27 -19.73
C VAL B 86 41.32 -9.16 -20.72
N ASP B 87 42.64 -9.26 -20.55
CA ASP B 87 43.49 -10.04 -21.43
C ASP B 87 43.13 -11.52 -21.37
N ARG B 88 42.68 -11.97 -20.20
CA ARG B 88 42.24 -13.35 -20.02
C ARG B 88 40.99 -13.63 -20.84
N VAL B 89 40.09 -12.66 -20.87
CA VAL B 89 38.83 -12.80 -21.59
C VAL B 89 39.06 -12.78 -23.11
N LYS B 90 39.90 -11.86 -23.57
CA LYS B 90 40.10 -11.69 -25.01
C LYS B 90 40.98 -12.80 -25.62
N ARG B 91 41.83 -13.42 -24.80
CA ARG B 91 42.72 -14.47 -25.28
C ARG B 91 41.98 -15.77 -25.52
N SER B 92 41.07 -16.12 -24.63
CA SER B 92 40.26 -17.31 -24.77
C SER B 92 39.13 -17.07 -25.77
N GLY B 93 39.42 -17.30 -27.05
CA GLY B 93 38.45 -17.06 -28.10
C GLY B 93 38.26 -15.58 -28.39
N GLY B 94 37.59 -15.27 -29.49
CA GLY B 94 37.30 -13.89 -29.83
C GLY B 94 36.09 -13.40 -29.07
N LEU B 95 36.31 -12.91 -27.85
CA LEU B 95 35.22 -12.58 -26.94
C LEU B 95 35.13 -11.10 -26.61
N LEU B 96 33.90 -10.60 -26.45
CA LEU B 96 33.64 -9.24 -26.03
C LEU B 96 33.96 -9.05 -24.55
N CYS B 97 34.49 -7.88 -24.19
CA CYS B 97 34.81 -7.59 -22.80
C CYS B 97 34.68 -6.10 -22.51
N GLY B 98 34.26 -5.78 -21.29
CA GLY B 98 34.14 -4.40 -20.85
C GLY B 98 35.02 -4.12 -19.65
N ALA B 99 35.40 -2.86 -19.49
CA ALA B 99 36.21 -2.45 -18.35
C ALA B 99 35.63 -1.20 -17.70
N SER B 100 35.66 -1.18 -16.37
CA SER B 100 35.13 -0.06 -15.61
C SER B 100 36.21 0.96 -15.28
N ILE B 101 35.93 2.22 -15.55
CA ILE B 101 36.84 3.32 -15.24
C ILE B 101 36.13 4.36 -14.38
N GLY B 102 36.82 4.91 -13.39
CA GLY B 102 36.25 5.94 -12.54
C GLY B 102 36.96 7.28 -12.72
N VAL B 103 36.27 8.36 -12.34
CA VAL B 103 36.86 9.69 -12.41
C VAL B 103 37.94 9.84 -11.34
N THR B 104 39.18 9.57 -11.72
CA THR B 104 40.31 9.62 -10.80
C THR B 104 41.47 10.40 -11.41
N ASN B 105 42.61 10.39 -10.74
CA ASN B 105 43.82 11.04 -11.25
C ASN B 105 44.50 10.19 -12.31
N ASP B 106 44.54 8.87 -12.07
CA ASP B 106 45.14 7.93 -13.01
C ASP B 106 44.09 7.34 -13.94
N MET B 107 43.05 8.12 -14.24
CA MET B 107 41.97 7.67 -15.10
C MET B 107 42.46 7.29 -16.50
N MET B 108 43.24 8.18 -17.12
CA MET B 108 43.70 7.96 -18.48
C MET B 108 44.66 6.79 -18.61
N GLU B 109 45.51 6.60 -17.59
CA GLU B 109 46.47 5.51 -17.61
C GLU B 109 45.77 4.17 -17.44
N ARG B 110 44.68 4.16 -16.69
N ARG B 110 44.68 4.15 -16.70
CA ARG B 110 43.86 2.95 -16.55
CA ARG B 110 43.86 2.95 -16.55
C ARG B 110 43.20 2.64 -17.89
C ARG B 110 43.16 2.64 -17.87
N VAL B 111 42.76 3.69 -18.58
CA VAL B 111 42.17 3.55 -19.91
C VAL B 111 43.23 3.11 -20.90
N ASP B 112 44.43 3.69 -20.78
CA ASP B 112 45.57 3.32 -21.61
C ASP B 112 45.88 1.82 -21.50
N ALA B 113 45.81 1.30 -20.29
CA ALA B 113 46.16 -0.09 -20.01
C ALA B 113 45.17 -1.08 -20.61
N VAL B 114 43.88 -0.82 -20.41
CA VAL B 114 42.84 -1.73 -20.89
C VAL B 114 42.73 -1.70 -22.41
N VAL B 115 43.01 -0.55 -23.01
CA VAL B 115 43.02 -0.42 -24.47
C VAL B 115 44.16 -1.26 -25.05
N LYS B 116 45.28 -1.29 -24.35
CA LYS B 116 46.42 -2.12 -24.75
C LYS B 116 46.05 -3.59 -24.63
N ALA B 117 45.12 -3.90 -23.75
CA ALA B 117 44.65 -5.27 -23.55
C ALA B 117 43.48 -5.59 -24.48
N LYS B 118 43.31 -4.75 -25.51
CA LYS B 118 42.32 -4.94 -26.57
C LYS B 118 40.87 -5.01 -26.07
N VAL B 119 40.55 -4.17 -25.07
CA VAL B 119 39.19 -4.12 -24.53
C VAL B 119 38.22 -3.52 -25.54
N ASP B 120 36.97 -3.96 -25.51
CA ASP B 120 35.99 -3.55 -26.52
C ASP B 120 35.25 -2.28 -26.14
N VAL B 121 34.87 -2.16 -24.88
CA VAL B 121 34.10 -1.01 -24.44
C VAL B 121 34.52 -0.57 -23.05
N ILE B 122 34.59 0.74 -22.84
CA ILE B 122 34.88 1.31 -21.54
C ILE B 122 33.59 1.86 -20.93
N VAL B 123 33.43 1.72 -19.62
CA VAL B 123 32.27 2.31 -18.95
C VAL B 123 32.70 3.21 -17.80
N LEU B 124 32.43 4.50 -17.96
CA LEU B 124 32.70 5.47 -16.92
C LEU B 124 31.55 5.51 -15.93
N ASP B 125 31.57 4.60 -14.96
CA ASP B 125 30.49 4.52 -13.99
C ASP B 125 30.84 5.26 -12.71
N THR B 126 29.90 6.09 -12.25
CA THR B 126 30.03 6.79 -10.99
C THR B 126 28.64 6.93 -10.38
N ALA B 127 28.59 7.36 -9.12
CA ALA B 127 27.33 7.57 -8.44
C ALA B 127 26.49 8.63 -9.16
N HIS B 128 27.14 9.72 -9.56
CA HIS B 128 26.45 10.82 -10.26
C HIS B 128 27.04 11.06 -11.64
N GLY B 129 26.44 10.44 -12.65
CA GLY B 129 26.92 10.56 -14.01
C GLY B 129 26.79 11.95 -14.61
N HIS B 130 25.80 12.71 -14.13
CA HIS B 130 25.57 14.06 -14.66
C HIS B 130 26.42 15.08 -13.90
N SER B 131 27.72 14.79 -13.82
CA SER B 131 28.66 15.65 -13.14
C SER B 131 29.71 16.19 -14.12
N LYS B 132 30.41 17.24 -13.70
CA LYS B 132 31.44 17.85 -14.53
C LYS B 132 32.60 16.90 -14.79
N GLY B 133 32.95 16.11 -13.77
CA GLY B 133 34.06 15.18 -13.86
C GLY B 133 33.89 14.13 -14.94
N VAL B 134 32.67 13.65 -15.12
CA VAL B 134 32.39 12.66 -16.15
C VAL B 134 32.37 13.29 -17.53
N ILE B 135 31.69 14.43 -17.66
CA ILE B 135 31.61 15.14 -18.93
C ILE B 135 33.00 15.51 -19.47
N GLU B 136 33.81 16.16 -18.65
CA GLU B 136 35.17 16.51 -19.03
C GLU B 136 36.03 15.26 -19.18
N GLY B 137 35.69 14.21 -18.42
CA GLY B 137 36.40 12.95 -18.49
C GLY B 137 36.17 12.21 -19.78
N VAL B 138 34.91 12.16 -20.22
CA VAL B 138 34.56 11.52 -21.48
C VAL B 138 35.19 12.25 -22.66
N LYS B 139 35.22 13.58 -22.58
CA LYS B 139 35.77 14.40 -23.65
C LYS B 139 37.27 14.16 -23.82
N ARG B 140 37.95 13.76 -22.75
CA ARG B 140 39.38 13.47 -22.83
C ARG B 140 39.62 12.10 -23.46
N ILE B 141 38.84 11.12 -23.03
CA ILE B 141 38.96 9.76 -23.54
C ILE B 141 38.62 9.72 -25.02
N LYS B 142 37.59 10.46 -25.41
CA LYS B 142 37.18 10.50 -26.81
C LYS B 142 38.16 11.28 -27.68
N ALA B 143 38.92 12.18 -27.07
CA ALA B 143 39.90 12.99 -27.81
C ALA B 143 41.16 12.20 -28.12
N LYS B 144 41.49 11.27 -27.22
CA LYS B 144 42.66 10.43 -27.41
C LYS B 144 42.29 9.17 -28.18
N TYR B 145 41.15 8.59 -27.84
CA TYR B 145 40.67 7.38 -28.49
C TYR B 145 39.31 7.59 -29.14
N PRO B 146 39.29 8.14 -30.36
CA PRO B 146 38.04 8.42 -31.06
C PRO B 146 37.30 7.17 -31.50
N GLU B 147 38.01 6.04 -31.60
CA GLU B 147 37.43 4.80 -32.09
C GLU B 147 37.01 3.88 -30.93
N LEU B 148 37.30 4.29 -29.70
CA LEU B 148 36.97 3.49 -28.53
C LEU B 148 35.54 3.72 -28.05
N GLN B 149 34.76 2.64 -27.93
CA GLN B 149 33.37 2.74 -27.51
C GLN B 149 33.26 3.04 -26.02
N VAL B 150 32.49 4.07 -25.67
CA VAL B 150 32.41 4.54 -24.30
C VAL B 150 30.97 4.54 -23.77
N ILE B 151 30.78 3.90 -22.61
CA ILE B 151 29.51 3.95 -21.89
C ILE B 151 29.67 4.86 -20.67
N ALA B 152 28.72 5.77 -20.47
CA ALA B 152 28.83 6.72 -19.37
C ALA B 152 27.60 6.70 -18.47
N GLY B 153 27.82 6.58 -17.17
CA GLY B 153 26.73 6.59 -16.21
C GLY B 153 27.19 6.98 -14.81
N ASN B 154 26.25 7.07 -13.88
CA ASN B 154 24.84 6.80 -14.16
C ASN B 154 23.97 8.04 -14.11
N ILE B 155 22.98 8.09 -14.99
CA ILE B 155 22.06 9.21 -15.05
C ILE B 155 20.63 8.75 -14.77
N ALA B 156 19.71 9.70 -14.67
CA ALA B 156 18.31 9.37 -14.42
C ALA B 156 17.37 10.37 -15.08
N THR B 157 17.93 11.37 -15.76
CA THR B 157 17.15 12.40 -16.42
C THR B 157 17.57 12.58 -17.87
N PRO B 158 16.60 12.95 -18.74
CA PRO B 158 16.88 13.19 -20.17
C PRO B 158 17.94 14.26 -20.42
N GLU B 159 18.01 15.26 -19.55
CA GLU B 159 18.98 16.35 -19.71
C GLU B 159 20.40 15.83 -19.64
N ALA B 160 20.60 14.80 -18.84
CA ALA B 160 21.91 14.18 -18.67
C ALA B 160 22.28 13.34 -19.88
N VAL B 161 21.27 12.79 -20.54
CA VAL B 161 21.49 12.06 -21.79
C VAL B 161 22.00 13.02 -22.85
N ARG B 162 21.45 14.23 -22.87
N ARG B 162 21.43 14.22 -22.92
CA ARG B 162 21.79 15.24 -23.86
CA ARG B 162 21.85 15.21 -23.90
C ARG B 162 23.21 15.81 -23.64
C ARG B 162 23.29 15.67 -23.65
N ASP B 163 23.65 15.83 -22.38
CA ASP B 163 24.96 16.33 -22.02
C ASP B 163 26.06 15.28 -22.26
N LEU B 164 25.80 14.04 -21.86
CA LEU B 164 26.79 12.98 -22.00
C LEU B 164 27.01 12.59 -23.45
N ALA B 165 25.93 12.54 -24.23
CA ALA B 165 26.03 12.26 -25.65
C ALA B 165 26.83 13.35 -26.37
N GLU B 166 26.65 14.58 -25.90
CA GLU B 166 27.32 15.75 -26.46
C GLU B 166 28.80 15.75 -26.10
N ALA B 167 29.12 15.09 -24.98
CA ALA B 167 30.50 14.94 -24.53
C ALA B 167 31.23 13.90 -25.37
N GLY B 168 30.47 13.10 -26.11
CA GLY B 168 31.04 12.12 -27.01
C GLY B 168 30.72 10.67 -26.66
N ALA B 169 29.90 10.47 -25.64
CA ALA B 169 29.55 9.12 -25.20
C ALA B 169 28.80 8.38 -26.30
N ASP B 170 28.97 7.05 -26.33
CA ASP B 170 28.35 6.22 -27.35
C ASP B 170 27.13 5.53 -26.78
N CYS B 171 27.05 5.49 -25.46
CA CYS B 171 25.94 4.87 -24.74
C CYS B 171 25.88 5.38 -23.30
N VAL B 172 24.69 5.35 -22.70
CA VAL B 172 24.54 5.80 -21.32
C VAL B 172 23.87 4.73 -20.45
N LYS B 173 24.26 4.68 -19.17
CA LYS B 173 23.69 3.72 -18.24
C LYS B 173 22.76 4.44 -17.25
N VAL B 174 21.54 3.93 -17.14
CA VAL B 174 20.49 4.60 -16.35
C VAL B 174 20.20 3.88 -15.04
N GLY B 175 20.15 4.63 -13.94
CA GLY B 175 19.81 4.06 -12.64
C GLY B 175 20.51 4.70 -11.46
N ILE B 176 19.74 5.41 -10.63
CA ILE B 176 20.26 5.98 -9.39
C ILE B 176 19.30 5.63 -8.25
N GLY B 177 19.61 4.55 -7.54
CA GLY B 177 18.70 4.06 -6.52
C GLY B 177 18.15 2.64 -6.64
N PRO B 178 17.90 2.14 -7.87
CA PRO B 178 17.18 0.87 -7.94
C PRO B 178 17.89 -0.34 -7.33
N GLY B 179 19.22 -0.31 -7.26
CA GLY B 179 20.02 -1.44 -6.81
C GLY B 179 19.52 -2.12 -5.55
N SER B 180 19.60 -3.44 -5.54
CA SER B 180 19.16 -4.22 -4.39
C SER B 180 20.02 -3.95 -3.16
N ILE B 181 21.28 -3.57 -3.39
CA ILE B 181 22.19 -3.28 -2.30
C ILE B 181 22.39 -1.78 -2.11
N CYS B 182 21.52 -0.98 -2.73
CA CYS B 182 21.66 0.47 -2.76
C CYS B 182 20.86 1.17 -1.66
N THR B 183 21.48 2.17 -1.04
CA THR B 183 20.81 2.97 -0.02
C THR B 183 20.92 4.47 -0.34
N THR B 184 21.24 4.78 -1.59
CA THR B 184 21.38 6.16 -2.04
C THR B 184 20.10 7.00 -1.85
N ARG B 185 18.96 6.41 -2.18
CA ARG B 185 17.68 7.09 -2.05
C ARG B 185 17.30 7.29 -0.59
N ILE B 186 18.00 6.60 0.30
CA ILE B 186 17.69 6.63 1.73
C ILE B 186 18.62 7.56 2.49
N VAL B 187 19.89 7.57 2.08
CA VAL B 187 20.88 8.36 2.80
C VAL B 187 21.09 9.74 2.16
N ALA B 188 20.75 9.84 0.88
CA ALA B 188 20.87 11.11 0.17
C ALA B 188 19.50 11.68 -0.17
N GLY B 189 18.50 10.80 -0.30
CA GLY B 189 17.15 11.19 -0.64
C GLY B 189 17.02 11.48 -2.13
N VAL B 190 18.01 11.02 -2.90
CA VAL B 190 18.07 11.29 -4.32
C VAL B 190 17.81 10.02 -5.15
N GLY B 191 17.02 10.15 -6.21
CA GLY B 191 16.79 9.03 -7.10
C GLY B 191 15.52 9.17 -7.93
N VAL B 192 15.40 8.32 -8.95
CA VAL B 192 14.18 8.25 -9.76
C VAL B 192 13.81 6.79 -9.99
N PRO B 193 12.54 6.43 -9.68
CA PRO B 193 12.02 5.08 -9.95
C PRO B 193 12.39 4.60 -11.35
N GLN B 194 12.97 3.40 -11.41
CA GLN B 194 13.75 2.97 -12.58
C GLN B 194 12.97 2.93 -13.89
N LEU B 195 11.71 2.48 -13.85
CA LEU B 195 10.94 2.37 -15.07
C LEU B 195 10.72 3.72 -15.73
N THR B 196 10.28 4.70 -14.95
CA THR B 196 10.08 6.06 -15.44
C THR B 196 11.42 6.63 -15.90
N ALA B 197 12.46 6.37 -15.11
CA ALA B 197 13.81 6.82 -15.45
C ALA B 197 14.27 6.25 -16.79
N VAL B 198 13.98 4.98 -17.04
CA VAL B 198 14.43 4.32 -18.27
C VAL B 198 13.71 4.86 -19.50
N MET B 199 12.38 4.91 -19.45
CA MET B 199 11.62 5.32 -20.62
C MET B 199 11.78 6.81 -20.92
N ASP B 200 12.12 7.59 -19.89
CA ASP B 200 12.43 9.01 -20.09
C ASP B 200 13.75 9.18 -20.86
N CYS B 201 14.77 8.48 -20.39
CA CYS B 201 16.11 8.59 -20.99
C CYS B 201 16.18 7.90 -22.36
N ALA B 202 15.46 6.80 -22.52
CA ALA B 202 15.48 6.07 -23.78
C ALA B 202 14.82 6.89 -24.88
N GLU B 203 13.79 7.63 -24.52
CA GLU B 203 13.09 8.48 -25.47
C GLU B 203 13.99 9.59 -25.96
N GLU B 204 14.73 10.19 -25.03
CA GLU B 204 15.66 11.27 -25.35
C GLU B 204 16.83 10.72 -26.16
N GLY B 205 17.31 9.54 -25.78
CA GLY B 205 18.41 8.91 -26.47
C GLY B 205 18.02 8.44 -27.86
N LYS B 206 16.74 8.15 -28.05
CA LYS B 206 16.25 7.72 -29.36
C LYS B 206 16.36 8.85 -30.37
N LYS B 207 16.14 10.09 -29.91
CA LYS B 207 16.22 11.25 -30.78
C LYS B 207 17.66 11.53 -31.19
N LEU B 208 18.57 11.42 -30.24
CA LEU B 208 19.99 11.70 -30.48
C LEU B 208 20.72 10.48 -31.04
N GLY B 209 20.02 9.36 -31.12
CA GLY B 209 20.60 8.14 -31.65
C GLY B 209 21.56 7.48 -30.70
N ILE B 210 21.36 7.70 -29.40
CA ILE B 210 22.21 7.12 -28.37
C ILE B 210 21.42 6.15 -27.49
N PRO B 211 21.72 4.86 -27.57
CA PRO B 211 21.02 3.83 -26.78
C PRO B 211 21.27 3.98 -25.28
N VAL B 212 20.37 3.43 -24.47
CA VAL B 212 20.51 3.52 -23.01
C VAL B 212 20.53 2.13 -22.37
N ILE B 213 21.12 2.05 -21.18
CA ILE B 213 21.19 0.78 -20.46
C ILE B 213 20.44 0.83 -19.13
N ALA B 214 19.46 -0.07 -18.98
CA ALA B 214 18.70 -0.21 -17.75
C ALA B 214 19.51 -0.95 -16.71
N ASP B 215 19.96 -0.23 -15.67
CA ASP B 215 20.86 -0.80 -14.69
C ASP B 215 20.28 -0.84 -13.28
N GLY B 216 20.08 -2.04 -12.75
CA GLY B 216 19.66 -2.23 -11.37
C GLY B 216 18.16 -2.25 -11.15
N GLY B 217 17.73 -3.01 -10.14
CA GLY B 217 16.34 -3.08 -9.75
C GLY B 217 15.55 -4.23 -10.35
N LEU B 218 16.24 -5.06 -11.13
CA LEU B 218 15.59 -6.17 -11.82
C LEU B 218 15.60 -7.45 -10.98
N LYS B 219 14.42 -7.88 -10.53
CA LYS B 219 14.30 -9.06 -9.67
C LYS B 219 13.97 -10.33 -10.47
N TYR B 220 13.03 -10.22 -11.40
CA TYR B 220 12.58 -11.37 -12.18
C TYR B 220 12.76 -11.15 -13.68
N SER B 221 12.63 -12.23 -14.45
CA SER B 221 12.79 -12.15 -15.90
C SER B 221 11.77 -11.21 -16.56
N GLY B 222 10.59 -11.09 -15.95
CA GLY B 222 9.55 -10.22 -16.49
C GLY B 222 9.87 -8.74 -16.33
N ASP B 223 10.74 -8.44 -15.38
CA ASP B 223 11.19 -7.06 -15.18
C ASP B 223 12.02 -6.60 -16.38
N ILE B 224 12.84 -7.51 -16.90
CA ILE B 224 13.67 -7.23 -18.06
C ILE B 224 12.82 -6.93 -19.30
N VAL B 225 11.74 -7.70 -19.48
CA VAL B 225 10.86 -7.47 -20.61
C VAL B 225 10.27 -6.07 -20.52
N LYS B 226 9.93 -5.64 -19.31
CA LYS B 226 9.44 -4.28 -19.10
C LYS B 226 10.49 -3.24 -19.47
N ALA B 227 11.73 -3.47 -19.04
CA ALA B 227 12.81 -2.53 -19.31
C ALA B 227 13.10 -2.43 -20.80
N LEU B 228 13.05 -3.55 -21.51
CA LEU B 228 13.27 -3.56 -22.96
C LEU B 228 12.16 -2.85 -23.72
N ALA B 229 10.93 -3.03 -23.26
CA ALA B 229 9.79 -2.37 -23.86
C ALA B 229 9.82 -0.86 -23.58
N ALA B 230 10.47 -0.47 -22.49
CA ALA B 230 10.58 0.94 -22.13
C ALA B 230 11.60 1.68 -23.00
N GLY B 231 12.37 0.92 -23.78
CA GLY B 231 13.30 1.50 -24.73
C GLY B 231 14.76 1.20 -24.48
N ALA B 232 15.05 0.46 -23.40
CA ALA B 232 16.42 0.10 -23.08
C ALA B 232 16.95 -0.91 -24.08
N CYS B 233 18.24 -0.85 -24.38
CA CYS B 233 18.82 -1.74 -25.38
C CYS B 233 19.37 -2.98 -24.69
N ALA B 234 19.72 -2.83 -23.42
CA ALA B 234 20.30 -3.94 -22.65
C ALA B 234 20.02 -3.77 -21.17
N ALA B 235 20.00 -4.88 -20.46
CA ALA B 235 19.73 -4.88 -19.03
C ALA B 235 20.95 -5.31 -18.24
N MET B 236 21.36 -4.50 -17.26
CA MET B 236 22.50 -4.86 -16.41
C MET B 236 22.01 -5.32 -15.05
N MET B 237 22.58 -6.43 -14.58
CA MET B 237 22.15 -7.06 -13.34
C MET B 237 23.34 -7.53 -12.51
N GLY B 238 23.21 -7.43 -11.19
CA GLY B 238 24.25 -7.91 -10.30
C GLY B 238 23.72 -9.02 -9.42
N SER B 239 22.54 -8.80 -8.86
CA SER B 239 21.91 -9.72 -7.91
C SER B 239 21.61 -11.10 -8.50
N ILE B 240 21.06 -11.11 -9.71
CA ILE B 240 20.68 -12.35 -10.39
C ILE B 240 21.91 -13.26 -10.63
N PHE B 241 23.05 -12.64 -10.95
CA PHE B 241 24.27 -13.39 -11.25
C PHE B 241 25.13 -13.64 -10.01
N ALA B 242 24.93 -12.85 -8.97
CA ALA B 242 25.79 -12.87 -7.77
C ALA B 242 25.94 -14.25 -7.13
N GLY B 243 24.88 -15.05 -7.17
CA GLY B 243 24.90 -16.35 -6.53
C GLY B 243 25.39 -17.47 -7.44
N CYS B 244 25.87 -17.10 -8.62
CA CYS B 244 26.28 -18.11 -9.59
C CYS B 244 27.72 -18.53 -9.38
N GLU B 245 28.07 -19.69 -9.95
CA GLU B 245 29.40 -20.27 -9.80
C GLU B 245 30.50 -19.38 -10.37
N GLU B 246 30.25 -18.82 -11.54
CA GLU B 246 31.26 -18.01 -12.24
C GLU B 246 31.54 -16.69 -11.55
N ALA B 247 30.75 -16.36 -10.53
CA ALA B 247 30.94 -15.12 -9.80
C ALA B 247 32.08 -15.25 -8.80
N PRO B 248 32.82 -14.15 -8.58
CA PRO B 248 33.92 -14.15 -7.61
C PRO B 248 33.43 -14.29 -6.18
N GLY B 249 34.23 -14.94 -5.34
CA GLY B 249 33.88 -15.16 -3.95
C GLY B 249 33.67 -16.62 -3.64
N ALA B 250 34.03 -17.03 -2.42
CA ALA B 250 33.85 -18.42 -2.00
C ALA B 250 32.40 -18.68 -1.60
N ILE B 251 32.01 -19.95 -1.69
CA ILE B 251 30.67 -20.37 -1.28
C ILE B 251 30.63 -20.55 0.24
N GLU B 252 29.93 -19.64 0.92
CA GLU B 252 29.81 -19.70 2.37
C GLU B 252 28.52 -20.41 2.76
N ILE B 253 28.59 -21.26 3.79
CA ILE B 253 27.42 -21.99 4.26
C ILE B 253 26.79 -21.30 5.45
N TYR B 254 25.49 -20.99 5.33
CA TYR B 254 24.72 -20.36 6.39
C TYR B 254 23.46 -21.17 6.65
N GLN B 255 23.40 -21.82 7.82
CA GLN B 255 22.29 -22.69 8.20
C GLN B 255 22.08 -23.84 7.21
N GLY B 256 23.17 -24.43 6.75
CA GLY B 256 23.10 -25.62 5.91
C GLY B 256 22.70 -25.33 4.47
N ARG B 257 22.72 -24.06 4.10
CA ARG B 257 22.43 -23.67 2.72
C ARG B 257 23.62 -22.91 2.15
N SER B 258 23.82 -23.01 0.84
CA SER B 258 24.96 -22.37 0.20
C SER B 258 24.66 -20.92 -0.17
N TYR B 259 25.53 -20.02 0.24
CA TYR B 259 25.38 -18.60 -0.06
C TYR B 259 26.69 -17.99 -0.57
N LYS B 260 26.56 -16.91 -1.33
CA LYS B 260 27.72 -16.11 -1.71
C LYS B 260 27.56 -14.68 -1.19
N VAL B 261 28.68 -14.03 -0.88
CA VAL B 261 28.65 -12.66 -0.38
C VAL B 261 28.38 -11.68 -1.53
N TYR B 262 27.40 -10.79 -1.33
CA TYR B 262 27.07 -9.78 -2.32
C TYR B 262 26.93 -8.42 -1.66
N ARG B 263 27.82 -7.50 -2.02
CA ARG B 263 27.86 -6.19 -1.38
C ARG B 263 27.84 -5.07 -2.41
N GLY B 264 27.50 -3.87 -1.95
CA GLY B 264 27.46 -2.72 -2.83
C GLY B 264 28.86 -2.16 -3.07
N MET B 265 29.02 -1.47 -4.18
CA MET B 265 30.29 -0.85 -4.51
C MET B 265 30.54 0.35 -3.61
N GLY B 266 29.45 0.96 -3.12
CA GLY B 266 29.52 2.09 -2.23
C GLY B 266 29.31 1.69 -0.78
N SER B 267 29.37 0.38 -0.51
CA SER B 267 29.23 -0.12 0.85
C SER B 267 30.53 0.03 1.61
N LEU B 268 30.52 -0.32 2.89
CA LEU B 268 31.68 -0.15 3.76
C LEU B 268 32.83 -1.08 3.34
N GLY B 269 32.50 -2.35 3.10
CA GLY B 269 33.49 -3.34 2.76
C GLY B 269 34.23 -3.10 1.47
N ALA B 270 33.51 -2.66 0.44
CA ALA B 270 34.09 -2.41 -0.88
C ALA B 270 35.04 -1.21 -0.85
N MET B 271 34.72 -0.22 -0.02
CA MET B 271 35.55 0.98 0.11
C MET B 271 36.93 0.68 0.72
N ALA B 272 36.96 -0.26 1.67
CA ALA B 272 38.20 -0.63 2.35
C ALA B 272 39.18 -1.32 1.40
N LYS B 273 38.63 -2.04 0.43
CA LYS B 273 39.43 -2.73 -0.57
C LYS B 273 40.18 -1.74 -1.46
N GLY B 274 39.54 -0.59 -1.71
CA GLY B 274 40.14 0.46 -2.51
C GLY B 274 39.31 0.78 -3.74
N VAL B 288 31.09 8.32 3.71
CA VAL B 288 29.74 7.86 4.02
C VAL B 288 29.24 6.86 2.98
N PRO B 289 28.86 5.66 3.43
CA PRO B 289 28.46 4.56 2.54
C PRO B 289 27.07 4.73 1.94
N GLU B 290 26.89 4.24 0.71
CA GLU B 290 25.59 4.25 0.05
C GLU B 290 25.22 2.84 -0.41
N GLY B 291 25.71 1.84 0.31
CA GLY B 291 25.41 0.46 0.00
C GLY B 291 25.37 -0.43 1.23
N VAL B 292 24.83 -1.64 1.07
CA VAL B 292 24.82 -2.62 2.15
C VAL B 292 25.53 -3.90 1.73
N GLU B 293 25.93 -4.67 2.73
CA GLU B 293 26.60 -5.95 2.49
C GLU B 293 25.76 -7.09 3.01
N GLY B 294 25.56 -8.11 2.17
CA GLY B 294 24.77 -9.26 2.56
C GLY B 294 25.10 -10.51 1.77
N ARG B 295 24.26 -11.53 1.89
CA ARG B 295 24.47 -12.80 1.22
C ARG B 295 23.30 -13.18 0.31
N ILE B 296 23.59 -13.96 -0.73
CA ILE B 296 22.58 -14.43 -1.67
C ILE B 296 22.78 -15.91 -1.94
N ALA B 297 21.68 -16.67 -1.99
CA ALA B 297 21.72 -18.11 -2.21
C ALA B 297 22.48 -18.50 -3.47
N TYR B 298 23.31 -19.53 -3.36
CA TYR B 298 24.06 -20.07 -4.50
C TYR B 298 23.10 -20.64 -5.55
N LYS B 299 23.20 -20.14 -6.78
CA LYS B 299 22.27 -20.50 -7.83
C LYS B 299 22.82 -21.54 -8.79
N GLY B 300 24.13 -21.74 -8.79
CA GLY B 300 24.75 -22.74 -9.63
C GLY B 300 25.47 -22.15 -10.84
N HIS B 301 25.43 -22.87 -11.95
CA HIS B 301 26.09 -22.39 -13.17
C HIS B 301 25.28 -21.30 -13.86
N LEU B 302 25.99 -20.39 -14.51
CA LEU B 302 25.38 -19.23 -15.15
C LEU B 302 24.42 -19.61 -16.27
N ALA B 303 24.77 -20.65 -17.02
CA ALA B 303 23.97 -21.10 -18.14
C ALA B 303 22.54 -21.44 -17.73
N ASP B 304 22.38 -22.03 -16.56
CA ASP B 304 21.06 -22.44 -16.08
C ASP B 304 20.21 -21.21 -15.71
N THR B 305 20.86 -20.20 -15.14
CA THR B 305 20.19 -18.95 -14.78
C THR B 305 19.83 -18.12 -16.01
N ILE B 306 20.73 -18.10 -17.00
CA ILE B 306 20.49 -17.39 -18.25
C ILE B 306 19.34 -18.04 -19.02
N TYR B 307 19.29 -19.36 -18.99
CA TYR B 307 18.25 -20.10 -19.70
C TYR B 307 16.86 -19.69 -19.22
N GLN B 308 16.70 -19.60 -17.90
CA GLN B 308 15.44 -19.17 -17.33
C GLN B 308 15.10 -17.73 -17.73
N LEU B 309 16.10 -16.85 -17.71
CA LEU B 309 15.87 -15.45 -18.04
C LEU B 309 15.44 -15.29 -19.51
N ILE B 310 16.18 -15.94 -20.40
CA ILE B 310 15.88 -15.88 -21.83
C ILE B 310 14.50 -16.41 -22.15
N GLY B 311 14.14 -17.54 -21.53
CA GLY B 311 12.85 -18.15 -21.73
C GLY B 311 11.69 -17.25 -21.34
N GLY B 312 11.85 -16.53 -20.22
CA GLY B 312 10.83 -15.61 -19.77
C GLY B 312 10.70 -14.41 -20.69
N ILE B 313 11.85 -13.91 -21.16
CA ILE B 313 11.88 -12.80 -22.10
C ILE B 313 11.28 -13.18 -23.44
N LYS B 314 11.53 -14.41 -23.88
CA LYS B 314 11.00 -14.86 -25.16
C LYS B 314 9.49 -15.08 -25.07
N SER B 315 9.02 -15.38 -23.86
CA SER B 315 7.59 -15.54 -23.62
C SER B 315 6.88 -14.20 -23.71
N GLY B 316 7.45 -13.20 -23.06
CA GLY B 316 6.90 -11.85 -23.08
C GLY B 316 6.78 -11.29 -24.48
N MET B 317 7.82 -11.53 -25.29
CA MET B 317 7.81 -11.08 -26.68
C MET B 317 6.81 -11.90 -27.50
N GLY B 318 6.53 -13.11 -27.04
CA GLY B 318 5.48 -13.93 -27.64
C GLY B 318 4.11 -13.36 -27.32
N TYR B 319 3.94 -12.88 -26.09
CA TYR B 319 2.69 -12.28 -25.65
C TYR B 319 2.40 -10.96 -26.37
N LEU B 320 3.45 -10.18 -26.62
CA LEU B 320 3.29 -8.91 -27.31
C LEU B 320 3.42 -9.06 -28.83
N GLY B 321 3.69 -10.28 -29.27
CA GLY B 321 3.80 -10.58 -30.69
C GLY B 321 4.90 -9.78 -31.36
N ALA B 322 6.07 -9.78 -30.74
CA ALA B 322 7.21 -9.00 -31.23
C ALA B 322 8.38 -9.90 -31.61
N PRO B 323 8.72 -9.94 -32.91
CA PRO B 323 9.83 -10.80 -33.35
C PRO B 323 11.20 -10.23 -32.98
N THR B 324 11.31 -8.90 -32.91
CA THR B 324 12.58 -8.24 -32.57
C THR B 324 12.42 -7.33 -31.37
N LEU B 325 13.54 -6.91 -30.79
CA LEU B 325 13.53 -6.03 -29.63
C LEU B 325 13.06 -4.62 -29.98
N GLU B 326 13.25 -4.23 -31.24
CA GLU B 326 12.80 -2.93 -31.71
C GLU B 326 11.28 -2.91 -31.82
N ASN B 327 10.73 -3.93 -32.46
CA ASN B 327 9.29 -4.06 -32.63
C ASN B 327 8.58 -4.13 -31.28
N LEU B 328 9.24 -4.75 -30.31
CA LEU B 328 8.74 -4.79 -28.94
C LEU B 328 8.56 -3.38 -28.38
N TYR B 329 9.58 -2.55 -28.57
CA TYR B 329 9.52 -1.16 -28.12
C TYR B 329 8.46 -0.36 -28.89
N GLU B 330 8.26 -0.70 -30.17
CA GLU B 330 7.35 0.06 -31.02
C GLU B 330 5.87 -0.18 -30.67
N ASN B 331 5.55 -1.39 -30.19
CA ASN B 331 4.16 -1.75 -29.97
C ASN B 331 3.80 -2.09 -28.53
N ALA B 332 4.62 -1.61 -27.59
CA ALA B 332 4.41 -1.91 -26.17
C ALA B 332 3.40 -0.97 -25.51
N ASN B 333 2.48 -1.56 -24.75
CA ASN B 333 1.51 -0.80 -23.98
C ASN B 333 1.53 -1.17 -22.50
N PHE B 334 1.88 -0.20 -21.66
CA PHE B 334 1.94 -0.44 -20.23
C PHE B 334 0.62 -0.10 -19.56
N VAL B 335 0.29 -0.83 -18.51
CA VAL B 335 -0.86 -0.48 -17.69
C VAL B 335 -0.38 -0.40 -16.24
N VAL B 336 -1.00 0.49 -15.47
CA VAL B 336 -0.60 0.70 -14.08
C VAL B 336 -1.48 -0.13 -13.14
N GLN B 337 -0.83 -0.89 -12.26
CA GLN B 337 -1.55 -1.67 -11.26
C GLN B 337 -1.31 -1.13 -9.86
N THR B 338 -2.30 -1.31 -9.00
CA THR B 338 -2.22 -0.89 -7.60
C THR B 338 -1.50 -1.94 -6.76
N SER B 339 -1.45 -1.74 -5.45
CA SER B 339 -0.87 -2.73 -4.57
C SER B 339 -1.78 -3.95 -4.48
N ALA B 340 -3.07 -3.76 -4.75
CA ALA B 340 -4.00 -4.88 -4.80
C ALA B 340 -3.78 -5.70 -6.06
N GLY B 341 -3.42 -5.03 -7.15
CA GLY B 341 -3.12 -5.69 -8.41
C GLY B 341 -1.79 -6.41 -8.33
N PHE B 342 -0.89 -5.88 -7.52
CA PHE B 342 0.40 -6.49 -7.28
C PHE B 342 0.25 -7.83 -6.57
N ARG B 343 -0.73 -7.92 -5.66
CA ARG B 343 -0.99 -9.16 -4.94
C ARG B 343 -1.45 -10.28 -5.86
N GLU B 344 -2.38 -9.98 -6.77
CA GLU B 344 -2.93 -11.02 -7.64
C GLU B 344 -1.97 -11.31 -8.79
N SER B 345 -1.05 -10.39 -9.05
CA SER B 345 -0.02 -10.62 -10.06
C SER B 345 0.95 -11.71 -9.60
N HIS B 346 1.17 -11.77 -8.29
CA HIS B 346 1.95 -12.85 -7.70
C HIS B 346 1.04 -14.02 -7.35
N PRO B 347 1.62 -15.21 -7.14
CA PRO B 347 0.85 -16.33 -6.61
C PRO B 347 0.26 -15.99 -5.23
N HIS B 348 -0.98 -16.39 -4.99
CA HIS B 348 -1.64 -16.07 -3.73
C HIS B 348 -2.52 -17.23 -3.23
N ASP B 349 -2.76 -17.26 -1.92
CA ASP B 349 -3.69 -18.21 -1.31
C ASP B 349 -3.29 -19.67 -1.49
N ILE B 350 -2.00 -19.95 -1.42
CA ILE B 350 -1.51 -21.30 -1.59
C ILE B 350 -0.16 -21.51 -0.90
N ASN B 351 -0.01 -22.66 -0.24
CA ASN B 351 1.27 -23.02 0.36
C ASN B 351 2.18 -23.68 -0.68
N ILE B 352 3.07 -22.89 -1.27
CA ILE B 352 4.00 -23.41 -2.28
C ILE B 352 4.96 -24.42 -1.68
N THR B 353 4.89 -25.65 -2.15
CA THR B 353 5.69 -26.75 -1.62
C THR B 353 6.86 -27.09 -2.56
N LYS B 354 6.54 -27.33 -3.82
CA LYS B 354 7.56 -27.62 -4.82
C LYS B 354 8.28 -26.33 -5.25
N GLU B 355 9.54 -26.47 -5.64
CA GLU B 355 10.37 -25.32 -5.99
C GLU B 355 10.26 -24.99 -7.47
N ALA B 356 10.25 -23.69 -7.79
CA ALA B 356 10.24 -23.23 -9.18
C ALA B 356 11.60 -22.65 -9.55
N PRO B 357 12.07 -22.93 -10.78
CA PRO B 357 13.39 -22.47 -11.24
C PRO B 357 13.45 -20.98 -11.55
N ASN B 358 12.30 -20.36 -11.78
CA ASN B 358 12.25 -18.96 -12.17
C ASN B 358 11.40 -18.11 -11.23
N TYR B 359 11.13 -18.63 -10.05
CA TYR B 359 10.37 -17.92 -9.03
C TYR B 359 10.73 -18.39 -7.63
N SER B 360 10.80 -17.45 -6.69
CA SER B 360 11.08 -17.77 -5.29
C SER B 360 10.59 -16.66 -4.36
N ILE C 7 -16.99 3.28 -13.74
CA ILE C 7 -16.36 3.47 -12.44
C ILE C 7 -16.51 4.93 -11.98
N LEU C 8 -16.84 5.10 -10.70
CA LEU C 8 -17.04 6.42 -10.13
C LEU C 8 -15.75 6.92 -9.51
N LYS C 9 -15.85 7.92 -8.65
CA LYS C 9 -14.68 8.46 -7.97
C LYS C 9 -14.12 7.46 -6.97
N THR C 10 -13.00 7.83 -6.34
CA THR C 10 -12.42 7.03 -5.26
C THR C 10 -13.07 7.42 -3.94
N ALA C 11 -13.44 6.43 -3.12
CA ALA C 11 -14.04 6.71 -1.83
C ALA C 11 -13.08 6.37 -0.69
N TYR C 12 -13.15 7.14 0.38
CA TYR C 12 -12.12 7.10 1.42
C TYR C 12 -12.61 6.61 2.80
N THR C 13 -11.66 6.05 3.56
CA THR C 13 -11.87 5.60 4.93
C THR C 13 -11.29 6.66 5.86
N PHE C 14 -11.67 6.64 7.14
CA PHE C 14 -11.13 7.58 8.12
C PHE C 14 -9.60 7.65 8.06
N ASP C 15 -8.96 6.49 7.90
CA ASP C 15 -7.50 6.40 7.85
C ASP C 15 -6.90 7.00 6.58
N ASP C 16 -7.74 7.28 5.58
CA ASP C 16 -7.27 7.86 4.33
C ASP C 16 -7.03 9.36 4.45
N VAL C 17 -7.69 9.98 5.42
CA VAL C 17 -7.67 11.44 5.52
C VAL C 17 -7.20 11.96 6.86
N LEU C 18 -6.90 13.25 6.90
CA LEU C 18 -6.55 13.95 8.14
C LEU C 18 -7.22 15.32 8.14
N LEU C 19 -7.40 15.88 9.33
CA LEU C 19 -8.00 17.21 9.47
C LEU C 19 -6.92 18.30 9.53
N VAL C 20 -7.13 19.35 8.75
CA VAL C 20 -6.21 20.49 8.75
C VAL C 20 -6.50 21.42 9.91
N PRO C 21 -5.47 21.75 10.70
CA PRO C 21 -5.58 22.68 11.82
C PRO C 21 -6.04 24.07 11.38
N ASN C 22 -6.92 24.68 12.18
CA ASN C 22 -7.36 26.04 11.94
C ASN C 22 -6.88 26.97 13.04
N LYS C 23 -7.07 28.27 12.86
CA LYS C 23 -6.84 29.23 13.92
C LYS C 23 -7.81 28.91 15.05
N SER C 24 -7.36 28.99 16.29
CA SER C 24 -8.21 28.60 17.41
C SER C 24 -8.11 29.53 18.60
N GLU C 25 -9.26 29.98 19.09
CA GLU C 25 -9.32 30.81 20.28
C GLU C 25 -9.97 30.05 21.43
N VAL C 26 -10.18 28.76 21.23
CA VAL C 26 -10.85 27.94 22.23
C VAL C 26 -9.93 26.83 22.75
N LEU C 27 -10.01 26.56 24.03
CA LEU C 27 -9.28 25.45 24.66
C LEU C 27 -10.19 24.23 24.72
N PRO C 28 -9.62 23.02 24.70
CA PRO C 28 -10.41 21.79 24.73
C PRO C 28 -11.38 21.70 25.91
N ASN C 29 -11.05 22.36 27.03
CA ASN C 29 -11.91 22.29 28.21
C ASN C 29 -13.09 23.25 28.12
N GLU C 30 -13.20 23.96 26.99
CA GLU C 30 -14.24 24.96 26.82
C GLU C 30 -15.29 24.55 25.78
N VAL C 31 -14.95 23.60 24.93
CA VAL C 31 -15.87 23.16 23.88
C VAL C 31 -17.06 22.40 24.45
N SER C 32 -18.18 22.49 23.74
CA SER C 32 -19.40 21.78 24.13
C SER C 32 -19.64 20.63 23.16
N LEU C 33 -20.05 19.48 23.68
CA LEU C 33 -20.26 18.31 22.85
C LEU C 33 -21.72 17.94 22.68
N LYS C 34 -22.62 18.86 23.04
CA LYS C 34 -24.05 18.63 22.87
C LYS C 34 -24.38 18.43 21.40
N THR C 35 -25.36 17.58 21.13
CA THR C 35 -25.78 17.31 19.75
C THR C 35 -27.24 16.86 19.72
N GLN C 36 -27.92 17.12 18.60
CA GLN C 36 -29.29 16.69 18.43
C GLN C 36 -29.34 15.39 17.63
N LEU C 37 -29.61 14.29 18.31
CA LEU C 37 -29.77 13.00 17.65
C LEU C 37 -30.98 13.04 16.74
N THR C 38 -32.06 13.61 17.24
CA THR C 38 -33.21 13.98 16.41
C THR C 38 -33.62 15.39 16.78
N LYS C 39 -34.71 15.88 16.20
CA LYS C 39 -35.22 17.20 16.54
C LYS C 39 -35.71 17.24 17.98
N LYS C 40 -36.22 16.11 18.46
CA LYS C 40 -36.79 16.05 19.82
C LYS C 40 -35.84 15.45 20.85
N ILE C 41 -34.77 14.82 20.38
CA ILE C 41 -33.83 14.17 21.30
C ILE C 41 -32.46 14.82 21.28
N GLN C 42 -31.96 15.18 22.47
CA GLN C 42 -30.65 15.80 22.59
C GLN C 42 -29.71 14.95 23.45
N LEU C 43 -28.48 14.80 23.01
CA LEU C 43 -27.47 14.08 23.77
C LEU C 43 -26.36 15.02 24.25
N ASN C 44 -25.92 14.82 25.48
CA ASN C 44 -24.83 15.60 26.04
C ASN C 44 -23.49 15.25 25.37
N ILE C 45 -23.33 13.99 25.00
CA ILE C 45 -22.18 13.54 24.22
C ILE C 45 -22.67 12.76 23.00
N PRO C 46 -21.95 12.89 21.87
CA PRO C 46 -22.40 12.28 20.60
C PRO C 46 -22.05 10.80 20.45
N LEU C 47 -22.26 10.00 21.48
CA LEU C 47 -21.85 8.60 21.41
C LEU C 47 -23.01 7.63 21.58
N MET C 48 -23.02 6.57 20.76
CA MET C 48 -24.04 5.54 20.83
C MET C 48 -23.38 4.16 20.90
N SER C 49 -24.07 3.22 21.53
CA SER C 49 -23.61 1.83 21.54
C SER C 49 -24.44 1.03 20.56
N ALA C 50 -23.82 0.05 19.92
CA ALA C 50 -24.48 -0.72 18.86
C ALA C 50 -25.54 -1.65 19.43
N SER C 51 -26.61 -1.87 18.68
CA SER C 51 -27.65 -2.79 19.11
C SER C 51 -27.23 -4.22 18.75
N MET C 52 -26.36 -4.79 19.58
CA MET C 52 -25.84 -6.15 19.38
C MET C 52 -25.87 -6.93 20.69
N ASP C 53 -26.03 -8.24 20.61
CA ASP C 53 -26.20 -9.07 21.82
C ASP C 53 -24.90 -9.22 22.61
N THR C 54 -23.79 -8.77 22.03
CA THR C 54 -22.50 -8.79 22.72
C THR C 54 -22.08 -7.39 23.14
N VAL C 55 -22.92 -6.40 22.86
CA VAL C 55 -22.57 -5.02 23.16
C VAL C 55 -23.52 -4.35 24.16
N THR C 56 -24.81 -4.32 23.84
CA THR C 56 -25.75 -3.48 24.58
C THR C 56 -26.97 -4.21 25.16
N GLU C 57 -27.07 -4.19 26.47
CA GLU C 57 -28.32 -4.54 27.15
C GLU C 57 -28.62 -3.45 28.17
N SER C 58 -29.47 -3.74 29.15
CA SER C 58 -29.89 -2.70 30.10
C SER C 58 -28.68 -2.13 30.85
N LYS C 59 -27.73 -3.00 31.17
CA LYS C 59 -26.52 -2.61 31.91
C LYS C 59 -25.69 -1.60 31.13
N MET C 60 -25.56 -1.83 29.82
CA MET C 60 -24.83 -0.93 28.93
C MET C 60 -25.62 0.35 28.66
N ALA C 61 -26.89 0.19 28.31
CA ALA C 61 -27.78 1.32 28.04
C ALA C 61 -27.82 2.29 29.22
N ILE C 62 -27.85 1.75 30.43
CA ILE C 62 -27.88 2.59 31.63
C ILE C 62 -26.56 3.34 31.78
N ALA C 63 -25.46 2.62 31.62
CA ALA C 63 -24.13 3.21 31.69
C ALA C 63 -23.94 4.29 30.61
N MET C 64 -24.36 4.00 29.39
CA MET C 64 -24.27 4.96 28.29
C MET C 64 -25.09 6.21 28.58
N ALA C 65 -26.29 6.02 29.10
CA ALA C 65 -27.18 7.12 29.42
C ALA C 65 -26.59 8.00 30.51
N ARG C 66 -26.13 7.38 31.59
CA ARG C 66 -25.54 8.11 32.72
C ARG C 66 -24.30 8.89 32.29
N GLU C 67 -23.68 8.46 31.19
CA GLU C 67 -22.47 9.08 30.68
C GLU C 67 -22.76 10.20 29.67
N GLY C 68 -24.04 10.39 29.35
CA GLY C 68 -24.44 11.45 28.46
C GLY C 68 -24.88 10.99 27.08
N GLY C 69 -24.70 9.71 26.79
CA GLY C 69 -25.06 9.16 25.48
C GLY C 69 -26.32 8.32 25.52
N ILE C 70 -26.43 7.38 24.61
CA ILE C 70 -27.60 6.51 24.54
C ILE C 70 -27.22 5.13 24.04
N GLY C 71 -27.95 4.11 24.50
CA GLY C 71 -27.71 2.75 24.10
C GLY C 71 -28.93 2.14 23.45
N ILE C 72 -28.73 1.35 22.41
CA ILE C 72 -29.86 0.74 21.70
C ILE C 72 -29.97 -0.74 22.05
N ILE C 73 -31.03 -1.11 22.75
CA ILE C 73 -31.27 -2.50 23.12
C ILE C 73 -31.48 -3.35 21.86
N HIS C 74 -30.77 -4.46 21.77
CA HIS C 74 -30.83 -5.32 20.58
C HIS C 74 -32.13 -6.12 20.55
N LYS C 75 -32.45 -6.68 19.39
CA LYS C 75 -33.70 -7.41 19.20
C LYS C 75 -33.49 -8.92 19.11
N ASN C 76 -32.39 -9.41 19.68
CA ASN C 76 -32.10 -10.84 19.68
C ASN C 76 -32.72 -11.54 20.89
N MET C 77 -33.80 -10.96 21.41
CA MET C 77 -34.52 -11.53 22.55
C MET C 77 -36.02 -11.46 22.27
N THR C 78 -36.82 -12.14 23.08
CA THR C 78 -38.26 -12.13 22.89
C THR C 78 -38.81 -10.71 23.11
N ILE C 79 -40.02 -10.47 22.63
CA ILE C 79 -40.65 -9.15 22.74
C ILE C 79 -40.84 -8.75 24.20
N GLU C 80 -41.17 -9.71 25.05
CA GLU C 80 -41.35 -9.42 26.47
C GLU C 80 -40.01 -9.13 27.14
N ASP C 81 -38.94 -9.77 26.66
CA ASP C 81 -37.61 -9.58 27.22
C ASP C 81 -37.06 -8.21 26.90
N GLN C 82 -37.28 -7.75 25.66
CA GLN C 82 -36.75 -6.46 25.24
C GLN C 82 -37.51 -5.31 25.90
N ALA C 83 -38.83 -5.44 26.00
CA ALA C 83 -39.62 -4.41 26.67
C ALA C 83 -39.22 -4.34 28.14
N ARG C 84 -38.88 -5.51 28.69
CA ARG C 84 -38.42 -5.61 30.07
C ARG C 84 -37.09 -4.90 30.29
N GLU C 85 -36.17 -5.04 29.34
CA GLU C 85 -34.88 -4.36 29.40
C GLU C 85 -35.05 -2.85 29.30
N VAL C 86 -35.90 -2.42 28.38
CA VAL C 86 -36.17 -1.00 28.21
C VAL C 86 -36.74 -0.40 29.51
N ASP C 87 -37.65 -1.14 30.15
CA ASP C 87 -38.25 -0.70 31.40
C ASP C 87 -37.21 -0.52 32.51
N ARG C 88 -36.27 -1.45 32.60
CA ARG C 88 -35.18 -1.38 33.58
C ARG C 88 -34.39 -0.09 33.46
N VAL C 89 -34.15 0.34 32.23
CA VAL C 89 -33.40 1.56 31.99
C VAL C 89 -34.21 2.78 32.40
N LYS C 90 -35.47 2.81 31.97
CA LYS C 90 -36.35 3.96 32.24
C LYS C 90 -36.67 4.15 33.72
N ARG C 91 -36.76 3.05 34.47
CA ARG C 91 -37.10 3.15 35.90
C ARG C 91 -35.88 3.39 36.76
N SER C 92 -34.70 3.11 36.22
CA SER C 92 -33.45 3.31 36.95
C SER C 92 -33.22 4.79 37.25
N GLY C 93 -33.62 5.64 36.31
CA GLY C 93 -33.59 7.08 36.49
C GLY C 93 -34.16 7.74 35.25
N GLY C 94 -34.19 9.07 35.23
CA GLY C 94 -34.65 9.77 34.05
C GLY C 94 -33.70 9.59 32.88
N LEU C 95 -33.59 8.36 32.39
CA LEU C 95 -32.58 8.01 31.39
C LEU C 95 -33.17 7.70 30.02
N LEU C 96 -32.45 8.13 28.98
CA LEU C 96 -32.81 7.83 27.60
C LEU C 96 -32.54 6.37 27.30
N CYS C 97 -33.32 5.80 26.37
CA CYS C 97 -33.12 4.41 25.97
C CYS C 97 -33.62 4.20 24.55
N GLY C 98 -32.84 3.46 23.76
CA GLY C 98 -33.24 3.10 22.42
C GLY C 98 -33.59 1.63 22.33
N ALA C 99 -34.38 1.27 21.33
CA ALA C 99 -34.76 -0.12 21.10
C ALA C 99 -34.67 -0.47 19.63
N SER C 100 -34.10 -1.63 19.32
CA SER C 100 -33.88 -2.03 17.94
C SER C 100 -35.05 -2.87 17.41
N ILE C 101 -35.46 -2.57 16.18
CA ILE C 101 -36.55 -3.29 15.53
C ILE C 101 -36.11 -3.80 14.15
N GLY C 102 -36.56 -4.99 13.78
CA GLY C 102 -36.31 -5.53 12.45
C GLY C 102 -37.60 -5.62 11.67
N VAL C 103 -37.49 -5.82 10.35
CA VAL C 103 -38.66 -5.94 9.50
C VAL C 103 -39.19 -7.37 9.48
N THR C 104 -40.27 -7.61 10.24
CA THR C 104 -40.92 -8.91 10.29
C THR C 104 -42.42 -8.75 10.51
N ASN C 105 -43.14 -9.85 10.54
CA ASN C 105 -44.59 -9.80 10.70
C ASN C 105 -45.00 -9.38 12.10
N ASP C 106 -44.11 -9.56 13.07
CA ASP C 106 -44.39 -9.21 14.46
C ASP C 106 -43.74 -7.89 14.86
N MET C 107 -43.33 -7.11 13.87
CA MET C 107 -42.57 -5.89 14.16
C MET C 107 -43.45 -4.82 14.80
N MET C 108 -44.72 -4.77 14.42
CA MET C 108 -45.63 -3.77 14.97
C MET C 108 -46.02 -4.14 16.40
N GLU C 109 -46.13 -5.44 16.66
CA GLU C 109 -46.37 -5.95 18.01
C GLU C 109 -45.20 -5.61 18.95
N ARG C 110 -43.99 -5.76 18.43
CA ARG C 110 -42.78 -5.47 19.20
C ARG C 110 -42.64 -3.97 19.46
N VAL C 111 -43.09 -3.17 18.51
CA VAL C 111 -43.06 -1.72 18.65
C VAL C 111 -44.01 -1.29 19.77
N ASP C 112 -45.20 -1.88 19.79
N ASP C 112 -45.21 -1.87 19.77
CA ASP C 112 -46.21 -1.58 20.81
CA ASP C 112 -46.20 -1.60 20.81
C ASP C 112 -45.70 -1.89 22.22
C ASP C 112 -45.63 -1.84 22.19
N ALA C 113 -44.85 -2.91 22.33
CA ALA C 113 -44.30 -3.32 23.62
C ALA C 113 -43.29 -2.33 24.18
N VAL C 114 -42.34 -1.90 23.35
CA VAL C 114 -41.30 -0.99 23.81
C VAL C 114 -41.85 0.42 24.02
N VAL C 115 -42.89 0.78 23.28
CA VAL C 115 -43.53 2.09 23.46
C VAL C 115 -44.23 2.11 24.82
N LYS C 116 -44.91 1.01 25.13
CA LYS C 116 -45.52 0.84 26.44
C LYS C 116 -44.47 0.90 27.56
N ALA C 117 -43.24 0.54 27.22
CA ALA C 117 -42.14 0.62 28.19
C ALA C 117 -41.52 2.02 28.19
N LYS C 118 -42.13 2.93 27.45
CA LYS C 118 -41.71 4.34 27.37
C LYS C 118 -40.34 4.52 26.74
N VAL C 119 -40.10 3.82 25.63
CA VAL C 119 -38.85 3.96 24.90
C VAL C 119 -38.77 5.35 24.26
N ASP C 120 -37.56 5.86 24.10
CA ASP C 120 -37.37 7.21 23.54
C ASP C 120 -37.21 7.18 22.03
N VAL C 121 -36.54 6.16 21.53
CA VAL C 121 -36.28 6.06 20.10
C VAL C 121 -36.26 4.62 19.60
N ILE C 122 -36.83 4.42 18.43
CA ILE C 122 -36.86 3.13 17.77
C ILE C 122 -35.85 3.12 16.63
N VAL C 123 -35.06 2.05 16.54
CA VAL C 123 -34.13 1.89 15.42
C VAL C 123 -34.54 0.73 14.53
N LEU C 124 -34.87 1.02 13.29
CA LEU C 124 -35.17 -0.03 12.31
C LEU C 124 -33.88 -0.57 11.69
N ASP C 125 -33.21 -1.46 12.41
CA ASP C 125 -31.94 -2.04 11.98
C ASP C 125 -32.13 -3.12 10.93
N THR C 126 -31.42 -2.99 9.82
CA THR C 126 -31.41 -4.01 8.79
C THR C 126 -30.15 -3.87 7.94
N ALA C 127 -29.81 -4.93 7.21
CA ALA C 127 -28.59 -4.94 6.40
C ALA C 127 -28.68 -3.93 5.26
N HIS C 128 -29.89 -3.76 4.75
CA HIS C 128 -30.12 -2.90 3.60
C HIS C 128 -31.31 -1.98 3.86
N GLY C 129 -31.03 -0.79 4.40
CA GLY C 129 -32.08 0.16 4.73
C GLY C 129 -32.80 0.73 3.54
N HIS C 130 -32.11 0.81 2.41
CA HIS C 130 -32.69 1.38 1.19
C HIS C 130 -33.48 0.33 0.41
N SER C 131 -34.55 -0.18 1.01
CA SER C 131 -35.35 -1.22 0.39
C SER C 131 -36.84 -1.01 0.62
N LYS C 132 -37.66 -1.70 -0.16
CA LYS C 132 -39.10 -1.62 -0.04
C LYS C 132 -39.57 -1.90 1.39
N GLY C 133 -38.99 -2.91 2.01
CA GLY C 133 -39.39 -3.35 3.33
C GLY C 133 -39.25 -2.31 4.43
N VAL C 134 -38.14 -1.58 4.41
CA VAL C 134 -37.85 -0.59 5.45
C VAL C 134 -38.68 0.67 5.29
N ILE C 135 -38.83 1.13 4.05
CA ILE C 135 -39.63 2.31 3.77
C ILE C 135 -41.09 2.08 4.17
N GLU C 136 -41.64 0.91 3.87
CA GLU C 136 -43.00 0.58 4.27
C GLU C 136 -43.12 0.52 5.79
N GLY C 137 -42.06 0.05 6.44
CA GLY C 137 -42.04 -0.08 7.88
C GLY C 137 -42.05 1.25 8.60
N VAL C 138 -41.21 2.19 8.14
CA VAL C 138 -41.19 3.52 8.72
C VAL C 138 -42.56 4.19 8.53
N LYS C 139 -43.16 4.01 7.35
CA LYS C 139 -44.47 4.57 7.09
C LYS C 139 -45.56 3.95 7.98
N ARG C 140 -45.51 2.63 8.14
CA ARG C 140 -46.52 1.92 8.93
C ARG C 140 -46.42 2.28 10.42
N ILE C 141 -45.20 2.55 10.88
CA ILE C 141 -44.98 2.90 12.27
C ILE C 141 -45.36 4.35 12.53
N LYS C 142 -44.88 5.25 11.67
CA LYS C 142 -45.13 6.67 11.82
C LYS C 142 -46.62 6.98 11.76
N ALA C 143 -47.36 6.22 10.96
CA ALA C 143 -48.80 6.44 10.82
C ALA C 143 -49.55 6.08 12.09
N LYS C 144 -48.97 5.19 12.89
CA LYS C 144 -49.58 4.77 14.15
C LYS C 144 -49.02 5.56 15.34
N TYR C 145 -47.73 5.88 15.27
CA TYR C 145 -47.07 6.65 16.34
C TYR C 145 -46.38 7.89 15.78
N PRO C 146 -47.16 8.94 15.48
CA PRO C 146 -46.63 10.14 14.83
C PRO C 146 -45.55 10.87 15.64
N GLU C 147 -45.62 10.75 16.97
CA GLU C 147 -44.68 11.45 17.84
C GLU C 147 -43.42 10.64 18.11
N LEU C 148 -43.45 9.35 17.82
CA LEU C 148 -42.33 8.46 18.10
C LEU C 148 -41.13 8.76 17.22
N GLN C 149 -39.95 8.82 17.83
CA GLN C 149 -38.73 9.06 17.08
C GLN C 149 -38.21 7.76 16.47
N VAL C 150 -38.00 7.79 15.16
CA VAL C 150 -37.59 6.61 14.41
C VAL C 150 -36.26 6.84 13.67
N ILE C 151 -35.29 5.98 13.95
CA ILE C 151 -34.04 5.95 13.21
C ILE C 151 -34.08 4.81 12.20
N ALA C 152 -33.65 5.07 10.96
CA ALA C 152 -33.63 4.02 9.94
C ALA C 152 -32.21 3.77 9.41
N GLY C 153 -31.91 2.50 9.17
CA GLY C 153 -30.63 2.10 8.59
C GLY C 153 -30.64 0.62 8.22
N ASN C 154 -29.55 0.11 7.65
CA ASN C 154 -28.40 0.94 7.29
C ASN C 154 -28.38 1.28 5.82
N ILE C 155 -27.86 2.46 5.50
CA ILE C 155 -27.71 2.91 4.13
C ILE C 155 -26.29 3.41 3.88
N ALA C 156 -26.05 3.92 2.68
CA ALA C 156 -24.73 4.41 2.32
C ALA C 156 -24.77 5.38 1.14
N THR C 157 -25.96 5.71 0.67
CA THR C 157 -26.11 6.64 -0.44
C THR C 157 -27.05 7.79 -0.09
N PRO C 158 -26.82 8.98 -0.68
CA PRO C 158 -27.68 10.14 -0.46
C PRO C 158 -29.10 9.94 -0.99
N GLU C 159 -29.25 9.12 -2.04
CA GLU C 159 -30.57 8.82 -2.58
C GLU C 159 -31.40 8.08 -1.52
N ALA C 160 -30.74 7.23 -0.76
CA ALA C 160 -31.39 6.48 0.31
C ALA C 160 -31.86 7.41 1.43
N VAL C 161 -31.10 8.46 1.67
CA VAL C 161 -31.48 9.48 2.65
C VAL C 161 -32.83 10.12 2.27
N ARG C 162 -32.96 10.52 1.01
CA ARG C 162 -34.19 11.16 0.53
C ARG C 162 -35.41 10.27 0.70
N ASP C 163 -35.26 9.00 0.33
CA ASP C 163 -36.36 8.04 0.39
C ASP C 163 -36.78 7.76 1.83
N LEU C 164 -35.81 7.71 2.73
CA LEU C 164 -36.08 7.48 4.14
C LEU C 164 -36.70 8.73 4.78
N ALA C 165 -36.19 9.90 4.41
CA ALA C 165 -36.72 11.16 4.92
C ALA C 165 -38.14 11.38 4.41
N GLU C 166 -38.39 10.99 3.17
CA GLU C 166 -39.71 11.09 2.56
C GLU C 166 -40.65 10.05 3.15
N ALA C 167 -40.08 9.03 3.79
CA ALA C 167 -40.85 7.98 4.43
C ALA C 167 -41.27 8.37 5.84
N GLY C 168 -40.60 9.38 6.40
CA GLY C 168 -40.93 9.89 7.72
C GLY C 168 -39.89 9.64 8.78
N ALA C 169 -38.74 9.11 8.40
CA ALA C 169 -37.66 8.84 9.35
C ALA C 169 -37.15 10.14 9.97
N ASP C 170 -36.85 10.11 11.26
CA ASP C 170 -36.34 11.28 11.95
C ASP C 170 -34.81 11.32 11.89
N CYS C 171 -34.22 10.16 11.66
CA CYS C 171 -32.77 10.03 11.68
C CYS C 171 -32.32 8.85 10.83
N VAL C 172 -31.13 8.95 10.26
CA VAL C 172 -30.65 7.94 9.33
C VAL C 172 -29.30 7.36 9.74
N LYS C 173 -29.21 6.04 9.80
CA LYS C 173 -27.96 5.37 10.18
C LYS C 173 -27.23 4.88 8.93
N VAL C 174 -25.98 5.28 8.78
CA VAL C 174 -25.22 4.92 7.59
C VAL C 174 -24.06 3.95 7.89
N GLY C 175 -23.76 3.10 6.92
CA GLY C 175 -22.69 2.13 7.07
C GLY C 175 -23.01 0.77 6.46
N ILE C 176 -22.46 0.49 5.29
CA ILE C 176 -22.56 -0.83 4.69
C ILE C 176 -21.16 -1.45 4.62
N GLY C 177 -20.84 -2.27 5.60
CA GLY C 177 -19.56 -2.96 5.63
C GLY C 177 -18.38 -2.40 6.40
N PRO C 178 -18.52 -1.27 7.12
CA PRO C 178 -17.26 -0.87 7.76
C PRO C 178 -17.04 -1.53 9.12
N GLY C 179 -18.02 -2.28 9.62
CA GLY C 179 -17.92 -2.92 10.92
C GLY C 179 -16.72 -3.84 11.09
N SER C 180 -16.16 -3.84 12.29
CA SER C 180 -14.96 -4.61 12.59
C SER C 180 -15.20 -6.11 12.54
N ILE C 181 -16.44 -6.51 12.75
CA ILE C 181 -16.83 -7.92 12.72
C ILE C 181 -17.63 -8.27 11.47
N CYS C 182 -17.56 -7.39 10.47
CA CYS C 182 -18.39 -7.51 9.27
C CYS C 182 -17.67 -8.14 8.08
N THR C 183 -18.40 -8.91 7.28
CA THR C 183 -17.83 -9.54 6.09
C THR C 183 -18.69 -9.31 4.85
N THR C 184 -19.64 -8.39 4.96
CA THR C 184 -20.56 -8.06 3.87
C THR C 184 -19.84 -7.66 2.58
N ARG C 185 -18.83 -6.80 2.69
CA ARG C 185 -18.07 -6.36 1.52
C ARG C 185 -17.25 -7.50 0.92
N ILE C 186 -17.10 -8.58 1.66
CA ILE C 186 -16.29 -9.70 1.23
C ILE C 186 -17.14 -10.83 0.65
N VAL C 187 -18.32 -11.02 1.20
CA VAL C 187 -19.20 -12.11 0.75
C VAL C 187 -20.32 -11.62 -0.16
N ALA C 188 -20.53 -10.30 -0.19
CA ALA C 188 -21.51 -9.72 -1.11
C ALA C 188 -20.83 -8.74 -2.07
N GLY C 189 -19.62 -8.30 -1.73
CA GLY C 189 -18.87 -7.38 -2.56
C GLY C 189 -19.53 -6.03 -2.65
N VAL C 190 -20.34 -5.71 -1.65
CA VAL C 190 -21.13 -4.49 -1.66
C VAL C 190 -20.77 -3.62 -0.46
N GLY C 191 -20.70 -2.31 -0.69
CA GLY C 191 -20.44 -1.38 0.39
C GLY C 191 -19.78 -0.10 -0.08
N VAL C 192 -19.72 0.88 0.81
CA VAL C 192 -19.05 2.14 0.54
C VAL C 192 -18.15 2.49 1.73
N PRO C 193 -16.89 2.87 1.46
CA PRO C 193 -15.98 3.33 2.51
C PRO C 193 -16.67 4.38 3.39
N GLN C 194 -16.61 4.20 4.71
CA GLN C 194 -17.50 4.90 5.63
C GLN C 194 -17.42 6.41 5.55
N LEU C 195 -16.21 6.94 5.52
CA LEU C 195 -16.03 8.39 5.51
C LEU C 195 -16.73 9.05 4.33
N THR C 196 -16.57 8.49 3.14
CA THR C 196 -17.23 8.99 1.94
C THR C 196 -18.74 8.83 2.06
N ALA C 197 -19.16 7.71 2.64
CA ALA C 197 -20.58 7.45 2.84
C ALA C 197 -21.18 8.49 3.79
N VAL C 198 -20.57 8.62 4.96
CA VAL C 198 -21.02 9.57 5.97
C VAL C 198 -21.05 11.00 5.43
N MET C 199 -20.03 11.35 4.65
CA MET C 199 -19.92 12.70 4.11
C MET C 199 -21.00 12.98 3.08
N ASP C 200 -21.25 12.01 2.20
CA ASP C 200 -22.30 12.13 1.19
C ASP C 200 -23.69 12.16 1.82
N CYS C 201 -23.93 11.25 2.75
CA CYS C 201 -25.25 11.14 3.37
C CYS C 201 -25.55 12.34 4.27
N ALA C 202 -24.52 12.89 4.92
CA ALA C 202 -24.72 14.06 5.78
C ALA C 202 -25.07 15.28 4.94
N GLU C 203 -24.37 15.45 3.81
CA GLU C 203 -24.62 16.56 2.91
C GLU C 203 -26.06 16.59 2.43
N GLU C 204 -26.57 15.43 2.00
CA GLU C 204 -27.96 15.34 1.56
C GLU C 204 -28.90 15.55 2.74
N GLY C 205 -28.47 15.11 3.91
CA GLY C 205 -29.22 15.32 5.13
C GLY C 205 -29.37 16.79 5.48
N LYS C 206 -28.31 17.56 5.27
CA LYS C 206 -28.34 18.99 5.60
C LYS C 206 -29.35 19.73 4.72
N LYS C 207 -29.48 19.29 3.47
CA LYS C 207 -30.45 19.89 2.54
C LYS C 207 -31.88 19.56 2.96
N LEU C 208 -32.05 18.41 3.61
CA LEU C 208 -33.39 17.95 4.01
C LEU C 208 -33.70 18.28 5.47
N GLY C 209 -32.66 18.57 6.24
CA GLY C 209 -32.83 18.87 7.65
C GLY C 209 -32.98 17.64 8.52
N ILE C 210 -32.30 16.56 8.14
CA ILE C 210 -32.35 15.31 8.91
C ILE C 210 -30.94 14.77 9.18
N PRO C 211 -30.62 14.53 10.46
CA PRO C 211 -29.29 14.08 10.88
C PRO C 211 -28.95 12.66 10.45
N VAL C 212 -27.65 12.37 10.40
CA VAL C 212 -27.18 11.03 10.07
C VAL C 212 -26.20 10.51 11.12
N ILE C 213 -26.31 9.22 11.43
CA ILE C 213 -25.41 8.55 12.36
C ILE C 213 -24.26 7.87 11.62
N ALA C 214 -23.04 8.03 12.14
CA ALA C 214 -21.91 7.30 11.59
C ALA C 214 -21.73 5.98 12.35
N ASP C 215 -21.98 4.87 11.66
CA ASP C 215 -22.03 3.58 12.32
C ASP C 215 -20.98 2.59 11.82
N GLY C 216 -20.07 2.21 12.70
CA GLY C 216 -19.11 1.16 12.40
C GLY C 216 -17.82 1.65 11.78
N GLY C 217 -16.73 0.94 12.07
CA GLY C 217 -15.44 1.24 11.49
C GLY C 217 -14.64 2.26 12.28
N LEU C 218 -15.08 2.51 13.51
CA LEU C 218 -14.38 3.46 14.37
C LEU C 218 -13.50 2.71 15.36
N LYS C 219 -12.22 3.09 15.40
CA LYS C 219 -11.24 2.42 16.24
C LYS C 219 -10.68 3.36 17.29
N TYR C 220 -10.47 4.61 16.89
CA TYR C 220 -9.82 5.60 17.76
C TYR C 220 -10.70 6.81 17.98
N SER C 221 -10.40 7.58 19.02
CA SER C 221 -11.14 8.80 19.30
C SER C 221 -11.04 9.78 18.13
N GLY C 222 -9.88 9.82 17.49
CA GLY C 222 -9.68 10.69 16.34
C GLY C 222 -10.54 10.31 15.15
N ASP C 223 -10.94 9.04 15.06
CA ASP C 223 -11.80 8.59 13.98
C ASP C 223 -13.19 9.22 14.14
N ILE C 224 -13.61 9.37 15.39
CA ILE C 224 -14.90 9.98 15.69
C ILE C 224 -14.93 11.44 15.25
N VAL C 225 -13.82 12.15 15.45
CA VAL C 225 -13.73 13.55 15.12
C VAL C 225 -13.96 13.76 13.62
N LYS C 226 -13.36 12.89 12.82
CA LYS C 226 -13.53 12.95 11.37
C LYS C 226 -15.00 12.76 10.98
N ALA C 227 -15.63 11.76 11.58
CA ALA C 227 -17.05 11.50 11.36
C ALA C 227 -17.92 12.72 11.69
N LEU C 228 -17.67 13.33 12.84
CA LEU C 228 -18.41 14.51 13.26
C LEU C 228 -18.13 15.69 12.35
N ALA C 229 -16.89 15.80 11.88
CA ALA C 229 -16.50 16.88 10.98
C ALA C 229 -17.10 16.66 9.60
N ALA C 230 -17.35 15.40 9.26
CA ALA C 230 -17.96 15.06 7.97
C ALA C 230 -19.44 15.43 7.95
N GLY C 231 -20.02 15.63 9.13
CA GLY C 231 -21.41 16.05 9.22
C GLY C 231 -22.32 15.11 9.99
N ALA C 232 -21.78 14.01 10.48
CA ALA C 232 -22.58 13.08 11.27
C ALA C 232 -22.98 13.71 12.60
N CYS C 233 -24.16 13.36 13.09
CA CYS C 233 -24.66 13.92 14.34
C CYS C 233 -24.14 13.14 15.53
N ALA C 234 -23.90 11.85 15.32
CA ALA C 234 -23.39 10.99 16.39
C ALA C 234 -22.72 9.76 15.80
N ALA C 235 -21.99 9.03 16.65
CA ALA C 235 -21.24 7.87 16.22
C ALA C 235 -21.67 6.63 16.98
N MET C 236 -21.98 5.57 16.26
CA MET C 236 -22.36 4.32 16.88
C MET C 236 -21.20 3.33 16.81
N MET C 237 -20.84 2.76 17.96
CA MET C 237 -19.67 1.90 18.05
C MET C 237 -19.98 0.59 18.76
N GLY C 238 -19.41 -0.50 18.25
CA GLY C 238 -19.54 -1.80 18.89
C GLY C 238 -18.23 -2.25 19.50
N SER C 239 -17.20 -2.33 18.66
CA SER C 239 -15.86 -2.77 19.06
C SER C 239 -15.30 -2.04 20.30
N ILE C 240 -15.42 -0.72 20.32
CA ILE C 240 -14.84 0.09 21.38
C ILE C 240 -15.52 -0.16 22.73
N PHE C 241 -16.81 -0.47 22.69
CA PHE C 241 -17.61 -0.60 23.89
C PHE C 241 -17.74 -2.05 24.36
N ALA C 242 -17.61 -2.99 23.43
CA ALA C 242 -17.89 -4.40 23.69
C ALA C 242 -16.96 -5.04 24.72
N GLY C 243 -15.74 -4.51 24.83
CA GLY C 243 -14.78 -5.04 25.78
C GLY C 243 -14.97 -4.51 27.20
N CYS C 244 -15.96 -3.65 27.40
CA CYS C 244 -16.20 -3.07 28.71
C CYS C 244 -16.95 -4.04 29.62
N GLU C 245 -16.98 -3.72 30.91
CA GLU C 245 -17.60 -4.58 31.91
C GLU C 245 -19.12 -4.56 31.80
N GLU C 246 -19.68 -3.43 31.37
CA GLU C 246 -21.13 -3.27 31.29
C GLU C 246 -21.74 -3.99 30.08
N ALA C 247 -20.88 -4.55 29.22
CA ALA C 247 -21.34 -5.31 28.06
C ALA C 247 -21.70 -6.74 28.47
N PRO C 248 -22.63 -7.37 27.73
CA PRO C 248 -23.01 -8.77 28.00
C PRO C 248 -21.86 -9.75 27.78
N GLY C 249 -21.94 -10.92 28.41
CA GLY C 249 -20.94 -11.94 28.26
C GLY C 249 -19.89 -11.93 29.36
N ALA C 250 -19.50 -13.12 29.80
CA ALA C 250 -18.52 -13.24 30.88
C ALA C 250 -17.12 -12.84 30.43
N ILE C 251 -16.23 -12.64 31.40
CA ILE C 251 -14.85 -12.30 31.11
C ILE C 251 -13.99 -13.55 30.94
N GLU C 252 -13.74 -13.92 29.69
CA GLU C 252 -12.96 -15.12 29.37
C GLU C 252 -11.47 -14.89 29.57
N ILE C 253 -10.76 -15.94 29.98
CA ILE C 253 -9.32 -15.85 30.22
C ILE C 253 -8.55 -16.74 29.24
N TYR C 254 -7.42 -16.24 28.75
CA TYR C 254 -6.56 -17.00 27.85
C TYR C 254 -5.10 -16.56 27.99
N GLN C 255 -4.26 -17.47 28.49
CA GLN C 255 -2.84 -17.22 28.73
C GLN C 255 -2.59 -16.02 29.64
N GLY C 256 -3.28 -16.00 30.77
CA GLY C 256 -3.10 -14.93 31.75
C GLY C 256 -3.67 -13.60 31.31
N ARG C 257 -4.32 -13.57 30.16
CA ARG C 257 -4.90 -12.35 29.62
C ARG C 257 -6.42 -12.46 29.56
N SER C 258 -7.11 -11.46 30.09
CA SER C 258 -8.57 -11.49 30.16
C SER C 258 -9.23 -10.90 28.91
N TYR C 259 -10.24 -11.58 28.39
CA TYR C 259 -10.90 -11.17 27.15
C TYR C 259 -12.42 -11.14 27.28
N LYS C 260 -13.10 -10.64 26.24
CA LYS C 260 -14.55 -10.76 26.16
C LYS C 260 -14.97 -11.16 24.75
N VAL C 261 -16.13 -11.80 24.63
CA VAL C 261 -16.59 -12.29 23.34
C VAL C 261 -17.43 -11.24 22.63
N TYR C 262 -17.06 -10.97 21.37
CA TYR C 262 -17.73 -9.98 20.54
C TYR C 262 -18.01 -10.58 19.17
N ARG C 263 -19.28 -10.60 18.78
CA ARG C 263 -19.65 -11.19 17.50
C ARG C 263 -20.63 -10.32 16.74
N GLY C 264 -20.61 -10.45 15.42
CA GLY C 264 -21.51 -9.69 14.57
C GLY C 264 -22.90 -10.31 14.60
N MET C 265 -23.92 -9.49 14.38
CA MET C 265 -25.29 -9.98 14.42
C MET C 265 -25.62 -10.84 13.20
N GLY C 266 -24.75 -10.77 12.19
CA GLY C 266 -24.88 -11.61 11.01
C GLY C 266 -23.94 -12.79 11.02
N SER C 267 -23.42 -13.13 12.20
CA SER C 267 -22.54 -14.28 12.33
C SER C 267 -23.36 -15.56 12.51
N LEU C 268 -22.70 -16.70 12.37
CA LEU C 268 -23.38 -17.99 12.45
C LEU C 268 -23.96 -18.23 13.84
N GLY C 269 -23.21 -17.83 14.86
CA GLY C 269 -23.64 -18.00 16.24
C GLY C 269 -24.80 -17.11 16.64
N ALA C 270 -24.81 -15.89 16.12
CA ALA C 270 -25.85 -14.91 16.49
C ALA C 270 -27.18 -15.19 15.78
N MET C 271 -27.11 -15.70 14.55
CA MET C 271 -28.32 -16.03 13.80
C MET C 271 -29.14 -17.13 14.48
N ALA C 272 -28.46 -18.01 15.22
CA ALA C 272 -29.12 -19.11 15.92
C ALA C 272 -29.93 -18.62 17.11
N LYS C 286 -29.68 -24.26 7.14
CA LYS C 286 -28.38 -23.62 6.94
C LYS C 286 -28.55 -22.19 6.47
N PHE C 287 -27.60 -21.33 6.83
CA PHE C 287 -27.62 -19.93 6.41
C PHE C 287 -26.24 -19.45 5.98
N VAL C 288 -26.22 -18.36 5.22
CA VAL C 288 -24.97 -17.73 4.79
C VAL C 288 -24.72 -16.48 5.64
N PRO C 289 -23.66 -16.51 6.47
CA PRO C 289 -23.37 -15.41 7.38
C PRO C 289 -22.69 -14.21 6.73
N GLU C 290 -22.85 -13.04 7.32
CA GLU C 290 -22.20 -11.83 6.85
C GLU C 290 -21.52 -11.14 8.03
N GLY C 291 -20.93 -11.95 8.91
CA GLY C 291 -20.23 -11.47 10.09
C GLY C 291 -19.45 -12.59 10.74
N VAL C 292 -18.52 -12.24 11.61
CA VAL C 292 -17.68 -13.24 12.27
C VAL C 292 -17.73 -13.11 13.79
N GLU C 293 -17.43 -14.21 14.48
N GLU C 293 -17.38 -14.19 14.48
CA GLU C 293 -17.36 -14.21 15.94
CA GLU C 293 -17.37 -14.23 15.94
C GLU C 293 -15.92 -14.30 16.41
C GLU C 293 -15.94 -14.37 16.47
N GLY C 294 -15.56 -13.50 17.40
CA GLY C 294 -14.22 -13.52 17.95
C GLY C 294 -14.14 -13.07 19.40
N ARG C 295 -12.99 -12.53 19.77
CA ARG C 295 -12.77 -12.03 21.12
C ARG C 295 -11.92 -10.77 21.12
N ILE C 296 -12.17 -9.90 22.09
CA ILE C 296 -11.39 -8.67 22.24
C ILE C 296 -10.95 -8.51 23.68
N ALA C 297 -10.00 -7.60 23.91
CA ALA C 297 -9.45 -7.38 25.24
C ALA C 297 -10.47 -6.75 26.19
N TYR C 298 -10.36 -7.13 27.47
CA TYR C 298 -11.18 -6.53 28.52
C TYR C 298 -10.66 -5.12 28.84
N LYS C 299 -11.49 -4.11 28.59
CA LYS C 299 -11.06 -2.72 28.73
C LYS C 299 -11.41 -2.12 30.09
N GLY C 300 -12.04 -2.91 30.96
CA GLY C 300 -12.45 -2.41 32.26
C GLY C 300 -13.84 -1.79 32.24
N HIS C 301 -14.00 -0.65 32.91
CA HIS C 301 -15.29 0.02 32.98
C HIS C 301 -15.50 1.00 31.83
N LEU C 302 -16.77 1.23 31.49
CA LEU C 302 -17.14 2.13 30.40
C LEU C 302 -16.71 3.57 30.69
N ALA C 303 -16.76 3.96 31.96
CA ALA C 303 -16.42 5.32 32.37
C ALA C 303 -15.04 5.73 31.90
N ASP C 304 -14.07 4.81 32.00
CA ASP C 304 -12.70 5.11 31.61
C ASP C 304 -12.57 5.24 30.09
N THR C 305 -13.21 4.32 29.36
CA THR C 305 -13.23 4.34 27.91
C THR C 305 -13.85 5.63 27.36
N ILE C 306 -15.01 5.99 27.90
CA ILE C 306 -15.72 7.18 27.44
C ILE C 306 -14.89 8.44 27.70
N TYR C 307 -14.23 8.49 28.85
CA TYR C 307 -13.43 9.65 29.24
C TYR C 307 -12.32 9.93 28.23
N GLN C 308 -11.72 8.87 27.69
CA GLN C 308 -10.65 9.00 26.71
C GLN C 308 -11.20 9.47 25.35
N LEU C 309 -12.31 8.88 24.93
CA LEU C 309 -12.97 9.27 23.68
C LEU C 309 -13.38 10.74 23.70
N ILE C 310 -13.98 11.15 24.81
CA ILE C 310 -14.41 12.53 24.99
C ILE C 310 -13.22 13.48 24.96
N GLY C 311 -12.16 13.10 25.67
CA GLY C 311 -10.96 13.92 25.75
C GLY C 311 -10.30 14.08 24.40
N GLY C 312 -10.35 13.01 23.60
CA GLY C 312 -9.77 13.03 22.27
C GLY C 312 -10.52 13.95 21.33
N ILE C 313 -11.84 13.92 21.41
CA ILE C 313 -12.69 14.78 20.60
C ILE C 313 -12.55 16.25 21.00
N LYS C 314 -12.51 16.51 22.31
CA LYS C 314 -12.35 17.86 22.81
C LYS C 314 -11.04 18.44 22.32
N SER C 315 -10.02 17.59 22.23
CA SER C 315 -8.72 17.98 21.74
C SER C 315 -8.79 18.34 20.25
N GLY C 316 -9.44 17.48 19.47
CA GLY C 316 -9.64 17.73 18.06
C GLY C 316 -10.36 19.03 17.74
N MET C 317 -11.45 19.29 18.46
CA MET C 317 -12.22 20.51 18.26
C MET C 317 -11.41 21.76 18.59
N GLY C 318 -10.53 21.65 19.58
CA GLY C 318 -9.65 22.74 19.94
C GLY C 318 -8.62 23.02 18.84
N TYR C 319 -8.26 21.99 18.10
CA TYR C 319 -7.33 22.14 16.98
C TYR C 319 -7.99 22.90 15.82
N LEU C 320 -9.28 22.65 15.62
CA LEU C 320 -10.00 23.26 14.51
C LEU C 320 -10.78 24.49 14.93
N GLY C 321 -10.52 24.96 16.15
CA GLY C 321 -11.12 26.18 16.67
C GLY C 321 -12.64 26.12 16.66
N ALA C 322 -13.18 24.97 17.04
CA ALA C 322 -14.62 24.75 17.01
C ALA C 322 -15.18 24.55 18.41
N PRO C 323 -15.94 25.56 18.90
CA PRO C 323 -16.55 25.49 20.24
C PRO C 323 -17.76 24.56 20.29
N THR C 324 -18.40 24.34 19.15
CA THR C 324 -19.55 23.44 19.07
C THR C 324 -19.37 22.43 17.94
N LEU C 325 -20.21 21.41 17.91
CA LEU C 325 -20.13 20.39 16.87
C LEU C 325 -20.57 20.93 15.51
N GLU C 326 -21.55 21.83 15.51
CA GLU C 326 -21.99 22.43 14.24
C GLU C 326 -20.89 23.32 13.68
N ASN C 327 -20.17 23.99 14.57
CA ASN C 327 -19.05 24.82 14.18
C ASN C 327 -17.86 23.96 13.71
N LEU C 328 -17.85 22.70 14.12
CA LEU C 328 -16.80 21.78 13.73
C LEU C 328 -16.96 21.33 12.28
N TYR C 329 -18.19 21.08 11.88
CA TYR C 329 -18.49 20.66 10.52
C TYR C 329 -18.25 21.75 9.49
N GLU C 330 -18.52 22.99 9.87
CA GLU C 330 -18.48 24.12 8.94
C GLU C 330 -17.07 24.54 8.55
N ASN C 331 -16.14 24.56 9.49
CA ASN C 331 -14.78 24.98 9.17
C ASN C 331 -13.76 23.84 9.26
N ALA C 332 -14.17 22.65 8.82
CA ALA C 332 -13.29 21.50 8.79
C ALA C 332 -12.72 21.25 7.41
N ASN C 333 -11.40 21.15 7.31
CA ASN C 333 -10.73 20.89 6.04
C ASN C 333 -10.02 19.55 6.06
N PHE C 334 -10.39 18.68 5.11
CA PHE C 334 -9.77 17.37 4.99
C PHE C 334 -8.62 17.37 4.00
N VAL C 335 -7.60 16.57 4.28
CA VAL C 335 -6.51 16.33 3.34
C VAL C 335 -6.32 14.81 3.22
N VAL C 336 -5.88 14.34 2.05
CA VAL C 336 -5.69 12.91 1.83
C VAL C 336 -4.25 12.49 2.06
N GLN C 337 -4.06 11.42 2.83
CA GLN C 337 -2.72 10.89 3.07
C GLN C 337 -2.54 9.53 2.40
N THR C 338 -1.30 9.23 2.02
CA THR C 338 -0.97 7.97 1.39
C THR C 338 -0.68 6.90 2.45
N SER C 339 -0.19 5.74 2.01
CA SER C 339 0.20 4.66 2.92
C SER C 339 1.36 5.07 3.81
N ALA C 340 2.31 5.80 3.25
CA ALA C 340 3.46 6.29 4.00
C ALA C 340 3.03 7.29 5.06
N GLY C 341 2.03 8.10 4.72
CA GLY C 341 1.49 9.07 5.66
C GLY C 341 0.80 8.37 6.81
N PHE C 342 0.20 7.22 6.52
CA PHE C 342 -0.45 6.40 7.54
C PHE C 342 0.58 5.89 8.56
N ARG C 343 1.75 5.50 8.06
CA ARG C 343 2.82 5.04 8.93
C ARG C 343 3.36 6.17 9.81
N GLU C 344 3.40 7.37 9.25
CA GLU C 344 3.88 8.55 9.97
C GLU C 344 2.86 9.00 11.02
N SER C 345 1.58 8.82 10.72
CA SER C 345 0.49 9.24 11.61
C SER C 345 0.49 8.45 12.92
N HIS C 346 0.63 7.14 12.80
CA HIS C 346 0.81 6.28 13.95
C HIS C 346 2.24 6.41 14.48
N PRO C 347 2.46 6.03 15.75
CA PRO C 347 3.82 5.90 16.26
C PRO C 347 4.65 4.94 15.41
N HIS C 348 5.94 5.25 15.23
CA HIS C 348 6.81 4.43 14.40
C HIS C 348 8.23 4.36 14.95
N ASP C 349 8.91 3.25 14.67
CA ASP C 349 10.31 3.06 15.04
C ASP C 349 10.56 3.24 16.54
N ILE C 350 9.66 2.66 17.34
CA ILE C 350 9.83 2.69 18.79
C ILE C 350 9.09 1.51 19.44
N ASN C 351 9.75 0.87 20.39
CA ASN C 351 9.14 -0.22 21.15
C ASN C 351 8.34 0.32 22.34
N ILE C 352 7.03 0.45 22.15
CA ILE C 352 6.15 0.99 23.19
C ILE C 352 6.13 0.11 24.43
N THR C 353 6.62 0.65 25.54
CA THR C 353 6.73 -0.10 26.80
C THR C 353 5.49 0.06 27.67
N LYS C 354 5.22 1.29 28.12
CA LYS C 354 4.05 1.58 28.93
C LYS C 354 2.78 1.48 28.09
N GLU C 355 1.66 1.18 28.75
CA GLU C 355 0.37 1.10 28.07
C GLU C 355 -0.28 2.48 27.97
N ALA C 356 -0.84 2.77 26.79
CA ALA C 356 -1.53 4.04 26.57
C ALA C 356 -3.04 3.85 26.64
N PRO C 357 -3.72 4.69 27.45
CA PRO C 357 -5.16 4.61 27.68
C PRO C 357 -5.98 4.95 26.45
N ASN C 358 -5.36 5.57 25.44
CA ASN C 358 -6.08 5.90 24.21
C ASN C 358 -5.35 5.43 22.95
N TYR C 359 -4.48 4.44 23.08
CA TYR C 359 -3.80 3.88 21.92
C TYR C 359 -3.28 2.46 22.16
N SER C 360 -3.51 1.58 21.19
CA SER C 360 -2.98 0.23 21.25
C SER C 360 -3.05 -0.44 19.86
N ILE D 7 0.65 5.21 -17.07
CA ILE D 7 1.11 5.59 -18.39
C ILE D 7 -0.07 5.64 -19.36
N LEU D 8 -0.54 4.48 -19.80
CA LEU D 8 -1.75 4.39 -20.63
C LEU D 8 -2.98 4.67 -19.77
N LYS D 9 -3.11 3.88 -18.71
CA LYS D 9 -4.15 4.07 -17.70
C LYS D 9 -3.87 3.11 -16.57
N THR D 10 -4.47 3.33 -15.41
CA THR D 10 -4.34 2.38 -14.32
C THR D 10 -5.52 1.41 -14.34
N ALA D 11 -5.21 0.11 -14.34
CA ALA D 11 -6.25 -0.91 -14.37
C ALA D 11 -6.52 -1.43 -12.96
N TYR D 12 -7.71 -1.97 -12.72
CA TYR D 12 -8.07 -2.39 -11.37
C TYR D 12 -8.35 -3.89 -11.29
N THR D 13 -8.14 -4.45 -10.10
CA THR D 13 -8.55 -5.83 -9.83
C THR D 13 -9.73 -5.80 -8.87
N PHE D 14 -10.16 -6.97 -8.39
CA PHE D 14 -11.38 -7.06 -7.59
C PHE D 14 -11.27 -6.36 -6.24
N ASP D 15 -10.09 -6.40 -5.62
CA ASP D 15 -9.92 -5.80 -4.30
C ASP D 15 -9.83 -4.27 -4.34
N ASP D 16 -9.70 -3.73 -5.54
CA ASP D 16 -9.60 -2.28 -5.68
C ASP D 16 -10.97 -1.63 -5.71
N VAL D 17 -12.03 -2.46 -5.77
CA VAL D 17 -13.35 -1.95 -6.08
C VAL D 17 -14.46 -2.52 -5.19
N LEU D 18 -15.55 -1.76 -5.07
CA LEU D 18 -16.73 -2.16 -4.33
C LEU D 18 -17.99 -1.80 -5.10
N LEU D 19 -19.05 -2.58 -4.92
CA LEU D 19 -20.35 -2.27 -5.50
C LEU D 19 -21.16 -1.38 -4.57
N VAL D 20 -21.87 -0.41 -5.15
CA VAL D 20 -22.66 0.55 -4.38
C VAL D 20 -24.11 0.12 -4.29
N PRO D 21 -24.66 0.05 -3.06
CA PRO D 21 -26.03 -0.43 -2.85
C PRO D 21 -27.08 0.40 -3.59
N ASN D 22 -27.95 -0.27 -4.33
CA ASN D 22 -29.07 0.40 -4.98
C ASN D 22 -30.36 0.21 -4.20
N LYS D 23 -31.39 0.96 -4.56
CA LYS D 23 -32.71 0.75 -3.97
C LYS D 23 -33.24 -0.60 -4.39
N SER D 24 -33.60 -1.43 -3.42
CA SER D 24 -33.99 -2.81 -3.70
C SER D 24 -35.46 -3.10 -3.40
N GLU D 25 -36.12 -3.79 -4.32
CA GLU D 25 -37.48 -4.26 -4.09
C GLU D 25 -37.53 -5.78 -4.27
N VAL D 26 -36.40 -6.43 -3.98
CA VAL D 26 -36.26 -7.87 -4.17
C VAL D 26 -35.39 -8.48 -3.06
N LEU D 27 -35.91 -9.54 -2.44
CA LEU D 27 -35.20 -10.26 -1.40
C LEU D 27 -34.19 -11.20 -2.03
N PRO D 28 -33.06 -11.47 -1.32
CA PRO D 28 -32.01 -12.36 -1.85
C PRO D 28 -32.55 -13.71 -2.30
N ASN D 29 -33.57 -14.22 -1.62
CA ASN D 29 -34.18 -15.50 -1.99
C ASN D 29 -35.15 -15.38 -3.16
N GLU D 30 -35.24 -14.19 -3.74
CA GLU D 30 -36.14 -13.98 -4.87
C GLU D 30 -35.39 -13.79 -6.18
N VAL D 31 -34.06 -13.78 -6.12
CA VAL D 31 -33.26 -13.55 -7.32
C VAL D 31 -33.05 -14.86 -8.10
N SER D 32 -32.72 -14.72 -9.38
CA SER D 32 -32.47 -15.87 -10.23
C SER D 32 -31.06 -15.81 -10.82
N LEU D 33 -30.32 -16.91 -10.69
CA LEU D 33 -28.93 -16.94 -11.13
C LEU D 33 -28.75 -17.56 -12.51
N LYS D 34 -29.85 -17.71 -13.25
CA LYS D 34 -29.77 -18.26 -14.62
C LYS D 34 -28.90 -17.39 -15.52
N THR D 35 -28.10 -18.03 -16.34
CA THR D 35 -27.20 -17.31 -17.24
C THR D 35 -26.95 -18.09 -18.54
N GLN D 36 -26.55 -17.37 -19.57
CA GLN D 36 -26.29 -17.97 -20.87
C GLN D 36 -24.79 -18.08 -21.10
N LEU D 37 -24.26 -19.31 -21.06
CA LEU D 37 -22.83 -19.56 -21.27
C LEU D 37 -22.45 -19.30 -22.73
N THR D 38 -23.12 -20.01 -23.63
CA THR D 38 -23.07 -19.69 -25.05
C THR D 38 -24.50 -19.38 -25.45
N LYS D 39 -24.75 -19.13 -26.73
CA LYS D 39 -26.12 -18.83 -27.14
C LYS D 39 -27.00 -20.09 -27.16
N LYS D 40 -26.36 -21.26 -27.07
CA LYS D 40 -27.11 -22.53 -27.08
C LYS D 40 -27.02 -23.30 -25.77
N ILE D 41 -26.26 -22.80 -24.80
CA ILE D 41 -26.06 -23.50 -23.54
C ILE D 41 -26.35 -22.62 -22.32
N GLN D 42 -27.35 -23.00 -21.54
CA GLN D 42 -27.73 -22.23 -20.36
C GLN D 42 -27.41 -22.98 -19.07
N LEU D 43 -26.77 -22.28 -18.14
CA LEU D 43 -26.47 -22.83 -16.82
C LEU D 43 -27.44 -22.28 -15.79
N ASN D 44 -27.72 -23.06 -14.76
CA ASN D 44 -28.59 -22.60 -13.67
C ASN D 44 -27.86 -21.66 -12.72
N ILE D 45 -26.55 -21.89 -12.57
CA ILE D 45 -25.70 -21.01 -11.80
C ILE D 45 -24.49 -20.65 -12.65
N PRO D 46 -23.98 -19.43 -12.52
CA PRO D 46 -22.85 -18.97 -13.33
C PRO D 46 -21.49 -19.43 -12.81
N LEU D 47 -21.34 -20.72 -12.52
CA LEU D 47 -20.07 -21.22 -12.00
C LEU D 47 -19.47 -22.30 -12.91
N MET D 48 -18.16 -22.19 -13.15
CA MET D 48 -17.41 -23.17 -13.92
C MET D 48 -16.18 -23.64 -13.14
N SER D 49 -15.94 -24.94 -13.11
CA SER D 49 -14.72 -25.44 -12.48
C SER D 49 -13.58 -25.42 -13.50
N ALA D 50 -12.40 -24.98 -13.05
CA ALA D 50 -11.24 -24.83 -13.93
C ALA D 50 -10.85 -26.15 -14.60
N SER D 51 -10.22 -26.05 -15.77
CA SER D 51 -9.77 -27.25 -16.48
C SER D 51 -8.33 -27.58 -16.12
N MET D 52 -8.11 -28.12 -14.94
CA MET D 52 -6.78 -28.45 -14.47
C MET D 52 -6.75 -29.89 -13.95
N ASP D 53 -5.57 -30.51 -13.90
CA ASP D 53 -5.45 -31.91 -13.48
C ASP D 53 -5.64 -32.09 -11.97
N THR D 54 -5.86 -30.98 -11.28
N THR D 54 -5.85 -30.98 -11.27
CA THR D 54 -6.08 -30.98 -9.84
CA THR D 54 -6.07 -30.99 -9.83
C THR D 54 -7.57 -30.73 -9.56
C THR D 54 -7.42 -30.37 -9.46
N VAL D 55 -8.22 -30.02 -10.46
CA VAL D 55 -9.58 -29.53 -10.23
C VAL D 55 -10.68 -30.40 -10.83
N THR D 56 -10.65 -30.64 -12.14
CA THR D 56 -11.81 -31.21 -12.80
C THR D 56 -11.55 -32.49 -13.59
N GLU D 57 -12.10 -33.60 -13.11
CA GLU D 57 -12.21 -34.83 -13.88
C GLU D 57 -13.67 -35.25 -13.89
N SER D 58 -13.93 -36.56 -13.97
N SER D 58 -13.92 -36.56 -13.98
CA SER D 58 -15.30 -37.06 -14.01
CA SER D 58 -15.29 -37.08 -14.02
C SER D 58 -16.08 -36.72 -12.74
C SER D 58 -16.07 -36.72 -12.75
N LYS D 59 -15.46 -37.00 -11.59
CA LYS D 59 -16.10 -36.76 -10.30
C LYS D 59 -16.54 -35.30 -10.10
N MET D 60 -15.69 -34.36 -10.50
CA MET D 60 -15.98 -32.94 -10.32
C MET D 60 -17.00 -32.42 -11.34
N ALA D 61 -16.86 -32.87 -12.58
CA ALA D 61 -17.75 -32.43 -13.66
C ALA D 61 -19.20 -32.85 -13.39
N ILE D 62 -19.37 -34.06 -12.88
CA ILE D 62 -20.70 -34.59 -12.57
C ILE D 62 -21.34 -33.79 -11.44
N ALA D 63 -20.55 -33.51 -10.41
CA ALA D 63 -21.03 -32.74 -9.27
C ALA D 63 -21.42 -31.32 -9.66
N MET D 64 -20.59 -30.67 -10.48
CA MET D 64 -20.85 -29.30 -10.91
C MET D 64 -22.14 -29.20 -11.72
N ALA D 65 -22.31 -30.12 -12.67
CA ALA D 65 -23.47 -30.11 -13.54
C ALA D 65 -24.73 -30.37 -12.75
N ARG D 66 -24.61 -31.22 -11.72
CA ARG D 66 -25.71 -31.50 -10.82
C ARG D 66 -26.01 -30.29 -9.93
N GLU D 67 -25.06 -29.38 -9.83
CA GLU D 67 -25.23 -28.19 -9.02
C GLU D 67 -25.85 -27.04 -9.81
N GLY D 68 -25.86 -27.19 -11.13
CA GLY D 68 -26.43 -26.19 -12.00
C GLY D 68 -25.36 -25.48 -12.82
N GLY D 69 -24.11 -25.89 -12.62
CA GLY D 69 -22.99 -25.32 -13.34
C GLY D 69 -22.43 -26.27 -14.38
N ILE D 70 -21.14 -26.18 -14.64
CA ILE D 70 -20.48 -27.06 -15.60
C ILE D 70 -18.99 -27.19 -15.31
N GLY D 71 -18.44 -28.38 -15.57
CA GLY D 71 -17.02 -28.61 -15.38
C GLY D 71 -16.32 -28.87 -16.70
N ILE D 72 -15.10 -28.36 -16.82
CA ILE D 72 -14.32 -28.59 -18.03
C ILE D 72 -13.22 -29.63 -17.79
N ILE D 73 -13.38 -30.81 -18.38
CA ILE D 73 -12.38 -31.88 -18.28
C ILE D 73 -11.03 -31.41 -18.84
N HIS D 74 -9.97 -31.60 -18.06
CA HIS D 74 -8.65 -31.17 -18.46
C HIS D 74 -8.05 -32.10 -19.51
N LYS D 75 -7.09 -31.60 -20.28
CA LYS D 75 -6.51 -32.35 -21.39
C LYS D 75 -5.15 -32.93 -21.05
N ASN D 76 -4.80 -32.92 -19.77
CA ASN D 76 -3.52 -33.48 -19.33
C ASN D 76 -3.61 -35.00 -19.18
N MET D 77 -4.18 -35.63 -20.20
CA MET D 77 -4.34 -37.08 -20.25
C MET D 77 -4.37 -37.46 -21.72
N THR D 78 -4.37 -38.76 -22.02
CA THR D 78 -4.45 -39.18 -23.42
C THR D 78 -5.80 -38.82 -24.00
N ILE D 79 -5.87 -38.76 -25.32
CA ILE D 79 -7.12 -38.49 -26.03
C ILE D 79 -8.16 -39.55 -25.69
N GLU D 80 -7.73 -40.80 -25.59
CA GLU D 80 -8.63 -41.89 -25.25
C GLU D 80 -9.21 -41.72 -23.86
N ASP D 81 -8.35 -41.37 -22.89
CA ASP D 81 -8.78 -41.20 -21.51
C ASP D 81 -9.78 -40.06 -21.35
N GLN D 82 -9.51 -38.94 -22.02
CA GLN D 82 -10.37 -37.76 -21.93
C GLN D 82 -11.76 -38.04 -22.48
N ALA D 83 -11.82 -38.79 -23.58
CA ALA D 83 -13.11 -39.15 -24.18
C ALA D 83 -13.88 -40.07 -23.24
N ARG D 84 -13.16 -40.83 -22.43
CA ARG D 84 -13.78 -41.73 -21.46
C ARG D 84 -14.30 -40.94 -20.26
N GLU D 85 -13.59 -39.88 -19.88
CA GLU D 85 -14.02 -39.00 -18.80
C GLU D 85 -15.31 -38.29 -19.16
N VAL D 86 -15.35 -37.75 -20.38
CA VAL D 86 -16.55 -37.09 -20.89
C VAL D 86 -17.70 -38.07 -20.95
N ASP D 87 -17.41 -39.29 -21.37
CA ASP D 87 -18.42 -40.34 -21.47
C ASP D 87 -19.06 -40.63 -20.12
N ARG D 88 -18.25 -40.66 -19.07
CA ARG D 88 -18.75 -40.92 -17.72
C ARG D 88 -19.76 -39.87 -17.28
N VAL D 89 -19.49 -38.62 -17.63
CA VAL D 89 -20.38 -37.53 -17.27
C VAL D 89 -21.69 -37.63 -18.05
N LYS D 90 -21.60 -38.00 -19.33
CA LYS D 90 -22.78 -38.10 -20.18
C LYS D 90 -23.56 -39.37 -19.89
N ARG D 91 -22.89 -40.38 -19.35
CA ARG D 91 -23.52 -41.67 -19.06
C ARG D 91 -24.32 -41.66 -17.76
N SER D 92 -24.37 -40.50 -17.10
CA SER D 92 -25.14 -40.37 -15.86
C SER D 92 -26.17 -39.25 -15.97
N GLY D 93 -27.12 -39.41 -16.88
CA GLY D 93 -28.17 -38.42 -17.09
C GLY D 93 -27.75 -37.34 -18.06
N GLY D 94 -28.68 -36.44 -18.38
CA GLY D 94 -28.40 -35.34 -19.28
C GLY D 94 -27.57 -34.25 -18.62
N LEU D 95 -26.30 -34.56 -18.37
CA LEU D 95 -25.42 -33.64 -17.68
C LEU D 95 -24.54 -32.87 -18.65
N LEU D 96 -24.47 -31.56 -18.45
CA LEU D 96 -23.61 -30.70 -19.26
C LEU D 96 -22.15 -30.99 -18.96
N CYS D 97 -21.33 -31.08 -20.01
CA CYS D 97 -19.92 -31.39 -19.83
C CYS D 97 -19.05 -30.69 -20.88
N GLY D 98 -17.92 -30.15 -20.42
CA GLY D 98 -16.97 -29.53 -21.33
C GLY D 98 -15.64 -30.26 -21.34
N ALA D 99 -14.87 -30.07 -22.40
CA ALA D 99 -13.53 -30.67 -22.51
C ALA D 99 -12.48 -29.64 -22.91
N SER D 100 -11.24 -29.87 -22.53
CA SER D 100 -10.14 -28.97 -22.90
C SER D 100 -9.42 -29.42 -24.16
N ILE D 101 -9.19 -28.47 -25.06
CA ILE D 101 -8.43 -28.70 -26.29
C ILE D 101 -7.30 -27.68 -26.40
N GLY D 102 -6.11 -28.13 -26.81
CA GLY D 102 -4.99 -27.23 -26.99
C GLY D 102 -4.51 -27.17 -28.42
N VAL D 103 -3.80 -26.10 -28.77
CA VAL D 103 -3.23 -25.98 -30.10
C VAL D 103 -2.02 -26.91 -30.21
N THR D 104 -2.24 -28.08 -30.83
CA THR D 104 -1.20 -29.08 -31.02
C THR D 104 -1.23 -29.70 -32.41
N ASN D 105 -0.48 -30.77 -32.59
CA ASN D 105 -0.45 -31.51 -33.85
C ASN D 105 -1.63 -32.45 -34.00
N ASP D 106 -2.09 -33.02 -32.89
CA ASP D 106 -3.21 -33.94 -32.90
C ASP D 106 -4.48 -33.31 -32.31
N MET D 107 -4.64 -32.01 -32.54
CA MET D 107 -5.75 -31.25 -31.97
C MET D 107 -7.11 -31.67 -32.53
N MET D 108 -7.18 -31.96 -33.82
CA MET D 108 -8.45 -32.34 -34.45
C MET D 108 -8.85 -33.77 -34.06
N GLU D 109 -7.87 -34.66 -33.96
CA GLU D 109 -8.11 -36.02 -33.51
C GLU D 109 -8.70 -36.00 -32.10
N ARG D 110 -8.29 -35.02 -31.32
CA ARG D 110 -8.76 -34.88 -29.93
C ARG D 110 -10.18 -34.33 -29.89
N VAL D 111 -10.47 -33.39 -30.79
CA VAL D 111 -11.82 -32.87 -30.91
C VAL D 111 -12.75 -33.98 -31.39
N ASP D 112 -12.29 -34.73 -32.40
CA ASP D 112 -13.07 -35.83 -32.97
C ASP D 112 -13.52 -36.82 -31.90
N ALA D 113 -12.67 -37.08 -30.91
CA ALA D 113 -12.95 -38.07 -29.89
C ALA D 113 -14.00 -37.61 -28.87
N VAL D 114 -13.85 -36.39 -28.34
CA VAL D 114 -14.77 -35.90 -27.33
C VAL D 114 -16.12 -35.52 -27.92
N VAL D 115 -16.14 -35.15 -29.20
CA VAL D 115 -17.40 -34.87 -29.89
C VAL D 115 -18.20 -36.15 -30.06
N LYS D 116 -17.52 -37.24 -30.38
CA LYS D 116 -18.16 -38.55 -30.49
C LYS D 116 -18.60 -39.02 -29.10
N ALA D 117 -17.96 -38.48 -28.08
CA ALA D 117 -18.34 -38.74 -26.69
C ALA D 117 -19.49 -37.83 -26.27
N LYS D 118 -20.03 -37.08 -27.22
CA LYS D 118 -21.18 -36.21 -27.04
C LYS D 118 -20.92 -35.06 -26.05
N VAL D 119 -19.73 -34.46 -26.14
CA VAL D 119 -19.38 -33.31 -25.31
C VAL D 119 -20.23 -32.12 -25.74
N ASP D 120 -20.53 -31.22 -24.80
CA ASP D 120 -21.41 -30.10 -25.09
C ASP D 120 -20.64 -28.87 -25.53
N VAL D 121 -19.57 -28.56 -24.81
CA VAL D 121 -18.78 -27.38 -25.12
C VAL D 121 -17.29 -27.74 -25.15
N ILE D 122 -16.55 -27.03 -25.98
CA ILE D 122 -15.12 -27.23 -26.13
C ILE D 122 -14.38 -25.96 -25.73
N VAL D 123 -13.36 -26.11 -24.88
CA VAL D 123 -12.54 -24.98 -24.47
C VAL D 123 -11.16 -25.04 -25.12
N LEU D 124 -10.89 -24.08 -25.99
CA LEU D 124 -9.58 -23.96 -26.63
C LEU D 124 -8.74 -22.94 -25.87
N ASP D 125 -8.01 -23.40 -24.86
CA ASP D 125 -7.25 -22.49 -24.01
C ASP D 125 -5.73 -22.65 -24.17
N THR D 126 -5.09 -21.54 -24.52
CA THR D 126 -3.64 -21.45 -24.50
C THR D 126 -3.25 -20.30 -23.58
N ALA D 127 -1.96 -20.13 -23.35
CA ALA D 127 -1.48 -19.03 -22.52
C ALA D 127 -1.78 -17.70 -23.20
N HIS D 128 -1.75 -17.70 -24.54
CA HIS D 128 -2.01 -16.50 -25.31
C HIS D 128 -3.10 -16.76 -26.34
N GLY D 129 -4.34 -16.42 -25.99
CA GLY D 129 -5.48 -16.69 -26.84
C GLY D 129 -5.53 -15.84 -28.10
N HIS D 130 -4.99 -14.63 -28.01
CA HIS D 130 -5.01 -13.70 -29.14
C HIS D 130 -3.85 -13.97 -30.11
N SER D 131 -3.72 -15.23 -30.52
CA SER D 131 -2.59 -15.66 -31.35
C SER D 131 -3.06 -16.31 -32.65
N LYS D 132 -2.14 -16.46 -33.60
CA LYS D 132 -2.45 -17.08 -34.88
C LYS D 132 -2.93 -18.53 -34.70
N GLY D 133 -2.30 -19.24 -33.79
CA GLY D 133 -2.65 -20.63 -33.52
C GLY D 133 -4.09 -20.83 -33.08
N VAL D 134 -4.54 -20.01 -32.13
CA VAL D 134 -5.88 -20.13 -31.61
C VAL D 134 -6.93 -19.70 -32.63
N ILE D 135 -6.70 -18.56 -33.27
CA ILE D 135 -7.66 -18.01 -34.23
C ILE D 135 -7.87 -18.97 -35.41
N GLU D 136 -6.78 -19.45 -36.00
CA GLU D 136 -6.87 -20.40 -37.10
C GLU D 136 -7.41 -21.75 -36.62
N GLY D 137 -7.11 -22.08 -35.36
CA GLY D 137 -7.60 -23.31 -34.77
C GLY D 137 -9.11 -23.33 -34.63
N VAL D 138 -9.67 -22.20 -34.18
CA VAL D 138 -11.11 -22.05 -34.03
C VAL D 138 -11.83 -22.19 -35.37
N LYS D 139 -11.31 -21.53 -36.39
CA LYS D 139 -11.89 -21.61 -37.73
C LYS D 139 -11.85 -23.04 -38.26
N ARG D 140 -10.80 -23.77 -37.89
CA ARG D 140 -10.59 -25.13 -38.37
C ARG D 140 -11.57 -26.09 -37.70
N ILE D 141 -11.87 -25.84 -36.43
CA ILE D 141 -12.85 -26.63 -35.70
C ILE D 141 -14.27 -26.28 -36.15
N LYS D 142 -14.54 -24.98 -36.35
CA LYS D 142 -15.86 -24.53 -36.77
C LYS D 142 -16.18 -24.91 -38.22
N ALA D 143 -15.21 -25.46 -38.93
CA ALA D 143 -15.42 -25.87 -40.31
C ALA D 143 -15.91 -27.31 -40.40
N LYS D 144 -15.51 -28.13 -39.43
CA LYS D 144 -15.87 -29.55 -39.41
C LYS D 144 -17.09 -29.77 -38.51
N TYR D 145 -17.17 -29.00 -37.43
CA TYR D 145 -18.32 -29.04 -36.53
C TYR D 145 -18.85 -27.63 -36.30
N PRO D 146 -19.75 -27.17 -37.20
CA PRO D 146 -20.31 -25.82 -37.16
C PRO D 146 -21.22 -25.57 -35.96
N GLU D 147 -21.84 -26.62 -35.44
CA GLU D 147 -22.81 -26.48 -34.35
C GLU D 147 -22.15 -26.72 -33.00
N LEU D 148 -20.89 -27.14 -33.01
CA LEU D 148 -20.15 -27.36 -31.77
C LEU D 148 -19.84 -26.04 -31.10
N GLN D 149 -20.14 -25.96 -29.80
CA GLN D 149 -19.93 -24.74 -29.05
C GLN D 149 -18.46 -24.63 -28.66
N VAL D 150 -17.85 -23.48 -29.00
CA VAL D 150 -16.43 -23.31 -28.75
C VAL D 150 -16.14 -22.09 -27.86
N ILE D 151 -15.40 -22.33 -26.79
CA ILE D 151 -14.89 -21.26 -25.94
C ILE D 151 -13.39 -21.13 -26.15
N ALA D 152 -12.91 -19.92 -26.41
CA ALA D 152 -11.48 -19.72 -26.64
C ALA D 152 -10.89 -18.78 -25.60
N GLY D 153 -9.57 -18.87 -25.43
CA GLY D 153 -8.88 -18.06 -24.43
C GLY D 153 -7.42 -18.46 -24.26
N ASN D 154 -6.71 -17.73 -23.42
CA ASN D 154 -7.28 -16.59 -22.69
C ASN D 154 -6.86 -15.24 -23.25
N ILE D 155 -7.70 -14.24 -23.04
CA ILE D 155 -7.47 -12.89 -23.55
C ILE D 155 -7.66 -11.86 -22.46
N ALA D 156 -7.34 -10.60 -22.77
CA ALA D 156 -7.45 -9.52 -21.80
C ALA D 156 -7.79 -8.18 -22.46
N THR D 157 -7.95 -8.20 -23.78
CA THR D 157 -8.20 -6.95 -24.53
C THR D 157 -9.44 -7.04 -25.41
N PRO D 158 -10.14 -5.90 -25.59
CA PRO D 158 -11.32 -5.80 -26.45
C PRO D 158 -11.06 -6.25 -27.88
N GLU D 159 -9.87 -5.96 -28.40
CA GLU D 159 -9.51 -6.34 -29.76
C GLU D 159 -9.47 -7.86 -29.93
N ALA D 160 -8.98 -8.55 -28.91
CA ALA D 160 -8.95 -10.00 -28.92
C ALA D 160 -10.36 -10.60 -28.97
N VAL D 161 -11.31 -9.99 -28.27
CA VAL D 161 -12.70 -10.45 -28.30
C VAL D 161 -13.25 -10.42 -29.71
N ARG D 162 -12.94 -9.35 -30.45
CA ARG D 162 -13.45 -9.15 -31.80
C ARG D 162 -12.89 -10.15 -32.79
N ASP D 163 -11.58 -10.39 -32.72
CA ASP D 163 -10.91 -11.29 -33.64
C ASP D 163 -11.29 -12.75 -33.39
N LEU D 164 -11.54 -13.08 -32.12
CA LEU D 164 -12.00 -14.42 -31.78
C LEU D 164 -13.44 -14.63 -32.21
N ALA D 165 -14.25 -13.59 -32.13
CA ALA D 165 -15.62 -13.66 -32.60
C ALA D 165 -15.66 -13.83 -34.12
N GLU D 166 -14.76 -13.16 -34.82
CA GLU D 166 -14.69 -13.25 -36.27
C GLU D 166 -14.31 -14.65 -36.72
N ALA D 167 -13.46 -15.31 -35.92
CA ALA D 167 -13.02 -16.67 -36.19
C ALA D 167 -14.14 -17.68 -35.98
N GLY D 168 -15.17 -17.29 -35.23
CA GLY D 168 -16.32 -18.15 -35.02
C GLY D 168 -16.51 -18.69 -33.62
N ALA D 169 -15.82 -18.09 -32.65
CA ALA D 169 -15.96 -18.52 -31.26
C ALA D 169 -17.34 -18.15 -30.71
N ASP D 170 -17.89 -19.02 -29.85
CA ASP D 170 -19.19 -18.78 -29.24
C ASP D 170 -19.05 -18.09 -27.89
N CYS D 171 -17.85 -18.17 -27.33
CA CYS D 171 -17.57 -17.59 -26.03
C CYS D 171 -16.07 -17.40 -25.87
N VAL D 172 -15.68 -16.45 -25.03
CA VAL D 172 -14.27 -16.19 -24.80
C VAL D 172 -13.94 -16.23 -23.31
N LYS D 173 -12.79 -16.82 -22.96
CA LYS D 173 -12.30 -16.81 -21.59
C LYS D 173 -11.33 -15.66 -21.36
N VAL D 174 -11.58 -14.89 -20.30
CA VAL D 174 -10.77 -13.72 -19.99
C VAL D 174 -9.90 -13.92 -18.75
N GLY D 175 -8.60 -13.66 -18.88
CA GLY D 175 -7.69 -13.74 -17.76
C GLY D 175 -6.27 -14.10 -18.14
N ILE D 176 -5.38 -13.10 -18.08
CA ILE D 176 -3.95 -13.31 -18.26
C ILE D 176 -3.23 -12.88 -16.99
N GLY D 177 -2.89 -13.85 -16.14
CA GLY D 177 -2.18 -13.56 -14.90
C GLY D 177 -2.92 -13.53 -13.56
N PRO D 178 -4.27 -13.62 -13.56
CA PRO D 178 -4.85 -13.46 -12.22
C PRO D 178 -4.79 -14.70 -11.33
N GLY D 179 -4.63 -15.88 -11.92
CA GLY D 179 -4.69 -17.14 -11.21
C GLY D 179 -3.80 -17.22 -9.98
N SER D 180 -4.30 -17.88 -8.94
CA SER D 180 -3.59 -18.00 -7.68
C SER D 180 -2.27 -18.77 -7.83
N ILE D 181 -2.21 -19.64 -8.83
CA ILE D 181 -1.01 -20.43 -9.06
C ILE D 181 -0.16 -19.87 -10.21
N CYS D 182 -0.64 -18.77 -10.79
CA CYS D 182 -0.02 -18.17 -11.97
C CYS D 182 1.20 -17.30 -11.66
N THR D 183 2.22 -17.39 -12.51
CA THR D 183 3.38 -16.51 -12.41
C THR D 183 3.67 -15.83 -13.74
N THR D 184 2.69 -15.79 -14.64
CA THR D 184 2.87 -15.20 -15.96
C THR D 184 3.30 -13.74 -15.88
N ARG D 185 2.65 -12.98 -15.01
CA ARG D 185 2.94 -11.56 -14.86
C ARG D 185 4.33 -11.30 -14.28
N ILE D 186 4.91 -12.35 -13.72
CA ILE D 186 6.21 -12.23 -13.07
C ILE D 186 7.35 -12.63 -14.01
N VAL D 187 7.15 -13.70 -14.78
CA VAL D 187 8.20 -14.22 -15.63
C VAL D 187 8.17 -13.60 -17.03
N ALA D 188 7.01 -13.14 -17.46
CA ALA D 188 6.86 -12.49 -18.76
C ALA D 188 6.60 -10.98 -18.62
N GLY D 189 6.08 -10.58 -17.46
CA GLY D 189 5.76 -9.19 -17.21
C GLY D 189 4.50 -8.77 -17.95
N VAL D 190 3.71 -9.74 -18.35
CA VAL D 190 2.54 -9.49 -19.18
C VAL D 190 1.26 -9.82 -18.43
N GLY D 191 0.26 -8.96 -18.57
CA GLY D 191 -1.04 -9.20 -17.99
C GLY D 191 -1.85 -7.95 -17.74
N VAL D 192 -3.16 -8.14 -17.56
CA VAL D 192 -4.08 -7.06 -17.27
C VAL D 192 -4.91 -7.42 -16.02
N PRO D 193 -4.93 -6.52 -15.02
CA PRO D 193 -5.75 -6.73 -13.81
C PRO D 193 -7.18 -7.15 -14.17
N GLN D 194 -7.62 -8.25 -13.56
CA GLN D 194 -8.77 -9.00 -14.04
C GLN D 194 -10.07 -8.21 -14.13
N LEU D 195 -10.32 -7.34 -13.16
CA LEU D 195 -11.58 -6.59 -13.13
C LEU D 195 -11.69 -5.70 -14.35
N THR D 196 -10.69 -4.86 -14.57
CA THR D 196 -10.63 -4.03 -15.76
C THR D 196 -10.71 -4.87 -17.03
N ALA D 197 -9.97 -5.98 -17.04
CA ALA D 197 -9.96 -6.90 -18.18
C ALA D 197 -11.35 -7.46 -18.49
N VAL D 198 -12.11 -7.77 -17.44
CA VAL D 198 -13.48 -8.28 -17.62
C VAL D 198 -14.42 -7.19 -18.12
N MET D 199 -14.32 -5.99 -17.57
CA MET D 199 -15.18 -4.89 -18.01
C MET D 199 -14.92 -4.51 -19.46
N ASP D 200 -13.65 -4.46 -19.85
CA ASP D 200 -13.29 -4.03 -21.19
C ASP D 200 -13.69 -5.07 -22.23
N CYS D 201 -13.58 -6.34 -21.85
CA CYS D 201 -13.86 -7.44 -22.77
C CYS D 201 -15.35 -7.73 -22.87
N ALA D 202 -16.07 -7.60 -21.76
CA ALA D 202 -17.52 -7.82 -21.75
C ALA D 202 -18.25 -6.73 -22.55
N GLU D 203 -17.73 -5.50 -22.49
CA GLU D 203 -18.33 -4.39 -23.22
C GLU D 203 -18.29 -4.64 -24.72
N GLU D 204 -17.13 -5.07 -25.20
CA GLU D 204 -16.95 -5.40 -26.61
C GLU D 204 -17.71 -6.67 -26.95
N GLY D 205 -17.78 -7.59 -25.98
CA GLY D 205 -18.49 -8.84 -26.17
C GLY D 205 -19.98 -8.68 -26.35
N LYS D 206 -20.56 -7.74 -25.61
CA LYS D 206 -22.00 -7.47 -25.69
C LYS D 206 -22.32 -6.58 -26.88
N LYS D 207 -21.28 -6.06 -27.52
CA LYS D 207 -21.43 -5.24 -28.71
C LYS D 207 -21.42 -6.13 -29.96
N LEU D 208 -20.96 -7.37 -29.79
CA LEU D 208 -20.88 -8.31 -30.91
C LEU D 208 -21.77 -9.53 -30.71
N GLY D 209 -22.26 -9.72 -29.49
CA GLY D 209 -23.14 -10.84 -29.18
C GLY D 209 -22.39 -12.09 -28.75
N ILE D 210 -21.31 -11.89 -28.02
CA ILE D 210 -20.50 -13.02 -27.56
C ILE D 210 -20.12 -12.82 -26.10
N PRO D 211 -20.65 -13.69 -25.22
CA PRO D 211 -20.44 -13.57 -23.78
C PRO D 211 -19.00 -13.87 -23.36
N VAL D 212 -18.57 -13.33 -22.22
CA VAL D 212 -17.21 -13.54 -21.74
C VAL D 212 -17.19 -14.31 -20.43
N ILE D 213 -16.07 -14.95 -20.12
CA ILE D 213 -15.93 -15.68 -18.87
C ILE D 213 -14.78 -15.11 -18.05
N ALA D 214 -15.07 -14.81 -16.79
CA ALA D 214 -14.05 -14.36 -15.85
C ALA D 214 -13.30 -15.55 -15.28
N ASP D 215 -12.03 -15.69 -15.64
CA ASP D 215 -11.24 -16.86 -15.26
C ASP D 215 -10.05 -16.51 -14.38
N GLY D 216 -10.10 -16.91 -13.12
CA GLY D 216 -8.99 -16.74 -12.20
C GLY D 216 -9.07 -15.50 -11.33
N GLY D 217 -8.42 -15.57 -10.17
CA GLY D 217 -8.33 -14.43 -9.27
C GLY D 217 -9.44 -14.34 -8.25
N LEU D 218 -10.50 -15.11 -8.46
CA LEU D 218 -11.64 -15.11 -7.54
C LEU D 218 -11.32 -15.90 -6.28
N LYS D 219 -11.45 -15.24 -5.13
CA LYS D 219 -11.12 -15.85 -3.85
C LYS D 219 -12.35 -15.94 -2.94
N TYR D 220 -13.28 -15.00 -3.11
CA TYR D 220 -14.47 -14.91 -2.27
C TYR D 220 -15.73 -14.85 -3.12
N SER D 221 -16.89 -15.11 -2.51
CA SER D 221 -18.14 -15.03 -3.25
C SER D 221 -18.40 -13.61 -3.73
N GLY D 222 -18.06 -12.61 -2.92
CA GLY D 222 -18.25 -11.22 -3.29
C GLY D 222 -17.48 -10.82 -4.52
N ASP D 223 -16.34 -11.46 -4.74
CA ASP D 223 -15.52 -11.22 -5.92
C ASP D 223 -16.27 -11.63 -7.18
N ILE D 224 -17.01 -12.73 -7.09
CA ILE D 224 -17.86 -13.22 -8.17
C ILE D 224 -18.95 -12.21 -8.52
N VAL D 225 -19.54 -11.58 -7.51
CA VAL D 225 -20.58 -10.58 -7.75
C VAL D 225 -20.02 -9.39 -8.53
N LYS D 226 -18.79 -9.01 -8.22
CA LYS D 226 -18.12 -7.94 -8.95
C LYS D 226 -17.88 -8.35 -10.41
N ALA D 227 -17.50 -9.60 -10.63
CA ALA D 227 -17.27 -10.09 -11.98
C ALA D 227 -18.58 -10.15 -12.78
N LEU D 228 -19.65 -10.61 -12.15
CA LEU D 228 -20.94 -10.70 -12.82
C LEU D 228 -21.52 -9.33 -13.12
N ALA D 229 -21.26 -8.38 -12.22
CA ALA D 229 -21.73 -7.01 -12.40
C ALA D 229 -20.88 -6.26 -13.42
N ALA D 230 -19.73 -6.84 -13.78
CA ALA D 230 -18.85 -6.24 -14.78
C ALA D 230 -19.20 -6.74 -16.19
N GLY D 231 -20.17 -7.65 -16.27
CA GLY D 231 -20.65 -8.11 -17.56
C GLY D 231 -20.38 -9.57 -17.88
N ALA D 232 -19.59 -10.23 -17.04
CA ALA D 232 -19.22 -11.62 -17.29
C ALA D 232 -20.43 -12.54 -17.19
N CYS D 233 -20.55 -13.46 -18.15
CA CYS D 233 -21.67 -14.39 -18.19
C CYS D 233 -21.48 -15.52 -17.19
N ALA D 234 -20.22 -15.80 -16.86
CA ALA D 234 -19.89 -16.85 -15.90
C ALA D 234 -18.48 -16.66 -15.35
N ALA D 235 -18.16 -17.42 -14.31
CA ALA D 235 -16.89 -17.29 -13.60
C ALA D 235 -16.20 -18.65 -13.43
N MET D 236 -14.91 -18.69 -13.71
CA MET D 236 -14.15 -19.93 -13.59
C MET D 236 -13.21 -19.88 -12.39
N MET D 237 -13.28 -20.91 -11.56
CA MET D 237 -12.44 -20.98 -10.38
C MET D 237 -11.72 -22.33 -10.30
N GLY D 238 -10.48 -22.28 -9.83
CA GLY D 238 -9.72 -23.48 -9.56
C GLY D 238 -9.51 -23.64 -8.07
N SER D 239 -8.86 -22.64 -7.47
CA SER D 239 -8.50 -22.65 -6.06
C SER D 239 -9.68 -22.97 -5.12
N ILE D 240 -10.83 -22.34 -5.38
CA ILE D 240 -12.01 -22.52 -4.54
C ILE D 240 -12.51 -23.97 -4.56
N PHE D 241 -12.39 -24.62 -5.71
CA PHE D 241 -12.90 -25.99 -5.87
C PHE D 241 -11.85 -27.06 -5.67
N ALA D 242 -10.58 -26.66 -5.60
CA ALA D 242 -9.48 -27.62 -5.58
C ALA D 242 -9.44 -28.45 -4.29
N GLY D 243 -9.96 -27.88 -3.20
CA GLY D 243 -9.96 -28.55 -1.92
C GLY D 243 -11.13 -29.49 -1.73
N CYS D 244 -12.11 -29.37 -2.61
CA CYS D 244 -13.32 -30.19 -2.53
C CYS D 244 -13.01 -31.66 -2.79
N GLU D 245 -13.83 -32.53 -2.20
CA GLU D 245 -13.61 -33.97 -2.26
C GLU D 245 -13.79 -34.51 -3.68
N GLU D 246 -14.55 -33.79 -4.50
CA GLU D 246 -14.83 -34.19 -5.87
C GLU D 246 -13.65 -33.90 -6.80
N ALA D 247 -12.64 -33.21 -6.27
CA ALA D 247 -11.45 -32.87 -7.03
C ALA D 247 -10.41 -33.99 -6.96
N PRO D 248 -9.65 -34.18 -8.04
CA PRO D 248 -8.59 -35.20 -8.11
C PRO D 248 -7.55 -35.07 -6.99
N GLY D 249 -6.82 -36.15 -6.73
CA GLY D 249 -5.75 -36.13 -5.75
C GLY D 249 -6.16 -36.70 -4.41
N ALA D 250 -5.17 -37.18 -3.66
CA ALA D 250 -5.42 -37.76 -2.35
C ALA D 250 -5.40 -36.69 -1.26
N ILE D 251 -5.87 -37.05 -0.07
CA ILE D 251 -5.88 -36.14 1.06
C ILE D 251 -4.59 -36.27 1.86
N GLU D 252 -3.93 -35.15 2.11
CA GLU D 252 -2.69 -35.13 2.86
C GLU D 252 -2.91 -34.47 4.22
N ILE D 253 -2.38 -35.09 5.28
CA ILE D 253 -2.48 -34.50 6.62
C ILE D 253 -1.16 -33.90 7.04
N TYR D 254 -1.16 -32.60 7.29
CA TYR D 254 0.06 -31.87 7.61
C TYR D 254 -0.09 -31.10 8.92
N GLN D 255 0.52 -31.64 9.97
CA GLN D 255 0.44 -31.07 11.32
C GLN D 255 -1.00 -30.93 11.78
N GLY D 256 -1.74 -32.03 11.72
CA GLY D 256 -3.09 -32.07 12.26
C GLY D 256 -4.20 -31.68 11.30
N ARG D 257 -3.84 -30.94 10.24
CA ARG D 257 -4.85 -30.43 9.30
C ARG D 257 -4.88 -31.24 8.00
N SER D 258 -5.95 -31.11 7.24
CA SER D 258 -6.10 -31.84 5.98
C SER D 258 -5.89 -30.95 4.77
N TYR D 259 -5.17 -31.46 3.77
CA TYR D 259 -4.82 -30.68 2.59
C TYR D 259 -4.99 -31.46 1.29
N LYS D 260 -5.13 -30.72 0.19
CA LYS D 260 -5.14 -31.29 -1.15
C LYS D 260 -4.12 -30.55 -2.01
N VAL D 261 -3.46 -31.28 -2.89
CA VAL D 261 -2.45 -30.67 -3.76
C VAL D 261 -3.14 -29.76 -4.78
N TYR D 262 -2.44 -28.72 -5.24
CA TYR D 262 -2.98 -27.81 -6.24
C TYR D 262 -1.87 -27.10 -7.00
N ARG D 263 -1.84 -27.29 -8.31
CA ARG D 263 -0.74 -26.79 -9.14
C ARG D 263 -1.25 -26.25 -10.46
N GLY D 264 -0.52 -25.28 -11.02
CA GLY D 264 -0.89 -24.69 -12.30
C GLY D 264 -0.51 -25.59 -13.46
N MET D 265 -1.21 -25.42 -14.58
CA MET D 265 -0.94 -26.24 -15.76
C MET D 265 0.38 -25.86 -16.42
N GLY D 266 0.96 -24.75 -15.97
CA GLY D 266 2.24 -24.29 -16.47
C GLY D 266 3.34 -24.45 -15.44
N SER D 267 3.08 -25.25 -14.41
CA SER D 267 4.09 -25.58 -13.41
C SER D 267 4.98 -26.70 -13.91
N LEU D 268 6.06 -26.97 -13.18
CA LEU D 268 7.04 -27.97 -13.60
C LEU D 268 6.47 -29.39 -13.57
N GLY D 269 5.72 -29.71 -12.51
CA GLY D 269 5.16 -31.04 -12.37
C GLY D 269 4.11 -31.37 -13.42
N ALA D 270 3.29 -30.38 -13.76
CA ALA D 270 2.20 -30.57 -14.72
C ALA D 270 2.73 -30.75 -16.14
N MET D 271 3.88 -30.14 -16.43
CA MET D 271 4.47 -30.23 -17.76
C MET D 271 5.08 -31.60 -18.03
N ALA D 272 5.16 -32.43 -16.99
CA ALA D 272 5.72 -33.77 -17.14
C ALA D 272 4.64 -34.78 -17.53
N VAL D 288 10.14 -23.19 -20.02
CA VAL D 288 10.13 -22.27 -18.89
C VAL D 288 8.74 -22.19 -18.24
N PRO D 289 8.64 -22.58 -16.97
CA PRO D 289 7.35 -22.66 -16.27
C PRO D 289 6.71 -21.29 -16.04
N GLU D 290 5.38 -21.27 -16.04
CA GLU D 290 4.64 -20.02 -15.81
C GLU D 290 3.60 -20.25 -14.72
N GLY D 291 3.87 -21.22 -13.85
CA GLY D 291 2.98 -21.54 -12.74
C GLY D 291 3.74 -22.22 -11.61
N VAL D 292 3.09 -22.31 -10.45
CA VAL D 292 3.71 -22.93 -9.28
C VAL D 292 2.93 -24.15 -8.80
N GLU D 293 3.47 -24.81 -7.78
CA GLU D 293 2.91 -26.06 -7.27
C GLU D 293 2.87 -26.05 -5.75
N GLY D 294 1.69 -26.33 -5.19
CA GLY D 294 1.54 -26.33 -3.75
C GLY D 294 0.30 -27.07 -3.25
N ARG D 295 -0.13 -26.74 -2.05
CA ARG D 295 -1.29 -27.41 -1.44
C ARG D 295 -2.30 -26.41 -0.87
N ILE D 296 -3.56 -26.82 -0.86
CA ILE D 296 -4.61 -26.00 -0.23
C ILE D 296 -5.42 -26.83 0.77
N ALA D 297 -6.13 -26.15 1.66
CA ALA D 297 -6.90 -26.81 2.72
C ALA D 297 -8.08 -27.62 2.17
N TYR D 298 -8.32 -28.77 2.77
CA TYR D 298 -9.45 -29.62 2.41
C TYR D 298 -10.75 -28.95 2.82
N LYS D 299 -11.68 -28.83 1.89
CA LYS D 299 -12.90 -28.07 2.14
C LYS D 299 -14.10 -28.97 2.44
N GLY D 300 -14.07 -30.20 1.93
CA GLY D 300 -15.17 -31.12 2.10
C GLY D 300 -15.87 -31.38 0.79
N HIS D 301 -17.19 -31.53 0.83
CA HIS D 301 -17.95 -31.77 -0.39
C HIS D 301 -18.26 -30.46 -1.12
N LEU D 302 -18.32 -30.55 -2.45
CA LEU D 302 -18.57 -29.39 -3.31
C LEU D 302 -19.87 -28.68 -2.97
N ALA D 303 -20.91 -29.44 -2.66
CA ALA D 303 -22.24 -28.90 -2.36
C ALA D 303 -22.20 -27.79 -1.31
N ASP D 304 -21.36 -27.96 -0.29
CA ASP D 304 -21.27 -27.00 0.80
C ASP D 304 -20.54 -25.72 0.37
N THR D 305 -19.56 -25.88 -0.51
CA THR D 305 -18.86 -24.72 -1.06
C THR D 305 -19.80 -23.90 -1.93
N ILE D 306 -20.50 -24.57 -2.84
CA ILE D 306 -21.44 -23.92 -3.75
C ILE D 306 -22.54 -23.16 -3.01
N TYR D 307 -23.07 -23.78 -1.95
CA TYR D 307 -24.13 -23.16 -1.16
C TYR D 307 -23.72 -21.78 -0.64
N GLN D 308 -22.52 -21.69 -0.08
CA GLN D 308 -22.01 -20.42 0.43
C GLN D 308 -21.74 -19.42 -0.71
N LEU D 309 -21.30 -19.94 -1.85
CA LEU D 309 -21.07 -19.10 -3.02
C LEU D 309 -22.39 -18.57 -3.56
N ILE D 310 -23.34 -19.48 -3.79
CA ILE D 310 -24.67 -19.09 -4.24
C ILE D 310 -25.31 -18.07 -3.30
N GLY D 311 -25.30 -18.36 -2.00
CA GLY D 311 -25.91 -17.48 -1.01
C GLY D 311 -25.31 -16.09 -0.96
N GLY D 312 -23.99 -16.02 -1.13
CA GLY D 312 -23.29 -14.74 -1.14
C GLY D 312 -23.62 -13.90 -2.36
N ILE D 313 -23.78 -14.54 -3.51
CA ILE D 313 -24.09 -13.81 -4.75
C ILE D 313 -25.51 -13.27 -4.69
N LYS D 314 -26.44 -14.08 -4.21
CA LYS D 314 -27.83 -13.67 -4.08
C LYS D 314 -27.95 -12.51 -3.10
N SER D 315 -27.13 -12.56 -2.04
CA SER D 315 -27.11 -11.48 -1.07
C SER D 315 -26.65 -10.19 -1.74
N GLY D 316 -25.61 -10.29 -2.57
CA GLY D 316 -25.08 -9.15 -3.27
C GLY D 316 -26.09 -8.53 -4.22
N MET D 317 -26.80 -9.39 -4.95
CA MET D 317 -27.81 -8.92 -5.90
C MET D 317 -29.04 -8.37 -5.18
N GLY D 318 -29.20 -8.77 -3.92
CA GLY D 318 -30.24 -8.21 -3.09
C GLY D 318 -29.91 -6.76 -2.75
N TYR D 319 -28.63 -6.49 -2.50
CA TYR D 319 -28.18 -5.13 -2.20
C TYR D 319 -28.34 -4.18 -3.38
N LEU D 320 -28.31 -4.74 -4.59
CA LEU D 320 -28.36 -3.90 -5.79
C LEU D 320 -29.73 -3.91 -6.45
N GLY D 321 -30.69 -4.58 -5.81
CA GLY D 321 -32.05 -4.63 -6.30
C GLY D 321 -32.17 -5.39 -7.60
N ALA D 322 -31.25 -6.33 -7.84
CA ALA D 322 -31.22 -7.07 -9.09
C ALA D 322 -31.91 -8.43 -8.98
N PRO D 323 -33.00 -8.62 -9.74
CA PRO D 323 -33.70 -9.91 -9.78
C PRO D 323 -33.00 -10.93 -10.69
N THR D 324 -32.37 -10.46 -11.76
CA THR D 324 -31.63 -11.32 -12.69
C THR D 324 -30.21 -10.80 -12.87
N LEU D 325 -29.39 -11.57 -13.58
CA LEU D 325 -28.00 -11.19 -13.81
C LEU D 325 -27.87 -10.05 -14.82
N GLU D 326 -28.86 -9.93 -15.70
CA GLU D 326 -28.86 -8.84 -16.68
C GLU D 326 -29.19 -7.51 -16.02
N ASN D 327 -30.04 -7.54 -15.00
CA ASN D 327 -30.34 -6.33 -14.25
C ASN D 327 -29.18 -5.94 -13.35
N LEU D 328 -28.43 -6.94 -12.90
CA LEU D 328 -27.24 -6.68 -12.09
C LEU D 328 -26.26 -5.83 -12.88
N TYR D 329 -26.01 -6.23 -14.13
CA TYR D 329 -25.06 -5.54 -15.00
C TYR D 329 -25.52 -4.14 -15.40
N GLU D 330 -26.82 -3.99 -15.68
CA GLU D 330 -27.33 -2.73 -16.20
C GLU D 330 -27.40 -1.62 -15.14
N ASN D 331 -27.35 -2.00 -13.86
CA ASN D 331 -27.52 -1.04 -12.78
C ASN D 331 -26.44 -1.13 -11.70
N ALA D 332 -25.27 -1.62 -12.05
CA ALA D 332 -24.17 -1.71 -11.10
C ALA D 332 -23.29 -0.47 -11.15
N ASN D 333 -23.01 0.12 -9.98
CA ASN D 333 -22.04 1.20 -9.91
C ASN D 333 -20.85 0.81 -9.04
N PHE D 334 -19.66 1.01 -9.59
CA PHE D 334 -18.42 0.67 -8.90
C PHE D 334 -17.79 1.89 -8.26
N VAL D 335 -17.05 1.66 -7.18
CA VAL D 335 -16.29 2.69 -6.53
C VAL D 335 -14.91 2.13 -6.18
N VAL D 336 -13.88 2.96 -6.30
CA VAL D 336 -12.52 2.50 -6.02
C VAL D 336 -12.19 2.70 -4.54
N GLN D 337 -11.58 1.68 -3.93
CA GLN D 337 -11.13 1.78 -2.54
C GLN D 337 -9.61 1.74 -2.47
N THR D 338 -9.07 2.28 -1.38
CA THR D 338 -7.63 2.36 -1.19
C THR D 338 -7.14 1.21 -0.30
N SER D 339 -5.86 1.23 0.05
CA SER D 339 -5.30 0.21 0.93
C SER D 339 -5.99 0.24 2.30
N ALA D 340 -6.27 1.45 2.78
CA ALA D 340 -6.95 1.62 4.06
C ALA D 340 -8.39 1.12 3.98
N GLY D 341 -9.04 1.39 2.84
CA GLY D 341 -10.39 0.93 2.60
C GLY D 341 -10.47 -0.58 2.54
N PHE D 342 -9.41 -1.19 2.01
CA PHE D 342 -9.30 -2.64 1.94
C PHE D 342 -9.30 -3.26 3.35
N ARG D 343 -8.56 -2.64 4.26
CA ARG D 343 -8.50 -3.09 5.65
C ARG D 343 -9.85 -2.94 6.35
N GLU D 344 -10.62 -1.93 5.97
CA GLU D 344 -11.94 -1.68 6.53
C GLU D 344 -12.98 -2.71 6.07
N SER D 345 -12.84 -3.16 4.83
CA SER D 345 -13.79 -4.10 4.24
C SER D 345 -13.72 -5.46 4.92
N HIS D 346 -12.51 -5.97 5.08
CA HIS D 346 -12.28 -7.19 5.83
C HIS D 346 -12.52 -6.94 7.31
N PRO D 347 -12.85 -8.01 8.06
CA PRO D 347 -12.91 -7.84 9.52
C PRO D 347 -11.54 -7.40 10.07
N HIS D 348 -11.57 -6.53 11.06
CA HIS D 348 -10.34 -5.95 11.58
C HIS D 348 -10.43 -5.72 13.09
N ASP D 349 -9.27 -5.68 13.74
CA ASP D 349 -9.19 -5.45 15.19
C ASP D 349 -9.98 -6.48 15.98
N ILE D 350 -10.04 -7.70 15.46
CA ILE D 350 -10.80 -8.78 16.09
C ILE D 350 -10.01 -10.08 16.05
N ASN D 351 -10.04 -10.83 17.16
CA ASN D 351 -9.38 -12.12 17.23
C ASN D 351 -10.38 -13.25 16.99
N ILE D 352 -10.52 -13.67 15.73
CA ILE D 352 -11.52 -14.65 15.34
C ILE D 352 -11.32 -16.01 16.02
N THR D 353 -12.35 -16.46 16.73
CA THR D 353 -12.28 -17.72 17.47
C THR D 353 -13.08 -18.83 16.77
N LYS D 354 -14.16 -18.44 16.13
CA LYS D 354 -14.97 -19.38 15.34
C LYS D 354 -14.81 -19.07 13.86
N GLU D 355 -14.33 -20.04 13.09
CA GLU D 355 -14.16 -19.84 11.66
C GLU D 355 -15.49 -19.88 10.93
N ALA D 356 -15.65 -18.99 9.95
CA ALA D 356 -16.86 -18.91 9.15
C ALA D 356 -16.73 -19.73 7.88
N PRO D 357 -17.84 -20.31 7.41
CA PRO D 357 -17.82 -21.16 6.21
C PRO D 357 -17.57 -20.39 4.92
N ASN D 358 -17.77 -19.07 4.95
CA ASN D 358 -17.60 -18.26 3.74
C ASN D 358 -16.52 -17.17 3.88
N TYR D 359 -15.60 -17.37 4.82
CA TYR D 359 -14.48 -16.44 4.99
C TYR D 359 -13.27 -17.12 5.63
N SER D 360 -12.13 -17.05 4.94
CA SER D 360 -10.88 -17.64 5.38
C SER D 360 -11.00 -19.12 5.69
P IMP E . 10.68 12.65 16.10
O1P IMP E . 9.92 12.26 14.86
O2P IMP E . 11.07 11.54 17.05
O3P IMP E . 11.94 13.39 15.69
O5' IMP E . 9.74 13.63 16.93
C5' IMP E . 10.24 14.78 17.59
C4' IMP E . 9.21 15.89 17.64
O4' IMP E . 7.90 15.34 17.92
C3' IMP E . 9.42 16.94 18.70
O3' IMP E . 10.41 17.90 18.36
C2' IMP E . 8.01 17.54 18.85
O2' IMP E . 7.75 18.47 17.82
C1' IMP E . 7.13 16.30 18.63
N9 IMP E . 6.65 15.73 19.89
C8 IMP E . 7.38 15.51 21.03
N7 IMP E . 6.57 14.95 21.96
C5 IMP E . 5.33 14.81 21.43
C6 IMP E . 4.14 14.30 21.95
O6 IMP E . 4.10 13.79 23.06
N1 IMP E . 3.01 14.27 21.15
C2 IMP E . 3.08 14.76 19.86
N3 IMP E . 4.27 15.27 19.36
C4 IMP E . 5.37 15.29 20.13
O C91 F . -1.75 20.40 25.02
C13 C91 F . -2.00 19.40 24.37
N4 C91 F . -2.94 19.38 23.29
C4 C91 F . -3.75 20.47 22.77
C2 C91 F . -4.81 20.19 21.93
C5 C91 F . -5.61 21.23 21.40
C18 C91 F . -5.33 22.59 21.74
C25 C91 F . -6.16 23.67 21.20
C26 C91 F . -5.86 25.02 21.54
C27 C91 F . -4.79 25.31 22.39
C28 C91 F . -4.00 24.27 22.91
C16 C91 F . -4.29 22.87 22.56
C12 C91 F . -3.48 21.80 23.10
C17 C91 F . -1.30 18.15 24.69
N1 C91 F . -0.01 18.19 25.41
C6 C91 F . 1.23 18.12 24.88
C37 C91 F . 1.60 18.04 23.38
C38 C91 F . 2.68 18.78 22.91
C39 C91 F . 3.03 18.73 21.55
C40 C91 F . 2.27 17.93 20.69
C41 C91 F . 1.17 17.22 21.23
N42 C91 F . 0.86 17.28 22.53
N3 C91 F . 2.15 18.19 25.88
C11 C91 F . 1.48 18.27 27.10
C10 C91 F . 0.14 18.26 26.81
C1 C91 F . -0.82 18.34 27.86
C3 C91 F . -0.38 18.42 29.21
C14 C91 F . 1.00 18.43 29.51
C9 C91 F . 1.93 18.35 28.49
O C91 G . 30.92 8.71 -4.14
C13 C91 G . 29.84 8.28 -3.79
N4 C91 G . 28.62 9.00 -3.94
C4 C91 G . 28.45 10.32 -4.52
C2 C91 G . 27.39 11.11 -4.13
C5 C91 G . 27.20 12.40 -4.70
C18 C91 G . 28.12 12.88 -5.68
C25 C91 G . 27.94 14.19 -6.27
C26 C91 G . 28.85 14.66 -7.25
C27 C91 G . 29.93 13.87 -7.65
C28 C91 G . 30.11 12.60 -7.09
C16 C91 G . 29.17 12.10 -6.08
C12 C91 G . 29.35 10.79 -5.49
C17 C91 G . 29.79 6.94 -3.17
N1 C91 G . 30.67 5.88 -3.66
C6 C91 G . 30.36 4.85 -4.49
C37 C91 G . 28.99 4.57 -5.13
C38 C91 G . 28.98 4.09 -6.45
C39 C91 G . 27.75 3.83 -7.09
C40 C91 G . 26.57 4.07 -6.38
C41 C91 G . 26.66 4.55 -5.06
N42 C91 G . 27.84 4.79 -4.46
N3 C91 G . 31.46 4.10 -4.69
C11 C91 G . 32.54 4.63 -3.96
C10 C91 G . 32.03 5.74 -3.33
C1 C91 G . 32.88 6.53 -2.50
C3 C91 G . 34.25 6.18 -2.33
C14 C91 G . 34.76 5.03 -2.99
C9 C91 G . 33.93 4.26 -3.80
P IMP H . 20.98 -4.97 -8.68
O1P IMP H . 21.32 -5.83 -9.88
O2P IMP H . 21.06 -5.81 -7.43
O3P IMP H . 19.65 -4.31 -8.95
O5' IMP H . 22.06 -3.81 -8.53
C5' IMP H . 23.19 -3.72 -9.40
C4' IMP H . 23.54 -2.28 -9.71
O4' IMP H . 23.43 -1.47 -8.53
C3' IMP H . 24.96 -2.03 -10.18
O3' IMP H . 25.17 -2.36 -11.55
C2' IMP H . 25.16 -0.55 -9.88
O2' IMP H . 24.59 0.26 -10.90
C1' IMP H . 24.34 -0.39 -8.60
N9 IMP H . 25.20 -0.38 -7.41
C8 IMP H . 26.25 -1.22 -7.15
N7 IMP H . 26.77 -0.89 -5.94
C5 IMP H . 26.05 0.13 -5.42
C6 IMP H . 26.16 0.84 -4.23
O6 IMP H . 26.84 0.41 -3.31
N1 IMP H . 25.26 1.86 -3.98
C2 IMP H . 24.29 2.17 -4.90
N3 IMP H . 24.19 1.46 -6.08
C4 IMP H . 25.06 0.46 -6.34
O C91 I . 2.96 -21.88 -23.49
C13 C91 I . 3.19 -21.14 -22.56
N4 C91 I . 3.30 -19.71 -22.69
C4 C91 I . 3.18 -18.93 -23.89
C2 C91 I . 3.72 -17.66 -23.95
C5 C91 I . 3.61 -16.87 -25.13
C18 C91 I . 2.91 -17.38 -26.26
C25 C91 I . 2.78 -16.59 -27.48
C26 C91 I . 2.08 -17.13 -28.60
C27 C91 I . 1.53 -18.40 -28.55
C28 C91 I . 1.65 -19.17 -27.38
C16 C91 I . 2.37 -18.63 -26.21
C12 C91 I . 2.49 -19.43 -25.01
C17 C91 I . 3.36 -21.71 -21.22
N1 C91 I . 2.72 -23.02 -20.92
C6 C91 I . 1.57 -23.23 -20.26
C37 C91 I . 0.60 -22.18 -19.68
C38 C91 I . -0.78 -22.42 -19.73
C39 C91 I . -1.67 -21.47 -19.22
C40 C91 I . -1.16 -20.31 -18.65
C41 C91 I . 0.24 -20.13 -18.63
N42 C91 I . 1.08 -21.05 -19.13
N3 C91 I . 1.34 -24.57 -20.20
C11 C91 I . 2.40 -25.25 -20.83
C10 C91 I . 3.26 -24.27 -21.27
C1 C91 I . 4.45 -24.63 -21.97
C3 C91 I . 4.75 -26.00 -22.20
C14 C91 I . 3.86 -27.00 -21.74
C9 C91 I . 2.70 -26.65 -21.07
P IMP J . -17.77 -1.72 14.93
O1P IMP J . -16.81 -1.29 13.83
O2P IMP J . -17.29 -2.84 15.82
O3P IMP J . -18.05 -0.51 15.79
O5' IMP J . -19.09 -2.22 14.19
C5' IMP J . -20.37 -2.12 14.79
C4' IMP J . -21.46 -2.01 13.75
O4' IMP J . -21.31 -3.04 12.75
C3' IMP J . -22.89 -2.19 14.24
O3' IMP J . -23.42 -1.04 14.88
C2' IMP J . -23.63 -2.58 12.97
O2' IMP J . -23.94 -1.42 12.20
C1' IMP J . -22.58 -3.39 12.22
N9 IMP J . -22.77 -4.84 12.36
C8 IMP J . -23.09 -5.55 13.51
N7 IMP J . -23.16 -6.86 13.20
C5 IMP J . -22.90 -7.02 11.89
C6 IMP J . -22.84 -8.16 11.07
O6 IMP J . -22.75 -9.28 11.57
N1 IMP J . -22.55 -8.00 9.73
C2 IMP J . -22.31 -6.75 9.23
N3 IMP J . -22.36 -5.64 10.03
C4 IMP J . -22.66 -5.76 11.35
O C91 K . -29.99 -9.74 6.26
C13 C91 K . -28.92 -10.13 5.81
N4 C91 K . -28.48 -9.87 4.48
C4 C91 K . -29.17 -9.12 3.46
C2 C91 K . -28.47 -8.67 2.34
C5 C91 K . -29.13 -7.92 1.32
C18 C91 K . -30.53 -7.63 1.46
C25 C91 K . -31.21 -6.86 0.43
C26 C91 K . -32.60 -6.58 0.56
C27 C91 K . -33.30 -7.03 1.69
C28 C91 K . -32.65 -7.76 2.69
C16 C91 K . -31.21 -8.06 2.55
C12 C91 K . -30.53 -8.82 3.57
C17 C91 K . -28.05 -10.92 6.70
N1 C91 K . -28.36 -10.99 8.14
C6 C91 K . -27.95 -10.14 9.12
C37 C91 K . -27.10 -8.86 8.96
C38 C91 K . -27.35 -7.78 9.81
C39 C91 K . -26.60 -6.61 9.69
C40 C91 K . -25.61 -6.55 8.70
C41 C91 K . -25.40 -7.68 7.89
N42 C91 K . -26.14 -8.79 8.02
N3 C91 K . -28.46 -10.57 10.31
C11 C91 K . -29.20 -11.74 10.10
C10 C91 K . -29.13 -12.00 8.75
C1 C91 K . -29.78 -13.15 8.20
C3 C91 K . -30.51 -14.01 9.06
C14 C91 K . -30.58 -13.74 10.45
C9 C91 K . -29.94 -12.63 10.98
P IMP L . -7.57 -19.66 -9.70
O1P IMP L . -8.96 -20.24 -9.63
O2P IMP L . -6.69 -20.40 -8.72
O3P IMP L . -7.68 -18.16 -9.49
O5' IMP L . -6.93 -19.87 -11.14
C5' IMP L . -7.57 -20.69 -12.11
C4' IMP L . -7.19 -20.30 -13.52
O4' IMP L . -5.77 -20.01 -13.62
C3' IMP L . -7.40 -21.37 -14.59
O3' IMP L . -8.75 -21.49 -14.97
C2' IMP L . -6.47 -20.91 -15.71
O2' IMP L . -7.07 -19.89 -16.49
C1' IMP L . -5.31 -20.29 -14.92
N9 IMP L . -4.15 -21.20 -14.85
C8 IMP L . -4.14 -22.55 -14.60
N7 IMP L . -2.87 -22.99 -14.62
C5 IMP L . -2.05 -21.94 -14.88
C6 IMP L . -0.66 -21.84 -15.01
O6 IMP L . 0.06 -22.69 -14.51
N1 IMP L . -0.11 -20.61 -15.29
C2 IMP L . -0.93 -19.50 -15.43
N3 IMP L . -2.29 -19.61 -15.29
C4 IMP L . -2.84 -20.82 -15.02
#